data_5BKI
#
_entry.id   5BKI
#
_cell.length_a   1.00
_cell.length_b   1.00
_cell.length_c   1.00
_cell.angle_alpha   90.00
_cell.angle_beta   90.00
_cell.angle_gamma   90.00
#
_symmetry.space_group_name_H-M   'P 1'
#
loop_
_entity.id
_entity.type
_entity.pdbx_description
1 polymer 'Calcium-gated potassium channel MthK'
2 non-polymer 'CADMIUM ION'
3 non-polymer '(1R)-2-{[(S)-{[(2S)-2,3-dihydroxypropyl]oxy}(hydroxy)phosphoryl]oxy}-1-[(hexadecanoyloxy)methyl]ethyl (9Z)-octadec-9-enoate'
4 non-polymer 'POTASSIUM ION'
5 water water
#
_entity_poly.entity_id   1
_entity_poly.type   'polypeptide(L)'
_entity_poly.pdbx_seq_one_letter_code
;MVLVIEIIRKHLPRVLKVPATRILLLVLAVIIYGTAGFHFIEGESWTVSLYWTFVTIATVGYGDYSPSTPLGMYFTVTLI
VLGIGTFAVAVERLLEFLINREQMKLMGLIDVAKSRHVVICGWSESTLECLRELRGSEVFVLAEDENVRKKVLRSGANFV
HGDPTRVSDLEKANVRGARAVIVDLESDSETIHCILGIRKIDESVRIIAEAERYENIEQLRMAGADQVISPFVISGRLMS
RSIDDGYEAMFVQDVLAEESTRRMVEVPIPEGSKLEGVSVLDADIHDVTGVIIIGVGRGDELIIDPPRDYSFRAGDIILG
IGKPEEIERLKNYISA
;
_entity_poly.pdbx_strand_id   A,C,E,G,B,D,F,H
#
# COMPACT_ATOMS: atom_id res chain seq x y z
N ALA A 20 22.48 -8.90 -26.68
CA ALA A 20 21.45 -9.42 -27.58
C ALA A 20 22.08 -9.98 -28.84
N THR A 21 22.77 -9.13 -29.59
CA THR A 21 23.49 -9.54 -30.79
C THR A 21 24.99 -9.39 -30.65
N ARG A 22 25.48 -8.78 -29.57
CA ARG A 22 26.90 -8.81 -29.27
C ARG A 22 27.36 -10.21 -28.88
N ILE A 23 26.44 -11.05 -28.42
CA ILE A 23 26.75 -12.45 -28.13
C ILE A 23 27.05 -13.19 -29.41
N LEU A 24 26.33 -12.87 -30.49
CA LEU A 24 26.53 -13.55 -31.76
C LEU A 24 27.87 -13.18 -32.37
N LEU A 25 28.36 -11.97 -32.12
CA LEU A 25 29.68 -11.60 -32.59
C LEU A 25 30.77 -12.33 -31.81
N LEU A 26 30.63 -12.38 -30.49
CA LEU A 26 31.65 -13.00 -29.64
C LEU A 26 31.72 -14.50 -29.85
N VAL A 27 30.58 -15.14 -30.14
CA VAL A 27 30.60 -16.55 -30.53
C VAL A 27 31.31 -16.71 -31.86
N LEU A 28 31.04 -15.80 -32.80
CA LEU A 28 31.75 -15.79 -34.07
C LEU A 28 33.20 -15.35 -33.93
N ALA A 29 33.54 -14.68 -32.82
CA ALA A 29 34.93 -14.30 -32.60
C ALA A 29 35.79 -15.51 -32.26
N VAL A 30 35.31 -16.37 -31.37
CA VAL A 30 36.13 -17.50 -30.93
C VAL A 30 36.19 -18.61 -31.98
N ILE A 31 35.25 -18.66 -32.92
CA ILE A 31 35.41 -19.57 -34.04
C ILE A 31 36.48 -19.05 -34.98
N ILE A 32 36.60 -17.72 -35.09
CA ILE A 32 37.69 -17.16 -35.87
C ILE A 32 39.00 -17.22 -35.07
N TYR A 33 38.96 -17.08 -33.75
CA TYR A 33 40.25 -17.24 -33.07
C TYR A 33 40.76 -18.70 -33.15
N GLY A 34 39.86 -19.63 -32.85
CA GLY A 34 40.16 -21.05 -32.82
C GLY A 34 40.51 -21.76 -34.11
N THR A 35 39.74 -21.49 -35.16
CA THR A 35 39.99 -22.13 -36.45
C THR A 35 41.35 -21.69 -36.97
N ALA A 36 41.61 -20.39 -36.84
CA ALA A 36 42.87 -19.82 -37.28
C ALA A 36 44.00 -20.45 -36.49
N GLY A 37 43.81 -20.61 -35.18
CA GLY A 37 44.86 -21.23 -34.39
C GLY A 37 45.16 -22.67 -34.78
N PHE A 38 44.13 -23.48 -35.01
CA PHE A 38 44.33 -24.91 -35.35
C PHE A 38 44.99 -25.27 -36.70
N HIS A 39 44.58 -24.56 -37.75
CA HIS A 39 45.01 -24.76 -39.12
C HIS A 39 46.49 -24.42 -39.29
N PHE A 40 46.94 -23.33 -38.68
CA PHE A 40 48.28 -22.83 -38.95
C PHE A 40 49.32 -23.32 -37.95
N ILE A 41 48.94 -24.16 -36.99
CA ILE A 41 49.90 -24.80 -36.10
C ILE A 41 49.99 -26.31 -36.37
N GLU A 42 48.85 -26.98 -36.48
CA GLU A 42 48.86 -28.41 -36.77
C GLU A 42 49.02 -28.71 -38.24
N GLY A 43 48.81 -27.73 -39.11
CA GLY A 43 48.85 -27.99 -40.54
C GLY A 43 47.64 -28.74 -41.06
N GLU A 44 46.54 -28.73 -40.32
CA GLU A 44 45.37 -29.48 -40.72
C GLU A 44 44.55 -28.68 -41.74
N SER A 45 43.57 -29.35 -42.35
CA SER A 45 42.76 -28.75 -43.39
C SER A 45 41.83 -27.67 -42.83
N TRP A 46 41.19 -26.95 -43.73
CA TRP A 46 40.26 -25.92 -43.29
C TRP A 46 38.94 -26.52 -42.84
N THR A 47 38.51 -27.62 -43.45
CA THR A 47 37.30 -28.29 -43.02
C THR A 47 37.52 -29.13 -41.76
N VAL A 48 38.77 -29.47 -41.46
CA VAL A 48 39.06 -30.17 -40.21
C VAL A 48 39.15 -29.17 -39.08
N SER A 49 39.76 -28.01 -39.35
CA SER A 49 39.91 -26.99 -38.32
C SER A 49 38.58 -26.37 -37.93
N LEU A 50 37.63 -26.34 -38.84
CA LEU A 50 36.28 -25.91 -38.47
C LEU A 50 35.58 -26.97 -37.65
N TYR A 51 35.75 -28.23 -38.03
CA TYR A 51 35.08 -29.32 -37.33
C TYR A 51 35.64 -29.52 -35.94
N TRP A 52 36.93 -29.30 -35.75
CA TRP A 52 37.51 -29.51 -34.43
C TRP A 52 37.10 -28.43 -33.45
N THR A 53 36.91 -27.20 -33.93
CA THR A 53 36.55 -26.12 -33.03
C THR A 53 35.12 -26.26 -32.55
N PHE A 54 34.25 -26.84 -33.36
CA PHE A 54 32.85 -26.96 -32.96
C PHE A 54 32.62 -28.11 -32.00
N VAL A 55 33.50 -29.12 -31.98
CA VAL A 55 33.39 -30.18 -30.98
C VAL A 55 34.18 -29.87 -29.73
N THR A 56 34.85 -28.73 -29.67
CA THR A 56 35.64 -28.32 -28.52
C THR A 56 34.96 -27.22 -27.72
N ILE A 57 34.34 -26.25 -28.39
CA ILE A 57 33.55 -25.24 -27.70
C ILE A 57 32.32 -25.87 -27.08
N ALA A 58 31.72 -26.83 -27.76
CA ALA A 58 30.55 -27.52 -27.26
C ALA A 58 30.89 -28.62 -26.26
N THR A 59 32.17 -28.78 -25.92
CA THR A 59 32.68 -29.78 -24.98
C THR A 59 32.30 -31.20 -25.38
N VAL A 60 32.19 -31.48 -26.67
CA VAL A 60 32.01 -32.87 -27.11
C VAL A 60 33.33 -33.60 -27.10
N GLY A 61 34.27 -33.16 -27.92
CA GLY A 61 35.63 -33.65 -27.85
C GLY A 61 35.84 -35.10 -28.21
N TYR A 62 35.70 -35.44 -29.49
CA TYR A 62 35.87 -36.83 -29.92
C TYR A 62 37.30 -37.32 -29.70
N GLY A 63 38.27 -36.45 -29.91
CA GLY A 63 39.65 -36.84 -29.71
C GLY A 63 40.27 -37.58 -30.87
N ASP A 64 39.73 -37.40 -32.07
CA ASP A 64 40.39 -37.92 -33.27
C ASP A 64 41.41 -36.96 -33.84
N TYR A 65 41.32 -35.68 -33.48
CA TYR A 65 42.16 -34.62 -34.02
C TYR A 65 42.71 -33.76 -32.89
N SER A 66 43.26 -34.41 -31.89
CA SER A 66 43.86 -33.76 -30.75
C SER A 66 45.19 -33.11 -31.15
N PRO A 67 45.61 -32.04 -30.44
CA PRO A 67 46.86 -31.38 -30.80
C PRO A 67 48.10 -31.85 -30.02
N SER A 68 49.02 -32.50 -30.73
CA SER A 68 50.28 -33.02 -30.16
C SER A 68 51.33 -32.02 -29.66
N THR A 69 51.55 -30.95 -30.41
CA THR A 69 52.59 -29.96 -30.06
C THR A 69 52.35 -29.21 -28.75
N PRO A 70 53.42 -28.96 -27.99
CA PRO A 70 53.22 -28.24 -26.72
C PRO A 70 52.80 -26.79 -26.90
N LEU A 71 53.12 -26.17 -28.04
CA LEU A 71 52.46 -24.91 -28.37
C LEU A 71 50.99 -25.13 -28.65
N GLY A 72 50.64 -26.21 -29.34
CA GLY A 72 49.24 -26.49 -29.63
C GLY A 72 48.44 -26.88 -28.40
N MET A 73 49.09 -27.51 -27.43
CA MET A 73 48.41 -27.82 -26.19
C MET A 73 48.15 -26.56 -25.37
N TYR A 74 49.03 -25.57 -25.46
CA TYR A 74 48.77 -24.30 -24.80
C TYR A 74 47.73 -23.48 -25.55
N PHE A 75 47.49 -23.79 -26.82
CA PHE A 75 46.48 -23.05 -27.57
C PHE A 75 45.08 -23.47 -27.16
N THR A 76 44.89 -24.78 -27.01
CA THR A 76 43.60 -25.37 -26.67
C THR A 76 43.09 -24.89 -25.32
N VAL A 77 43.98 -24.71 -24.37
CA VAL A 77 43.60 -24.22 -23.05
C VAL A 77 42.97 -22.83 -23.17
N THR A 78 43.57 -21.98 -24.00
CA THR A 78 43.03 -20.65 -24.23
C THR A 78 41.65 -20.76 -24.88
N LEU A 79 41.49 -21.70 -25.81
CA LEU A 79 40.20 -21.85 -26.48
C LEU A 79 39.14 -22.39 -25.53
N ILE A 80 39.56 -23.19 -24.55
CA ILE A 80 38.62 -23.78 -23.61
C ILE A 80 38.12 -22.72 -22.63
N VAL A 81 39.01 -21.84 -22.15
CA VAL A 81 38.60 -20.75 -21.28
C VAL A 81 37.72 -19.76 -22.02
N LEU A 82 38.00 -19.53 -23.30
CA LEU A 82 37.07 -18.74 -24.11
C LEU A 82 35.80 -19.51 -24.43
N GLY A 83 35.80 -20.83 -24.28
CA GLY A 83 34.58 -21.60 -24.41
C GLY A 83 33.68 -21.42 -23.21
N ILE A 84 34.25 -21.52 -22.01
CA ILE A 84 33.50 -21.25 -20.79
C ILE A 84 33.28 -19.76 -20.61
N GLY A 85 34.08 -18.92 -21.27
CA GLY A 85 33.86 -17.48 -21.20
C GLY A 85 32.58 -17.06 -21.87
N THR A 86 32.39 -17.46 -23.13
CA THR A 86 31.19 -17.05 -23.85
C THR A 86 29.96 -17.83 -23.42
N PHE A 87 30.13 -19.02 -22.84
CA PHE A 87 28.98 -19.68 -22.22
C PHE A 87 28.65 -19.14 -20.84
N ALA A 88 29.40 -18.16 -20.35
CA ALA A 88 29.06 -17.45 -19.13
C ALA A 88 28.55 -16.05 -19.37
N VAL A 89 28.76 -15.50 -20.58
CA VAL A 89 28.11 -14.26 -20.97
C VAL A 89 26.77 -14.54 -21.64
N ALA A 90 26.63 -15.66 -22.32
CA ALA A 90 25.34 -16.02 -22.91
C ALA A 90 24.34 -16.50 -21.87
N VAL A 91 24.81 -17.09 -20.77
CA VAL A 91 23.88 -17.52 -19.73
C VAL A 91 23.39 -16.32 -18.92
N GLU A 92 24.29 -15.39 -18.61
CA GLU A 92 23.88 -14.22 -17.84
C GLU A 92 23.05 -13.25 -18.67
N ARG A 93 23.12 -13.32 -19.98
CA ARG A 93 22.23 -12.50 -20.80
C ARG A 93 20.87 -13.15 -20.96
N LEU A 94 20.82 -14.48 -21.00
CA LEU A 94 19.53 -15.18 -20.99
C LEU A 94 18.81 -15.00 -19.67
N LEU A 95 19.53 -15.15 -18.56
CA LEU A 95 18.88 -15.04 -17.26
C LEU A 95 18.57 -13.60 -16.88
N GLU A 96 19.25 -12.62 -17.49
CA GLU A 96 18.81 -11.24 -17.33
C GLU A 96 17.57 -10.98 -18.16
N PHE A 97 17.41 -11.71 -19.27
CA PHE A 97 16.23 -11.58 -20.10
C PHE A 97 15.02 -12.26 -19.48
N LEU A 98 15.22 -13.40 -18.83
CA LEU A 98 14.08 -14.15 -18.31
C LEU A 98 13.56 -13.61 -16.99
N ILE A 99 14.44 -13.14 -16.11
CA ILE A 99 13.96 -12.58 -14.85
C ILE A 99 13.27 -11.25 -15.10
N ASN A 100 13.75 -10.49 -16.07
CA ASN A 100 13.11 -9.22 -16.39
C ASN A 100 11.80 -9.41 -17.11
N ARG A 101 11.70 -10.42 -17.98
CA ARG A 101 10.46 -10.62 -18.72
C ARG A 101 9.38 -11.21 -17.85
N GLU A 102 9.73 -12.10 -16.92
CA GLU A 102 8.72 -12.65 -16.04
C GLU A 102 8.32 -11.71 -14.93
N GLN A 103 9.06 -10.61 -14.73
CA GLN A 103 8.67 -9.60 -13.76
C GLN A 103 7.74 -8.57 -14.38
N MET A 104 7.98 -8.18 -15.63
CA MET A 104 7.08 -7.27 -16.30
C MET A 104 5.75 -7.95 -16.63
N LYS A 105 5.79 -9.23 -17.00
CA LYS A 105 4.58 -9.97 -17.30
C LYS A 105 3.74 -10.21 -16.05
N LEU A 106 4.37 -10.24 -14.89
CA LEU A 106 3.66 -10.54 -13.66
C LEU A 106 2.82 -9.37 -13.19
N MET A 107 3.38 -8.16 -13.20
CA MET A 107 2.69 -7.00 -12.66
C MET A 107 2.00 -6.18 -13.73
N GLY A 108 1.47 -6.81 -14.75
CA GLY A 108 0.78 -6.10 -15.82
C GLY A 108 1.74 -5.84 -16.97
N LEU A 109 2.01 -4.55 -17.24
CA LEU A 109 3.22 -4.03 -17.91
C LEU A 109 3.60 -4.74 -19.20
N ILE A 110 2.62 -5.24 -19.93
CA ILE A 110 2.87 -6.03 -21.13
C ILE A 110 1.83 -5.63 -22.17
N ASP A 111 2.15 -5.89 -23.44
CA ASP A 111 1.29 -5.50 -24.54
C ASP A 111 0.49 -6.70 -25.03
N VAL A 112 -0.79 -6.49 -25.23
CA VAL A 112 -1.66 -7.54 -25.76
C VAL A 112 -1.41 -7.66 -27.25
N ALA A 113 -1.21 -8.89 -27.73
CA ALA A 113 -0.94 -9.14 -29.14
C ALA A 113 -2.05 -9.90 -29.83
N LYS A 114 -3.09 -10.34 -29.11
CA LYS A 114 -4.15 -11.14 -29.68
C LYS A 114 -5.05 -10.29 -30.58
N SER A 115 -5.97 -10.95 -31.27
CA SER A 115 -6.75 -10.26 -32.29
C SER A 115 -8.22 -10.61 -32.31
N ARG A 116 -8.71 -11.42 -31.38
CA ARG A 116 -10.14 -11.65 -31.28
C ARG A 116 -10.56 -11.74 -29.81
N HIS A 117 -9.84 -11.02 -28.97
CA HIS A 117 -9.98 -11.07 -27.52
C HIS A 117 -11.09 -10.13 -27.06
N VAL A 118 -11.40 -10.21 -25.77
CA VAL A 118 -12.40 -9.36 -25.12
C VAL A 118 -11.70 -8.56 -24.04
N VAL A 119 -11.80 -7.24 -24.11
CA VAL A 119 -11.15 -6.36 -23.15
C VAL A 119 -12.19 -5.87 -22.15
N ILE A 120 -11.87 -5.95 -20.87
CA ILE A 120 -12.77 -5.53 -19.80
C ILE A 120 -12.12 -4.38 -19.07
N CYS A 121 -12.66 -3.18 -19.23
CA CYS A 121 -12.13 -1.99 -18.57
C CYS A 121 -12.82 -1.86 -17.21
N GLY A 122 -12.06 -2.00 -16.14
CA GLY A 122 -12.62 -2.00 -14.81
C GLY A 122 -12.93 -3.40 -14.33
N TRP A 123 -13.35 -3.50 -13.08
CA TRP A 123 -13.56 -4.79 -12.45
C TRP A 123 -14.53 -4.64 -11.29
N SER A 124 -15.62 -5.37 -11.34
CA SER A 124 -16.60 -5.37 -10.27
C SER A 124 -17.26 -6.73 -10.23
N GLU A 125 -18.40 -6.83 -9.55
CA GLU A 125 -19.11 -8.10 -9.52
C GLU A 125 -19.84 -8.38 -10.82
N SER A 126 -20.21 -7.33 -11.55
CA SER A 126 -20.92 -7.57 -12.81
C SER A 126 -19.99 -8.05 -13.90
N THR A 127 -18.69 -7.75 -13.81
CA THR A 127 -17.75 -8.31 -14.76
C THR A 127 -17.20 -9.66 -14.31
N LEU A 128 -17.24 -9.95 -13.01
CA LEU A 128 -16.91 -11.28 -12.55
C LEU A 128 -17.98 -12.27 -12.95
N GLU A 129 -19.23 -11.82 -13.03
CA GLU A 129 -20.33 -12.68 -13.44
C GLU A 129 -20.34 -12.94 -14.94
N CYS A 130 -19.68 -12.11 -15.75
CA CYS A 130 -19.61 -12.39 -17.17
C CYS A 130 -18.32 -13.09 -17.55
N LEU A 131 -17.49 -13.45 -16.57
CA LEU A 131 -16.37 -14.34 -16.82
C LEU A 131 -16.73 -15.81 -16.67
N ARG A 132 -17.84 -16.10 -16.00
CA ARG A 132 -18.29 -17.46 -15.87
C ARG A 132 -19.07 -17.94 -17.09
N GLU A 133 -19.28 -17.07 -18.07
CA GLU A 133 -19.85 -17.45 -19.35
C GLU A 133 -18.93 -17.14 -20.52
N LEU A 134 -17.66 -16.86 -20.26
CA LEU A 134 -16.66 -16.61 -21.29
C LEU A 134 -15.44 -17.48 -21.03
N ARG A 135 -14.52 -17.48 -21.97
CA ARG A 135 -13.27 -18.21 -21.82
C ARG A 135 -12.32 -17.44 -20.90
N GLY A 136 -11.20 -18.06 -20.59
CA GLY A 136 -10.24 -17.41 -19.71
C GLY A 136 -9.16 -16.64 -20.44
N SER A 137 -8.48 -17.30 -21.37
CA SER A 137 -7.35 -16.70 -22.07
C SER A 137 -7.79 -15.75 -23.17
N GLU A 138 -9.09 -15.66 -23.43
CA GLU A 138 -9.64 -14.71 -24.38
C GLU A 138 -9.90 -13.34 -23.76
N VAL A 139 -9.85 -13.24 -22.43
CA VAL A 139 -10.28 -12.05 -21.71
C VAL A 139 -9.07 -11.35 -21.13
N PHE A 140 -8.98 -10.03 -21.34
CA PHE A 140 -7.93 -9.19 -20.80
C PHE A 140 -8.59 -8.10 -19.96
N VAL A 141 -8.19 -7.98 -18.71
CA VAL A 141 -8.75 -6.98 -17.80
C VAL A 141 -7.75 -5.85 -17.66
N LEU A 142 -8.16 -4.65 -18.06
CA LEU A 142 -7.31 -3.47 -18.03
C LEU A 142 -7.71 -2.63 -16.83
N ALA A 143 -6.89 -2.65 -15.79
CA ALA A 143 -7.16 -1.87 -14.60
C ALA A 143 -5.84 -1.33 -14.07
N GLU A 144 -5.91 -0.66 -12.94
CA GLU A 144 -4.74 0.02 -12.39
C GLU A 144 -4.50 -0.28 -10.92
N ASP A 145 -5.50 -0.76 -10.20
CA ASP A 145 -5.37 -1.09 -8.78
C ASP A 145 -4.48 -2.32 -8.61
N GLU A 146 -3.96 -2.46 -7.40
CA GLU A 146 -3.05 -3.54 -7.06
C GLU A 146 -3.77 -4.75 -6.48
N ASN A 147 -4.96 -4.54 -5.92
CA ASN A 147 -5.75 -5.64 -5.40
C ASN A 147 -6.56 -6.32 -6.49
N VAL A 148 -6.87 -5.58 -7.56
CA VAL A 148 -7.56 -6.13 -8.71
C VAL A 148 -6.68 -7.12 -9.45
N ARG A 149 -5.35 -6.95 -9.37
CA ARG A 149 -4.43 -7.84 -10.06
C ARG A 149 -4.48 -9.25 -9.50
N LYS A 150 -4.64 -9.38 -8.18
CA LYS A 150 -4.72 -10.71 -7.60
C LYS A 150 -6.09 -11.34 -7.78
N LYS A 151 -7.14 -10.53 -7.89
CA LYS A 151 -8.46 -11.08 -8.17
C LYS A 151 -8.58 -11.54 -9.61
N VAL A 152 -7.88 -10.88 -10.52
CA VAL A 152 -7.96 -11.23 -11.93
C VAL A 152 -7.18 -12.50 -12.21
N LEU A 153 -6.00 -12.64 -11.59
CA LEU A 153 -5.19 -13.84 -11.78
C LEU A 153 -5.84 -15.08 -11.17
N ARG A 154 -6.63 -14.92 -10.12
CA ARG A 154 -7.35 -16.05 -9.54
C ARG A 154 -8.46 -16.55 -10.44
N SER A 155 -9.02 -15.67 -11.26
CA SER A 155 -10.20 -15.99 -12.05
C SER A 155 -9.88 -16.53 -13.43
N GLY A 156 -8.61 -16.49 -13.85
CA GLY A 156 -8.22 -17.08 -15.11
C GLY A 156 -8.15 -16.13 -16.28
N ALA A 157 -8.23 -14.83 -16.06
CA ALA A 157 -8.05 -13.84 -17.10
C ALA A 157 -6.63 -13.30 -17.04
N ASN A 158 -6.32 -12.35 -17.91
CA ASN A 158 -5.00 -11.74 -17.97
C ASN A 158 -5.09 -10.26 -17.59
N PHE A 159 -4.10 -9.79 -16.85
CA PHE A 159 -4.12 -8.45 -16.30
C PHE A 159 -3.19 -7.55 -17.10
N VAL A 160 -3.73 -6.44 -17.60
CA VAL A 160 -2.95 -5.38 -18.23
C VAL A 160 -2.98 -4.19 -17.30
N HIS A 161 -1.82 -3.66 -16.95
CA HIS A 161 -1.78 -2.49 -16.07
C HIS A 161 -1.93 -1.24 -16.89
N GLY A 162 -2.97 -0.46 -16.61
CA GLY A 162 -3.14 0.79 -17.32
C GLY A 162 -4.36 1.52 -16.83
N ASP A 163 -4.40 2.80 -17.16
CA ASP A 163 -5.56 3.62 -16.93
C ASP A 163 -6.52 3.42 -18.10
N PRO A 164 -7.75 2.95 -17.86
CA PRO A 164 -8.66 2.75 -18.99
C PRO A 164 -9.20 4.02 -19.60
N THR A 165 -9.08 5.17 -18.93
CA THR A 165 -9.50 6.42 -19.54
C THR A 165 -8.44 7.04 -20.43
N ARG A 166 -7.18 6.66 -20.25
CA ARG A 166 -6.08 7.19 -21.04
C ARG A 166 -5.98 6.43 -22.36
N VAL A 167 -5.97 7.17 -23.47
CA VAL A 167 -5.99 6.56 -24.81
C VAL A 167 -4.66 5.88 -25.11
N SER A 168 -3.59 6.30 -24.46
CA SER A 168 -2.30 5.65 -24.64
C SER A 168 -2.25 4.29 -23.98
N ASP A 169 -3.10 4.04 -22.99
CA ASP A 169 -3.18 2.76 -22.31
C ASP A 169 -4.30 1.88 -22.81
N LEU A 170 -5.23 2.44 -23.58
CA LEU A 170 -6.21 1.62 -24.28
C LEU A 170 -5.64 0.95 -25.50
N GLU A 171 -4.47 1.38 -25.96
CA GLU A 171 -3.80 0.76 -27.09
C GLU A 171 -2.83 -0.33 -26.68
N LYS A 172 -2.39 -0.33 -25.42
CA LYS A 172 -1.66 -1.48 -24.91
C LYS A 172 -2.56 -2.70 -24.79
N ALA A 173 -3.84 -2.48 -24.51
CA ALA A 173 -4.82 -3.56 -24.44
C ALA A 173 -5.32 -3.97 -25.80
N ASN A 174 -4.91 -3.28 -26.85
CA ASN A 174 -5.22 -3.60 -28.25
C ASN A 174 -6.73 -3.62 -28.52
N VAL A 175 -7.40 -2.52 -28.17
CA VAL A 175 -8.85 -2.44 -28.39
C VAL A 175 -9.20 -2.16 -29.84
N ARG A 176 -8.22 -1.99 -30.72
CA ARG A 176 -8.53 -1.84 -32.14
C ARG A 176 -8.80 -3.18 -32.79
N GLY A 177 -8.17 -4.23 -32.31
CA GLY A 177 -8.39 -5.55 -32.86
C GLY A 177 -9.09 -6.46 -31.89
N ALA A 178 -10.11 -5.95 -31.20
CA ALA A 178 -10.81 -6.70 -30.18
C ALA A 178 -12.20 -7.08 -30.66
N ARG A 179 -12.75 -8.10 -30.02
CA ARG A 179 -14.06 -8.61 -30.38
C ARG A 179 -15.16 -7.72 -29.80
N ALA A 180 -15.08 -7.44 -28.50
CA ALA A 180 -15.93 -6.45 -27.87
C ALA A 180 -15.18 -5.90 -26.67
N VAL A 181 -15.55 -4.68 -26.26
CA VAL A 181 -15.02 -4.05 -25.06
C VAL A 181 -16.17 -3.90 -24.06
N ILE A 182 -15.90 -4.20 -22.80
CA ILE A 182 -16.89 -4.12 -21.73
C ILE A 182 -16.40 -3.09 -20.73
N VAL A 183 -17.09 -1.97 -20.62
CA VAL A 183 -16.71 -0.88 -19.75
C VAL A 183 -17.58 -0.91 -18.50
N ASP A 184 -16.94 -1.05 -17.34
CA ASP A 184 -17.66 -0.97 -16.08
C ASP A 184 -16.68 -0.39 -15.04
N LEU A 185 -16.74 0.92 -14.86
CA LEU A 185 -15.78 1.65 -14.07
C LEU A 185 -16.43 2.19 -12.81
N GLU A 186 -15.65 2.93 -12.02
CA GLU A 186 -16.09 3.30 -10.68
C GLU A 186 -17.12 4.42 -10.69
N SER A 187 -17.05 5.31 -11.67
CA SER A 187 -18.00 6.40 -11.79
C SER A 187 -18.70 6.30 -13.13
N ASP A 188 -19.70 7.14 -13.31
CA ASP A 188 -20.19 7.39 -14.66
C ASP A 188 -19.36 8.43 -15.38
N SER A 189 -18.49 9.13 -14.65
CA SER A 189 -17.57 10.05 -15.28
C SER A 189 -16.49 9.30 -16.03
N GLU A 190 -15.99 8.22 -15.45
CA GLU A 190 -14.98 7.41 -16.11
C GLU A 190 -15.56 6.53 -17.19
N THR A 191 -16.82 6.13 -17.06
CA THR A 191 -17.42 5.30 -18.09
C THR A 191 -17.68 6.08 -19.36
N ILE A 192 -18.11 7.34 -19.23
CA ILE A 192 -18.29 8.19 -20.40
C ILE A 192 -16.95 8.51 -21.02
N HIS A 193 -15.93 8.75 -20.20
CA HIS A 193 -14.61 9.10 -20.71
C HIS A 193 -13.86 7.91 -21.27
N CYS A 194 -14.20 6.68 -20.88
CA CYS A 194 -13.58 5.52 -21.50
C CYS A 194 -14.25 5.17 -22.82
N ILE A 195 -15.56 5.40 -22.94
CA ILE A 195 -16.26 5.19 -24.20
C ILE A 195 -15.81 6.19 -25.24
N LEU A 196 -15.65 7.45 -24.85
CA LEU A 196 -15.17 8.48 -25.74
C LEU A 196 -13.75 8.26 -26.21
N GLY A 197 -12.97 7.48 -25.49
CA GLY A 197 -11.61 7.18 -25.88
C GLY A 197 -11.51 5.96 -26.76
N ILE A 198 -12.40 4.99 -26.57
CA ILE A 198 -12.41 3.82 -27.45
C ILE A 198 -12.94 4.22 -28.82
N ARG A 199 -13.95 5.08 -28.87
CA ARG A 199 -14.51 5.52 -30.14
C ARG A 199 -13.57 6.43 -30.92
N LYS A 200 -12.53 6.95 -30.29
CA LYS A 200 -11.50 7.68 -31.00
C LYS A 200 -10.50 6.75 -31.66
N ILE A 201 -10.35 5.53 -31.15
CA ILE A 201 -9.43 4.54 -31.70
C ILE A 201 -10.12 3.74 -32.80
N ASP A 202 -11.16 3.00 -32.44
CA ASP A 202 -11.88 2.15 -33.39
C ASP A 202 -13.35 2.49 -33.31
N GLU A 203 -13.91 2.98 -34.41
CA GLU A 203 -15.31 3.37 -34.43
C GLU A 203 -16.23 2.17 -34.64
N SER A 204 -15.71 1.01 -35.01
CA SER A 204 -16.56 -0.12 -35.35
C SER A 204 -16.62 -1.21 -34.29
N VAL A 205 -15.77 -1.14 -33.26
CA VAL A 205 -15.76 -2.16 -32.21
C VAL A 205 -17.03 -2.04 -31.37
N ARG A 206 -17.40 -3.15 -30.73
CA ARG A 206 -18.64 -3.23 -29.97
C ARG A 206 -18.38 -2.89 -28.52
N ILE A 207 -19.07 -1.89 -27.99
CA ILE A 207 -18.89 -1.42 -26.62
C ILE A 207 -20.15 -1.71 -25.83
N ILE A 208 -20.01 -2.41 -24.72
CA ILE A 208 -21.09 -2.70 -23.79
C ILE A 208 -20.77 -2.01 -22.48
N ALA A 209 -21.69 -1.17 -22.01
CA ALA A 209 -21.38 -0.28 -20.90
C ALA A 209 -22.45 -0.37 -19.84
N GLU A 210 -22.04 -0.10 -18.60
CA GLU A 210 -22.91 -0.15 -17.45
C GLU A 210 -23.12 1.25 -16.89
N ALA A 211 -24.37 1.69 -16.87
CA ALA A 211 -24.75 2.97 -16.29
C ALA A 211 -25.08 2.81 -14.83
N GLU A 212 -25.01 3.90 -14.08
CA GLU A 212 -25.35 3.87 -12.67
C GLU A 212 -26.53 4.75 -12.33
N ARG A 213 -26.53 6.00 -12.77
CA ARG A 213 -27.65 6.90 -12.57
C ARG A 213 -28.52 6.91 -13.81
N TYR A 214 -29.80 7.25 -13.61
CA TYR A 214 -30.74 7.27 -14.72
C TYR A 214 -30.47 8.42 -15.68
N GLU A 215 -29.86 9.50 -15.20
CA GLU A 215 -29.61 10.65 -16.05
C GLU A 215 -28.50 10.40 -17.06
N ASN A 216 -27.65 9.41 -16.83
CA ASN A 216 -26.50 9.14 -17.68
C ASN A 216 -26.72 7.98 -18.65
N ILE A 217 -27.95 7.50 -18.80
CA ILE A 217 -28.18 6.49 -19.82
C ILE A 217 -28.13 7.12 -21.20
N GLU A 218 -28.58 8.38 -21.32
CA GLU A 218 -28.53 9.04 -22.61
C GLU A 218 -27.14 9.53 -22.96
N GLN A 219 -26.32 9.88 -21.97
CA GLN A 219 -24.96 10.31 -22.27
C GLN A 219 -24.04 9.14 -22.57
N LEU A 220 -24.39 7.93 -22.13
CA LEU A 220 -23.59 6.77 -22.51
C LEU A 220 -23.88 6.33 -23.92
N ARG A 221 -25.04 6.65 -24.46
CA ARG A 221 -25.38 6.32 -25.84
C ARG A 221 -24.86 7.36 -26.82
N MET A 222 -24.92 8.64 -26.46
CA MET A 222 -24.35 9.67 -27.32
C MET A 222 -22.83 9.60 -27.36
N ALA A 223 -22.20 9.06 -26.34
CA ALA A 223 -20.76 8.87 -26.37
C ALA A 223 -20.38 7.71 -27.27
N GLY A 224 -21.27 6.74 -27.46
CA GLY A 224 -21.03 5.72 -28.46
C GLY A 224 -21.15 4.29 -28.02
N ALA A 225 -21.78 4.01 -26.89
CA ALA A 225 -21.97 2.63 -26.47
C ALA A 225 -23.05 1.96 -27.30
N ASP A 226 -22.82 0.71 -27.64
CA ASP A 226 -23.79 -0.03 -28.43
C ASP A 226 -24.87 -0.63 -27.57
N GLN A 227 -24.52 -1.10 -26.38
CA GLN A 227 -25.48 -1.63 -25.44
C GLN A 227 -25.21 -1.01 -24.08
N VAL A 228 -26.24 -0.39 -23.50
CA VAL A 228 -26.16 0.24 -22.20
C VAL A 228 -27.06 -0.54 -21.24
N ILE A 229 -26.48 -1.01 -20.14
CA ILE A 229 -27.19 -1.77 -19.13
C ILE A 229 -27.19 -0.95 -17.85
N SER A 230 -28.35 -0.78 -17.24
CA SER A 230 -28.48 0.04 -16.04
C SER A 230 -29.04 -0.81 -14.90
N PRO A 231 -28.19 -1.45 -14.10
CA PRO A 231 -28.69 -2.39 -13.10
C PRO A 231 -29.28 -1.74 -11.86
N PHE A 232 -28.81 -0.56 -11.49
CA PHE A 232 -29.33 0.12 -10.32
C PHE A 232 -30.67 0.79 -10.57
N VAL A 233 -31.04 0.99 -11.83
CA VAL A 233 -32.35 1.54 -12.16
C VAL A 233 -33.39 0.42 -12.25
N ILE A 234 -32.99 -0.77 -12.70
CA ILE A 234 -33.89 -1.92 -12.65
C ILE A 234 -34.12 -2.33 -11.21
N SER A 235 -33.06 -2.37 -10.40
CA SER A 235 -33.18 -2.80 -9.02
C SER A 235 -33.86 -1.77 -8.14
N GLY A 236 -33.81 -0.50 -8.51
CA GLY A 236 -34.55 0.50 -7.76
C GLY A 236 -36.03 0.51 -8.04
N ARG A 237 -36.44 0.07 -9.23
CA ARG A 237 -37.87 -0.02 -9.51
C ARG A 237 -38.49 -1.26 -8.89
N LEU A 238 -37.76 -2.38 -8.86
CA LEU A 238 -38.28 -3.59 -8.26
C LEU A 238 -38.34 -3.50 -6.74
N MET A 239 -37.51 -2.67 -6.13
CA MET A 239 -37.57 -2.51 -4.68
C MET A 239 -38.81 -1.74 -4.27
N SER A 240 -39.12 -0.67 -4.98
CA SER A 240 -40.25 0.17 -4.66
C SER A 240 -41.58 -0.40 -5.11
N ARG A 241 -41.58 -1.45 -5.92
CA ARG A 241 -42.80 -2.09 -6.37
C ARG A 241 -42.96 -3.47 -5.78
N SER A 242 -42.23 -3.78 -4.72
CA SER A 242 -42.37 -5.03 -4.00
C SER A 242 -42.74 -4.80 -2.54
N ILE A 243 -43.02 -3.57 -2.15
CA ILE A 243 -43.42 -3.27 -0.78
C ILE A 243 -44.78 -3.88 -0.48
N ASP A 244 -45.68 -3.90 -1.46
CA ASP A 244 -46.99 -4.47 -1.26
C ASP A 244 -47.08 -5.95 -1.63
N ASP A 245 -46.80 -6.31 -2.89
CA ASP A 245 -47.03 -7.67 -3.35
C ASP A 245 -45.79 -8.32 -3.92
N GLY A 246 -45.06 -7.64 -4.81
CA GLY A 246 -43.87 -8.19 -5.40
C GLY A 246 -44.10 -9.36 -6.32
N TYR A 247 -44.92 -9.16 -7.36
CA TYR A 247 -45.14 -10.19 -8.36
C TYR A 247 -44.28 -10.01 -9.58
N GLU A 248 -43.90 -8.78 -9.93
CA GLU A 248 -43.00 -8.58 -11.04
C GLU A 248 -41.55 -8.78 -10.65
N ALA A 249 -41.23 -8.68 -9.37
CA ALA A 249 -39.88 -9.00 -8.93
C ALA A 249 -39.64 -10.50 -8.88
N MET A 250 -40.70 -11.30 -8.76
CA MET A 250 -40.54 -12.74 -8.87
C MET A 250 -40.32 -13.16 -10.32
N PHE A 251 -40.93 -12.46 -11.26
CA PHE A 251 -40.74 -12.76 -12.67
C PHE A 251 -39.32 -12.45 -13.12
N VAL A 252 -38.80 -11.30 -12.72
CA VAL A 252 -37.47 -10.87 -13.12
C VAL A 252 -36.40 -11.76 -12.50
N GLN A 253 -36.63 -12.22 -11.27
CA GLN A 253 -35.62 -13.01 -10.59
C GLN A 253 -35.57 -14.44 -11.11
N ASP A 254 -36.70 -15.03 -11.46
CA ASP A 254 -36.70 -16.42 -11.89
C ASP A 254 -36.43 -16.60 -13.37
N VAL A 255 -36.55 -15.56 -14.19
CA VAL A 255 -36.29 -15.67 -15.61
C VAL A 255 -34.92 -15.11 -15.98
N LEU A 256 -34.57 -13.96 -15.42
CA LEU A 256 -33.34 -13.28 -15.82
C LEU A 256 -32.15 -13.57 -14.92
N ALA A 257 -32.37 -13.80 -13.63
CA ALA A 257 -31.26 -13.95 -12.70
C ALA A 257 -30.93 -15.40 -12.39
N GLU A 258 -31.90 -16.16 -11.90
CA GLU A 258 -31.61 -17.51 -11.43
C GLU A 258 -31.82 -18.57 -12.50
N GLU A 259 -32.79 -18.37 -13.39
CA GLU A 259 -33.28 -19.36 -14.34
C GLU A 259 -33.67 -20.65 -13.62
N SER A 260 -34.61 -20.50 -12.70
CA SER A 260 -35.08 -21.63 -11.90
C SER A 260 -35.87 -22.61 -12.76
N THR A 261 -36.92 -22.13 -13.40
CA THR A 261 -37.74 -22.98 -14.25
C THR A 261 -37.92 -22.46 -15.67
N ARG A 262 -37.78 -21.15 -15.90
CA ARG A 262 -37.92 -20.56 -17.23
C ARG A 262 -36.60 -19.94 -17.63
N ARG A 263 -36.53 -19.53 -18.90
CA ARG A 263 -35.31 -18.96 -19.44
C ARG A 263 -35.69 -18.11 -20.64
N MET A 264 -34.96 -17.02 -20.83
CA MET A 264 -35.17 -16.13 -21.96
C MET A 264 -34.13 -16.45 -23.02
N VAL A 265 -34.58 -16.97 -24.16
CA VAL A 265 -33.67 -17.42 -25.21
C VAL A 265 -33.89 -16.59 -26.46
N GLU A 266 -32.85 -16.53 -27.28
CA GLU A 266 -32.92 -16.04 -28.64
C GLU A 266 -32.44 -17.16 -29.55
N VAL A 267 -33.30 -17.58 -30.48
CA VAL A 267 -32.97 -18.62 -31.45
C VAL A 267 -32.96 -17.98 -32.84
N PRO A 268 -32.00 -18.33 -33.70
CA PRO A 268 -32.00 -17.78 -35.05
C PRO A 268 -32.77 -18.65 -36.02
N ILE A 269 -33.27 -18.01 -37.07
CA ILE A 269 -33.93 -18.68 -38.17
C ILE A 269 -32.90 -18.93 -39.26
N PRO A 270 -32.58 -20.18 -39.58
CA PRO A 270 -31.50 -20.44 -40.54
C PRO A 270 -31.96 -20.36 -41.98
N GLU A 271 -31.09 -20.71 -42.91
CA GLU A 271 -31.48 -20.79 -44.32
C GLU A 271 -32.31 -22.05 -44.55
N GLY A 272 -33.31 -21.94 -45.41
CA GLY A 272 -34.23 -23.05 -45.56
C GLY A 272 -35.36 -22.92 -44.57
N SER A 273 -35.20 -23.58 -43.41
CA SER A 273 -35.89 -23.32 -42.16
C SER A 273 -37.38 -23.56 -42.15
N LYS A 274 -37.98 -24.02 -43.26
CA LYS A 274 -39.32 -24.59 -43.37
C LYS A 274 -40.48 -23.61 -43.08
N LEU A 275 -40.14 -22.43 -42.56
CA LEU A 275 -41.12 -21.39 -42.25
C LEU A 275 -40.92 -20.00 -42.88
N GLU A 276 -39.94 -19.82 -43.77
CA GLU A 276 -39.73 -18.49 -44.32
C GLU A 276 -40.92 -18.10 -45.19
N GLY A 277 -41.59 -17.00 -44.82
CA GLY A 277 -42.67 -16.45 -45.61
C GLY A 277 -44.01 -16.44 -44.93
N VAL A 278 -44.26 -17.31 -43.95
CA VAL A 278 -45.57 -17.39 -43.33
C VAL A 278 -45.69 -16.31 -42.28
N SER A 279 -46.94 -15.96 -41.94
CA SER A 279 -47.18 -14.96 -40.93
C SER A 279 -47.01 -15.57 -39.55
N VAL A 280 -47.07 -14.72 -38.52
CA VAL A 280 -46.99 -15.22 -37.16
C VAL A 280 -48.28 -15.91 -36.75
N LEU A 281 -49.39 -15.60 -37.40
CA LEU A 281 -50.66 -16.24 -37.07
C LEU A 281 -50.70 -17.65 -37.63
N ASP A 282 -50.23 -17.85 -38.86
CA ASP A 282 -50.25 -19.16 -39.47
C ASP A 282 -49.16 -20.07 -38.89
N ALA A 283 -48.04 -19.49 -38.47
CA ALA A 283 -46.99 -20.29 -37.84
C ALA A 283 -47.42 -20.77 -36.46
N ASP A 284 -47.96 -19.85 -35.65
CA ASP A 284 -48.63 -20.11 -34.37
C ASP A 284 -47.68 -20.82 -33.39
N ILE A 285 -46.65 -20.07 -33.00
CA ILE A 285 -45.52 -20.69 -32.32
C ILE A 285 -45.87 -21.05 -30.88
N HIS A 286 -46.80 -20.33 -30.25
CA HIS A 286 -47.05 -20.54 -28.83
C HIS A 286 -47.82 -21.83 -28.57
N ASP A 287 -48.94 -22.03 -29.27
CA ASP A 287 -49.78 -23.19 -28.96
C ASP A 287 -49.19 -24.49 -29.51
N VAL A 288 -48.29 -24.41 -30.48
CA VAL A 288 -47.54 -25.60 -30.90
C VAL A 288 -46.49 -25.94 -29.85
N THR A 289 -45.72 -24.95 -29.42
CA THR A 289 -44.52 -25.18 -28.62
C THR A 289 -44.75 -24.96 -27.12
N GLY A 290 -45.19 -23.76 -26.75
CA GLY A 290 -45.32 -23.43 -25.34
C GLY A 290 -44.38 -22.33 -24.93
N VAL A 291 -43.84 -21.61 -25.91
CA VAL A 291 -42.91 -20.53 -25.67
C VAL A 291 -43.63 -19.22 -25.95
N ILE A 292 -43.64 -18.32 -24.97
CA ILE A 292 -44.24 -17.00 -25.15
C ILE A 292 -43.32 -16.18 -26.03
N ILE A 293 -43.77 -15.82 -27.22
CA ILE A 293 -42.94 -15.07 -28.15
C ILE A 293 -42.99 -13.60 -27.79
N ILE A 294 -41.84 -13.03 -27.47
CA ILE A 294 -41.76 -11.62 -27.10
C ILE A 294 -41.61 -10.80 -28.38
N GLY A 295 -40.54 -11.04 -29.13
CA GLY A 295 -40.30 -10.23 -30.30
C GLY A 295 -39.32 -10.88 -31.26
N VAL A 296 -39.15 -10.22 -32.40
CA VAL A 296 -38.31 -10.71 -33.48
C VAL A 296 -37.20 -9.71 -33.75
N GLY A 297 -35.98 -10.21 -33.92
CA GLY A 297 -34.81 -9.39 -34.11
C GLY A 297 -34.37 -9.11 -35.54
N ARG A 298 -35.13 -8.30 -36.28
CA ARG A 298 -34.79 -8.04 -37.68
C ARG A 298 -33.72 -6.96 -37.76
N GLY A 299 -32.47 -7.39 -37.58
CA GLY A 299 -31.33 -6.56 -37.93
C GLY A 299 -31.11 -5.28 -37.15
N ASP A 300 -30.69 -5.40 -35.88
CA ASP A 300 -30.41 -4.28 -34.97
C ASP A 300 -31.67 -3.46 -34.72
N GLU A 301 -32.81 -4.14 -34.60
CA GLU A 301 -34.02 -3.55 -34.07
C GLU A 301 -34.82 -4.68 -33.44
N LEU A 302 -35.75 -4.32 -32.57
CA LEU A 302 -36.52 -5.30 -31.83
C LEU A 302 -37.98 -4.91 -31.90
N ILE A 303 -38.79 -5.76 -32.50
CA ILE A 303 -40.22 -5.53 -32.63
C ILE A 303 -40.89 -6.35 -31.54
N ILE A 304 -41.03 -5.75 -30.35
CA ILE A 304 -41.72 -6.39 -29.26
C ILE A 304 -43.21 -6.45 -29.59
N ASP A 305 -43.79 -7.66 -29.46
CA ASP A 305 -45.14 -8.02 -29.89
C ASP A 305 -45.33 -7.64 -31.35
N PRO A 306 -44.80 -8.42 -32.29
CA PRO A 306 -45.05 -8.11 -33.70
C PRO A 306 -46.51 -8.28 -34.03
N PRO A 307 -47.05 -7.50 -34.98
CA PRO A 307 -48.46 -7.64 -35.35
C PRO A 307 -48.75 -8.93 -36.12
N ARG A 308 -50.02 -9.12 -36.48
CA ARG A 308 -50.46 -10.40 -37.02
C ARG A 308 -49.88 -10.67 -38.40
N ASP A 309 -49.77 -9.64 -39.23
CA ASP A 309 -49.31 -9.80 -40.60
C ASP A 309 -47.82 -9.60 -40.77
N TYR A 310 -47.04 -9.83 -39.72
CA TYR A 310 -45.59 -9.86 -39.86
C TYR A 310 -45.17 -11.19 -40.43
N SER A 311 -44.41 -11.17 -41.53
CA SER A 311 -43.96 -12.39 -42.18
C SER A 311 -42.49 -12.63 -41.84
N PHE A 312 -42.17 -13.87 -41.49
CA PHE A 312 -40.82 -14.21 -41.10
C PHE A 312 -39.89 -14.21 -42.32
N ARG A 313 -38.61 -13.99 -42.06
CA ARG A 313 -37.58 -14.03 -43.08
C ARG A 313 -36.47 -14.96 -42.61
N ALA A 314 -35.42 -15.07 -43.41
CA ALA A 314 -34.24 -15.79 -42.98
C ALA A 314 -33.31 -14.86 -42.22
N GLY A 315 -32.51 -15.43 -41.35
CA GLY A 315 -31.59 -14.65 -40.56
C GLY A 315 -32.21 -13.86 -39.43
N ASP A 316 -33.51 -14.03 -39.17
CA ASP A 316 -34.15 -13.39 -38.04
C ASP A 316 -33.74 -14.08 -36.75
N ILE A 317 -34.15 -13.47 -35.65
CA ILE A 317 -33.85 -13.97 -34.31
C ILE A 317 -35.12 -13.84 -33.50
N ILE A 318 -35.58 -14.94 -32.90
CA ILE A 318 -36.82 -14.97 -32.15
C ILE A 318 -36.50 -14.97 -30.65
N LEU A 319 -37.01 -13.99 -29.93
CA LEU A 319 -36.79 -13.83 -28.51
C LEU A 319 -38.04 -14.32 -27.76
N GLY A 320 -37.85 -15.27 -26.85
CA GLY A 320 -38.98 -15.82 -26.13
C GLY A 320 -38.62 -16.43 -24.81
N ILE A 321 -39.62 -16.55 -23.95
CA ILE A 321 -39.50 -17.16 -22.63
C ILE A 321 -40.10 -18.56 -22.70
N GLY A 322 -39.38 -19.54 -22.17
CA GLY A 322 -39.91 -20.88 -22.14
C GLY A 322 -39.10 -21.79 -21.25
N LYS A 323 -39.73 -22.90 -20.86
CA LYS A 323 -39.07 -23.95 -20.11
C LYS A 323 -37.99 -24.60 -20.97
N PRO A 324 -36.95 -25.18 -20.36
CA PRO A 324 -35.87 -25.78 -21.18
C PRO A 324 -36.29 -27.04 -21.91
N GLU A 325 -37.44 -27.64 -21.59
CA GLU A 325 -38.03 -28.70 -22.39
C GLU A 325 -38.99 -28.18 -23.44
N GLU A 326 -39.22 -26.87 -23.49
CA GLU A 326 -39.99 -26.26 -24.57
C GLU A 326 -39.12 -25.55 -25.59
N ILE A 327 -37.89 -25.19 -25.23
CA ILE A 327 -36.99 -24.62 -26.22
C ILE A 327 -36.50 -25.70 -27.18
N GLU A 328 -36.41 -26.95 -26.69
CA GLU A 328 -36.09 -28.07 -27.57
C GLU A 328 -37.21 -28.35 -28.56
N ARG A 329 -38.46 -28.14 -28.15
CA ARG A 329 -39.58 -28.25 -29.05
C ARG A 329 -39.67 -27.09 -30.03
N LEU A 330 -38.93 -26.01 -29.81
CA LEU A 330 -38.90 -24.86 -30.70
C LEU A 330 -37.72 -24.91 -31.66
N LYS A 331 -36.54 -25.32 -31.20
CA LYS A 331 -35.36 -25.28 -32.04
C LYS A 331 -35.38 -26.32 -33.15
N ASN A 332 -36.20 -27.36 -33.00
CA ASN A 332 -36.46 -28.29 -34.09
C ASN A 332 -37.63 -27.87 -34.96
N TYR A 333 -38.52 -27.02 -34.45
CA TYR A 333 -39.68 -26.58 -35.22
C TYR A 333 -39.29 -25.58 -36.29
N ILE A 334 -38.18 -24.86 -36.11
CA ILE A 334 -37.77 -23.83 -37.06
C ILE A 334 -36.61 -24.31 -37.93
N SER A 335 -36.09 -25.51 -37.69
CA SER A 335 -34.98 -26.03 -38.47
C SER A 335 -35.47 -26.97 -39.56
N ALA A 336 -34.84 -26.89 -40.72
CA ALA A 336 -35.17 -27.76 -41.84
C ALA A 336 -34.13 -28.86 -42.00
N ALA B 20 6.05 -27.05 -23.02
CA ALA B 20 5.75 -28.12 -22.07
C ALA B 20 5.98 -29.48 -22.70
N THR B 21 5.25 -29.76 -23.77
CA THR B 21 5.41 -31.00 -24.53
C THR B 21 5.91 -30.75 -25.94
N ARG B 22 5.99 -29.50 -26.39
CA ARG B 22 6.68 -29.19 -27.63
C ARG B 22 8.18 -29.40 -27.51
N ILE B 23 8.71 -29.37 -26.29
CA ILE B 23 10.12 -29.69 -26.06
C ILE B 23 10.38 -31.15 -26.34
N LEU B 24 9.43 -32.02 -25.99
CA LEU B 24 9.59 -33.46 -26.20
C LEU B 24 9.56 -33.81 -27.68
N LEU B 25 8.82 -33.04 -28.48
CA LEU B 25 8.84 -33.26 -29.92
C LEU B 25 10.16 -32.82 -30.52
N LEU B 26 10.66 -31.65 -30.13
CA LEU B 26 11.89 -31.11 -30.70
C LEU B 26 13.10 -31.93 -30.30
N VAL B 27 13.11 -32.50 -29.10
CA VAL B 27 14.14 -33.45 -28.73
C VAL B 27 14.04 -34.70 -29.58
N LEU B 28 12.83 -35.17 -29.82
CA LEU B 28 12.60 -36.29 -30.73
C LEU B 28 12.84 -35.92 -32.18
N ALA B 29 12.83 -34.62 -32.50
CA ALA B 29 13.12 -34.21 -33.88
C ALA B 29 14.60 -34.38 -34.20
N VAL B 30 15.48 -33.96 -33.30
CA VAL B 30 16.91 -34.01 -33.60
C VAL B 30 17.47 -35.42 -33.48
N ILE B 31 16.80 -36.33 -32.78
CA ILE B 31 17.20 -37.72 -32.85
C ILE B 31 16.82 -38.31 -34.19
N ILE B 32 15.71 -37.85 -34.76
CA ILE B 32 15.36 -38.27 -36.11
C ILE B 32 16.20 -37.52 -37.13
N TYR B 33 16.57 -36.28 -36.89
CA TYR B 33 17.46 -35.68 -37.89
C TYR B 33 18.85 -36.34 -37.89
N GLY B 34 19.41 -36.49 -36.70
CA GLY B 34 20.73 -37.06 -36.51
C GLY B 34 20.98 -38.52 -36.85
N THR B 35 20.06 -39.38 -36.43
CA THR B 35 20.20 -40.81 -36.69
C THR B 35 20.15 -41.04 -38.19
N ALA B 36 19.20 -40.36 -38.84
CA ALA B 36 19.04 -40.47 -40.28
C ALA B 36 20.30 -39.97 -40.96
N GLY B 37 20.86 -38.86 -40.48
CA GLY B 37 22.08 -38.38 -41.09
C GLY B 37 23.27 -39.32 -40.97
N PHE B 38 23.47 -39.92 -39.79
CA PHE B 38 24.62 -40.83 -39.56
C PHE B 38 24.66 -42.16 -40.32
N HIS B 39 23.51 -42.82 -40.38
CA HIS B 39 23.33 -44.14 -40.99
C HIS B 39 23.55 -44.09 -42.49
N PHE B 40 23.03 -43.07 -43.15
CA PHE B 40 23.01 -43.03 -44.60
C PHE B 40 24.21 -42.30 -45.20
N ILE B 41 25.14 -41.81 -44.39
CA ILE B 41 26.38 -41.24 -44.89
C ILE B 41 27.58 -42.11 -44.53
N GLU B 42 27.67 -42.54 -43.27
CA GLU B 42 28.77 -43.41 -42.86
C GLU B 42 28.53 -44.87 -43.20
N GLY B 43 27.29 -45.25 -43.50
CA GLY B 43 26.99 -46.65 -43.73
C GLY B 43 26.96 -47.48 -42.47
N GLU B 44 26.81 -46.85 -41.31
CA GLU B 44 26.84 -47.57 -40.06
C GLU B 44 25.48 -48.19 -39.76
N SER B 45 25.43 -49.06 -38.76
CA SER B 45 24.23 -49.79 -38.41
C SER B 45 23.18 -48.86 -37.80
N TRP B 46 21.97 -49.39 -37.63
CA TRP B 46 20.92 -48.59 -37.02
C TRP B 46 21.09 -48.49 -35.51
N THR B 47 21.62 -49.53 -34.88
CA THR B 47 21.88 -49.46 -33.45
C THR B 47 23.14 -48.68 -33.14
N VAL B 48 24.03 -48.50 -34.11
CA VAL B 48 25.20 -47.66 -33.90
C VAL B 48 24.82 -46.20 -34.11
N SER B 49 23.97 -45.93 -35.10
CA SER B 49 23.57 -44.56 -35.38
C SER B 49 22.68 -43.99 -34.28
N LEU B 50 21.94 -44.85 -33.58
CA LEU B 50 21.20 -44.38 -32.41
C LEU B 50 22.15 -44.11 -31.25
N TYR B 51 23.13 -44.98 -31.06
CA TYR B 51 24.06 -44.84 -29.95
C TYR B 51 24.97 -43.65 -30.12
N TRP B 52 25.34 -43.33 -31.35
CA TRP B 52 26.24 -42.20 -31.57
C TRP B 52 25.55 -40.88 -31.35
N THR B 53 24.26 -40.80 -31.68
CA THR B 53 23.54 -39.54 -31.53
C THR B 53 23.29 -39.22 -30.07
N PHE B 54 23.15 -40.23 -29.23
CA PHE B 54 22.87 -39.97 -27.83
C PHE B 54 24.12 -39.61 -27.04
N VAL B 55 25.30 -39.98 -27.51
CA VAL B 55 26.53 -39.52 -26.88
C VAL B 55 27.04 -38.22 -27.45
N THR B 56 26.37 -37.67 -28.45
CA THR B 56 26.75 -36.42 -29.08
C THR B 56 25.87 -35.26 -28.66
N ILE B 57 24.56 -35.47 -28.55
CA ILE B 57 23.67 -34.45 -28.02
C ILE B 57 23.97 -34.21 -26.55
N ALA B 58 24.29 -35.26 -25.81
CA ALA B 58 24.61 -35.14 -24.40
C ALA B 58 26.04 -34.68 -24.16
N THR B 59 26.79 -34.40 -25.22
CA THR B 59 28.19 -33.96 -25.18
C THR B 59 29.10 -34.93 -24.44
N VAL B 60 28.80 -36.22 -24.49
CA VAL B 60 29.73 -37.21 -23.95
C VAL B 60 30.86 -37.46 -24.93
N GLY B 61 30.54 -37.99 -26.10
CA GLY B 61 31.50 -38.06 -27.18
C GLY B 61 32.67 -39.00 -26.96
N TYR B 62 32.42 -40.31 -26.97
CA TYR B 62 33.50 -41.27 -26.75
C TYR B 62 34.53 -41.23 -27.86
N GLY B 63 34.09 -41.03 -29.09
CA GLY B 63 35.03 -40.95 -30.19
C GLY B 63 35.44 -42.29 -30.75
N ASP B 64 34.64 -43.33 -30.55
CA ASP B 64 34.88 -44.59 -31.21
C ASP B 64 34.24 -44.67 -32.58
N TYR B 65 33.25 -43.80 -32.85
CA TYR B 65 32.48 -43.80 -34.08
C TYR B 65 32.40 -42.40 -34.66
N SER B 66 33.53 -41.75 -34.76
CA SER B 66 33.65 -40.42 -35.31
C SER B 66 33.45 -40.45 -36.82
N PRO B 67 32.99 -39.35 -37.43
CA PRO B 67 32.77 -39.35 -38.88
C PRO B 67 33.92 -38.79 -39.71
N SER B 68 34.56 -39.67 -40.49
CA SER B 68 35.69 -39.33 -41.35
C SER B 68 35.45 -38.41 -42.57
N THR B 69 34.34 -38.62 -43.28
CA THR B 69 34.04 -37.84 -44.49
C THR B 69 33.80 -36.36 -44.26
N PRO B 70 34.31 -35.51 -45.19
CA PRO B 70 34.09 -34.07 -44.99
C PRO B 70 32.64 -33.64 -45.12
N LEU B 71 31.81 -34.39 -45.83
CA LEU B 71 30.37 -34.19 -45.71
C LEU B 71 29.88 -34.59 -44.32
N GLY B 72 30.40 -35.69 -43.79
CA GLY B 72 29.99 -36.13 -42.47
C GLY B 72 30.49 -35.21 -41.36
N MET B 73 31.64 -34.56 -41.56
CA MET B 73 32.10 -33.59 -40.58
C MET B 73 31.25 -32.34 -40.60
N TYR B 74 30.71 -31.97 -41.76
CA TYR B 74 29.79 -30.84 -41.81
C TYR B 74 28.42 -31.21 -41.27
N PHE B 75 28.11 -32.50 -41.20
CA PHE B 75 26.82 -32.91 -40.66
C PHE B 75 26.79 -32.76 -39.14
N THR B 76 27.87 -33.20 -38.50
CA THR B 76 28.01 -33.19 -37.05
C THR B 76 27.92 -31.79 -36.48
N VAL B 77 28.47 -30.81 -37.17
CA VAL B 77 28.41 -29.42 -36.72
C VAL B 77 26.96 -28.96 -36.63
N THR B 78 26.15 -29.33 -37.61
CA THR B 78 24.74 -29.00 -37.62
C THR B 78 24.05 -29.69 -36.43
N LEU B 79 24.43 -30.93 -36.15
CA LEU B 79 23.82 -31.66 -35.04
C LEU B 79 24.23 -31.06 -33.70
N ILE B 80 25.43 -30.51 -33.62
CA ILE B 80 25.92 -29.93 -32.39
C ILE B 80 25.20 -28.62 -32.08
N VAL B 81 24.99 -27.79 -33.10
CA VAL B 81 24.24 -26.54 -32.91
C VAL B 81 22.78 -26.83 -32.58
N LEU B 82 22.21 -27.89 -33.15
CA LEU B 82 20.90 -28.32 -32.71
C LEU B 82 20.93 -28.99 -31.36
N GLY B 83 22.10 -29.41 -30.89
CA GLY B 83 22.24 -29.89 -29.53
C GLY B 83 22.20 -28.77 -28.53
N ILE B 84 22.95 -27.70 -28.79
CA ILE B 84 22.90 -26.51 -27.95
C ILE B 84 21.62 -25.73 -28.20
N GLY B 85 20.98 -25.95 -29.35
CA GLY B 85 19.71 -25.27 -29.60
C GLY B 85 18.60 -25.76 -28.69
N THR B 86 18.39 -27.08 -28.63
CA THR B 86 17.32 -27.60 -27.80
C THR B 86 17.67 -27.59 -26.31
N PHE B 87 18.95 -27.55 -25.97
CA PHE B 87 19.31 -27.32 -24.57
C PHE B 87 19.24 -25.86 -24.18
N ALA B 88 18.89 -24.97 -25.10
CA ALA B 88 18.63 -23.58 -24.77
C ALA B 88 17.15 -23.23 -24.82
N VAL B 89 16.33 -24.07 -25.43
CA VAL B 89 14.87 -23.93 -25.32
C VAL B 89 14.34 -24.70 -24.12
N ALA B 90 14.97 -25.81 -23.75
CA ALA B 90 14.57 -26.54 -22.56
C ALA B 90 14.98 -25.84 -21.28
N VAL B 91 16.07 -25.08 -21.29
CA VAL B 91 16.48 -24.36 -20.10
C VAL B 91 15.58 -23.13 -19.89
N GLU B 92 15.25 -22.42 -20.96
CA GLU B 92 14.41 -21.25 -20.82
C GLU B 92 12.96 -21.61 -20.53
N ARG B 93 12.54 -22.83 -20.83
CA ARG B 93 11.20 -23.26 -20.44
C ARG B 93 11.17 -23.73 -19.00
N LEU B 94 12.26 -24.33 -18.52
CA LEU B 94 12.36 -24.67 -17.10
C LEU B 94 12.43 -23.42 -16.24
N LEU B 95 13.25 -22.46 -16.63
CA LEU B 95 13.40 -21.26 -15.82
C LEU B 95 12.22 -20.32 -15.95
N GLU B 96 11.41 -20.43 -17.00
CA GLU B 96 10.15 -19.72 -17.02
C GLU B 96 9.14 -20.41 -16.13
N PHE B 97 9.28 -21.72 -15.96
CA PHE B 97 8.40 -22.47 -15.07
C PHE B 97 8.74 -22.24 -13.61
N LEU B 98 10.02 -22.14 -13.28
CA LEU B 98 10.42 -22.03 -11.88
C LEU B 98 10.27 -20.62 -11.33
N ILE B 99 10.54 -19.59 -12.13
CA ILE B 99 10.36 -18.23 -11.62
C ILE B 99 8.88 -17.92 -11.47
N ASN B 100 8.06 -18.47 -12.36
CA ASN B 100 6.62 -18.23 -12.25
C ASN B 100 6.01 -19.03 -11.12
N ARG B 101 6.49 -20.24 -10.86
CA ARG B 101 5.90 -21.04 -9.80
C ARG B 101 6.32 -20.54 -8.43
N GLU B 102 7.56 -20.07 -8.28
CA GLU B 102 7.97 -19.54 -6.99
C GLU B 102 7.44 -18.14 -6.73
N GLN B 103 6.87 -17.48 -7.73
CA GLN B 103 6.23 -16.19 -7.51
C GLN B 103 4.78 -16.35 -7.12
N MET B 104 4.07 -17.31 -7.71
CA MET B 104 2.70 -17.57 -7.31
C MET B 104 2.65 -18.20 -5.93
N LYS B 105 3.60 -19.08 -5.62
CA LYS B 105 3.64 -19.71 -4.30
C LYS B 105 4.00 -18.71 -3.21
N LEU B 106 4.71 -17.65 -3.56
CA LEU B 106 5.15 -16.69 -2.56
C LEU B 106 4.02 -15.80 -2.08
N MET B 107 3.21 -15.29 -2.99
CA MET B 107 2.17 -14.33 -2.64
C MET B 107 0.81 -14.97 -2.48
N GLY B 108 0.76 -16.19 -1.98
CA GLY B 108 -0.51 -16.89 -1.80
C GLY B 108 -0.80 -17.77 -2.99
N LEU B 109 -1.88 -17.47 -3.72
CA LEU B 109 -2.11 -17.80 -5.14
C LEU B 109 -1.86 -19.25 -5.51
N ILE B 110 -2.09 -20.16 -4.58
CA ILE B 110 -1.78 -21.57 -4.78
C ILE B 110 -2.91 -22.39 -4.16
N ASP B 111 -3.04 -23.63 -4.61
CA ASP B 111 -4.11 -24.50 -4.16
C ASP B 111 -3.60 -25.48 -3.11
N VAL B 112 -4.34 -25.62 -2.04
CA VAL B 112 -3.98 -26.58 -1.00
C VAL B 112 -4.36 -27.97 -1.48
N ALA B 113 -3.42 -28.91 -1.35
CA ALA B 113 -3.63 -30.28 -1.79
C ALA B 113 -3.68 -31.28 -0.65
N LYS B 114 -3.45 -30.85 0.59
CA LYS B 114 -3.39 -31.75 1.73
C LYS B 114 -4.79 -32.24 2.09
N SER B 115 -4.84 -33.19 3.03
CA SER B 115 -6.10 -33.84 3.33
C SER B 115 -6.38 -34.06 4.81
N ARG B 116 -5.54 -33.59 5.71
CA ARG B 116 -5.86 -33.65 7.12
C ARG B 116 -5.38 -32.38 7.81
N HIS B 117 -5.39 -31.28 7.08
CA HIS B 117 -4.87 -30.00 7.51
C HIS B 117 -5.90 -29.22 8.32
N VAL B 118 -5.46 -28.10 8.88
CA VAL B 118 -6.32 -27.20 9.64
C VAL B 118 -6.31 -25.85 8.95
N VAL B 119 -7.49 -25.35 8.58
CA VAL B 119 -7.63 -24.09 7.88
C VAL B 119 -8.06 -23.03 8.88
N ILE B 120 -7.39 -21.88 8.86
CA ILE B 120 -7.67 -20.78 9.76
C ILE B 120 -8.12 -19.60 8.91
N CYS B 121 -9.40 -19.26 8.99
CA CYS B 121 -9.95 -18.13 8.24
C CYS B 121 -9.81 -16.88 9.09
N GLY B 122 -9.01 -15.93 8.64
CA GLY B 122 -8.71 -14.75 9.42
C GLY B 122 -7.47 -14.93 10.26
N TRP B 123 -7.08 -13.85 10.93
CA TRP B 123 -5.82 -13.84 11.67
C TRP B 123 -5.89 -12.77 12.73
N SER B 124 -5.70 -13.16 13.98
CA SER B 124 -5.68 -12.23 15.09
C SER B 124 -4.77 -12.81 16.17
N GLU B 125 -4.87 -12.27 17.37
CA GLU B 125 -4.05 -12.79 18.46
C GLU B 125 -4.59 -14.13 18.97
N SER B 126 -5.89 -14.36 18.83
CA SER B 126 -6.44 -15.62 19.31
C SER B 126 -6.09 -16.79 18.39
N THR B 127 -5.81 -16.52 17.12
CA THR B 127 -5.33 -17.58 16.25
C THR B 127 -3.82 -17.72 16.28
N LEU B 128 -3.10 -16.67 16.66
CA LEU B 128 -1.66 -16.81 16.89
C LEU B 128 -1.40 -17.63 18.14
N GLU B 129 -2.28 -17.56 19.12
CA GLU B 129 -2.14 -18.35 20.34
C GLU B 129 -2.49 -19.81 20.15
N CYS B 130 -3.24 -20.16 19.11
CA CYS B 130 -3.52 -21.56 18.84
C CYS B 130 -2.58 -22.15 17.82
N LEU B 131 -1.59 -21.39 17.37
CA LEU B 131 -0.50 -21.94 16.58
C LEU B 131 0.66 -22.44 17.43
N ARG B 132 0.73 -22.00 18.67
CA ARG B 132 1.76 -22.48 19.58
C ARG B 132 1.39 -23.81 20.20
N GLU B 133 0.22 -24.35 19.92
CA GLU B 133 -0.17 -25.69 20.33
C GLU B 133 -0.52 -26.58 19.14
N LEU B 134 -0.17 -26.18 17.93
CA LEU B 134 -0.38 -26.96 16.73
C LEU B 134 0.91 -27.04 15.94
N ARG B 135 0.91 -27.87 14.90
CA ARG B 135 2.06 -27.99 14.02
C ARG B 135 2.11 -26.80 13.07
N GLY B 136 3.19 -26.72 12.29
CA GLY B 136 3.34 -25.62 11.38
C GLY B 136 2.83 -25.91 9.99
N SER B 137 3.30 -27.01 9.38
CA SER B 137 2.96 -27.35 8.01
C SER B 137 1.56 -27.95 7.89
N GLU B 138 0.89 -28.21 9.00
CA GLU B 138 -0.48 -28.69 9.01
C GLU B 138 -1.49 -27.54 8.93
N VAL B 139 -1.05 -26.30 9.10
CA VAL B 139 -1.95 -25.16 9.25
C VAL B 139 -1.87 -24.29 8.00
N PHE B 140 -3.02 -23.92 7.45
CA PHE B 140 -3.12 -23.03 6.31
C PHE B 140 -3.98 -21.84 6.71
N VAL B 141 -3.44 -20.64 6.55
CA VAL B 141 -4.15 -19.42 6.91
C VAL B 141 -4.67 -18.78 5.64
N LEU B 142 -5.99 -18.64 5.54
CA LEU B 142 -6.66 -18.08 4.38
C LEU B 142 -7.07 -16.66 4.69
N ALA B 143 -6.35 -15.69 4.14
CA ALA B 143 -6.65 -14.29 4.37
C ALA B 143 -6.41 -13.53 3.08
N GLU B 144 -6.57 -12.23 3.14
CA GLU B 144 -6.49 -11.39 1.94
C GLU B 144 -5.58 -10.19 2.11
N ASP B 145 -5.29 -9.77 3.34
CA ASP B 145 -4.43 -8.63 3.60
C ASP B 145 -2.99 -8.95 3.22
N GLU B 146 -2.21 -7.90 3.01
CA GLU B 146 -0.82 -8.02 2.60
C GLU B 146 0.13 -8.03 3.78
N ASN B 147 -0.29 -7.49 4.92
CA ASN B 147 0.54 -7.51 6.11
C ASN B 147 0.39 -8.82 6.87
N VAL B 148 -0.76 -9.48 6.71
CA VAL B 148 -1.00 -10.79 7.31
C VAL B 148 -0.10 -11.83 6.67
N ARG B 149 0.29 -11.64 5.41
CA ARG B 149 1.14 -12.60 4.71
C ARG B 149 2.52 -12.70 5.35
N LYS B 150 3.07 -11.56 5.79
CA LYS B 150 4.38 -11.61 6.41
C LYS B 150 4.32 -12.10 7.85
N LYS B 151 3.19 -11.89 8.53
CA LYS B 151 3.04 -12.43 9.88
C LYS B 151 2.83 -13.93 9.86
N VAL B 152 2.20 -14.45 8.82
CA VAL B 152 1.93 -15.88 8.73
C VAL B 152 3.20 -16.64 8.38
N LEU B 153 4.01 -16.08 7.46
CA LEU B 153 5.26 -16.73 7.07
C LEU B 153 6.28 -16.73 8.20
N ARG B 154 6.24 -15.74 9.08
CA ARG B 154 7.14 -15.72 10.23
C ARG B 154 6.79 -16.80 11.25
N SER B 155 5.52 -17.20 11.31
CA SER B 155 5.06 -18.09 12.36
C SER B 155 5.11 -19.55 11.96
N GLY B 156 5.40 -19.87 10.71
CA GLY B 156 5.56 -21.23 10.29
C GLY B 156 4.35 -21.90 9.69
N ALA B 157 3.31 -21.14 9.37
CA ALA B 157 2.15 -21.67 8.67
C ALA B 157 2.26 -21.32 7.19
N ASN B 158 1.25 -21.69 6.43
CA ASN B 158 1.22 -21.44 4.99
C ASN B 158 0.09 -20.47 4.66
N PHE B 159 0.35 -19.56 3.73
CA PHE B 159 -0.59 -18.50 3.41
C PHE B 159 -1.29 -18.80 2.10
N VAL B 160 -2.63 -18.82 2.14
CA VAL B 160 -3.46 -18.90 0.94
C VAL B 160 -4.12 -17.55 0.76
N HIS B 161 -4.00 -16.97 -0.42
CA HIS B 161 -4.63 -15.68 -0.66
C HIS B 161 -6.06 -15.90 -1.10
N GLY B 162 -7.00 -15.35 -0.36
CA GLY B 162 -8.38 -15.48 -0.75
C GLY B 162 -9.28 -14.77 0.23
N ASP B 163 -10.50 -14.53 -0.23
CA ASP B 163 -11.55 -14.02 0.63
C ASP B 163 -12.19 -15.20 1.35
N PRO B 164 -12.18 -15.23 2.69
CA PRO B 164 -12.78 -16.38 3.38
C PRO B 164 -14.29 -16.40 3.33
N THR B 165 -14.96 -15.31 2.96
CA THR B 165 -16.41 -15.34 2.82
C THR B 165 -16.86 -15.85 1.46
N ARG B 166 -15.99 -15.80 0.47
CA ARG B 166 -16.32 -16.25 -0.87
C ARG B 166 -16.13 -17.76 -0.99
N VAL B 167 -17.17 -18.45 -1.46
CA VAL B 167 -17.17 -19.92 -1.49
C VAL B 167 -16.21 -20.43 -2.54
N SER B 168 -15.90 -19.62 -3.55
CA SER B 168 -14.93 -20.01 -4.56
C SER B 168 -13.51 -20.00 -4.02
N ASP B 169 -13.26 -19.23 -2.97
CA ASP B 169 -11.96 -19.16 -2.34
C ASP B 169 -11.83 -20.03 -1.11
N LEU B 170 -12.94 -20.53 -0.58
CA LEU B 170 -12.89 -21.53 0.46
C LEU B 170 -12.57 -22.91 -0.09
N GLU B 171 -12.66 -23.09 -1.40
CA GLU B 171 -12.30 -24.36 -2.03
C GLU B 171 -10.86 -24.39 -2.49
N LYS B 172 -10.21 -23.24 -2.65
CA LYS B 172 -8.77 -23.24 -2.84
C LYS B 172 -8.05 -23.69 -1.59
N ALA B 173 -8.62 -23.40 -0.42
CA ALA B 173 -8.05 -23.82 0.85
C ALA B 173 -8.41 -25.26 1.19
N ASN B 174 -9.24 -25.90 0.37
CA ASN B 174 -9.61 -27.31 0.49
C ASN B 174 -10.27 -27.62 1.84
N VAL B 175 -11.33 -26.86 2.17
CA VAL B 175 -12.03 -27.08 3.43
C VAL B 175 -12.94 -28.29 3.39
N ARG B 176 -13.05 -28.98 2.26
CA ARG B 176 -13.83 -30.20 2.21
C ARG B 176 -13.06 -31.38 2.78
N GLY B 177 -11.74 -31.37 2.63
CA GLY B 177 -10.92 -32.44 3.17
C GLY B 177 -10.06 -31.96 4.31
N ALA B 178 -10.61 -31.17 5.21
CA ALA B 178 -9.86 -30.59 6.31
C ALA B 178 -10.26 -31.24 7.62
N ARG B 179 -9.36 -31.11 8.59
CA ARG B 179 -9.57 -31.70 9.91
C ARG B 179 -10.53 -30.85 10.74
N ALA B 180 -10.25 -29.55 10.83
CA ALA B 180 -11.16 -28.58 11.40
C ALA B 180 -10.89 -27.23 10.76
N VAL B 181 -11.89 -26.37 10.79
CA VAL B 181 -11.78 -24.99 10.33
C VAL B 181 -11.97 -24.07 11.51
N ILE B 182 -11.14 -23.04 11.62
CA ILE B 182 -11.18 -22.08 12.71
C ILE B 182 -11.47 -20.72 12.12
N VAL B 183 -12.65 -20.18 12.40
CA VAL B 183 -13.09 -18.91 11.86
C VAL B 183 -12.92 -17.83 12.91
N ASP B 184 -12.13 -16.81 12.61
CA ASP B 184 -11.99 -15.66 13.48
C ASP B 184 -11.71 -14.45 12.59
N LEU B 185 -12.77 -13.73 12.25
CA LEU B 185 -12.71 -12.66 11.27
C LEU B 185 -12.95 -11.31 11.94
N GLU B 186 -12.97 -10.26 11.12
CA GLU B 186 -12.96 -8.91 11.67
C GLU B 186 -14.29 -8.48 12.24
N SER B 187 -15.39 -8.98 11.70
CA SER B 187 -16.71 -8.67 12.19
C SER B 187 -17.40 -9.95 12.61
N ASP B 188 -18.56 -9.81 13.22
CA ASP B 188 -19.47 -10.93 13.32
C ASP B 188 -20.29 -11.11 12.07
N SER B 189 -20.28 -10.13 11.18
CA SER B 189 -20.95 -10.28 9.90
C SER B 189 -20.18 -11.23 9.01
N GLU B 190 -18.86 -11.13 9.01
CA GLU B 190 -18.04 -12.03 8.22
C GLU B 190 -17.93 -13.41 8.83
N THR B 191 -18.02 -13.52 10.16
CA THR B 191 -17.93 -14.83 10.79
C THR B 191 -19.18 -15.65 10.52
N ILE B 192 -20.36 -15.02 10.54
CA ILE B 192 -21.59 -15.72 10.19
C ILE B 192 -21.58 -16.10 8.71
N HIS B 193 -21.09 -15.21 7.86
CA HIS B 193 -21.07 -15.47 6.43
C HIS B 193 -19.98 -16.45 6.02
N CYS B 194 -18.94 -16.63 6.82
CA CYS B 194 -17.95 -17.65 6.51
C CYS B 194 -18.41 -19.03 6.99
N ILE B 195 -19.15 -19.10 8.09
CA ILE B 195 -19.71 -20.35 8.57
C ILE B 195 -20.79 -20.86 7.62
N LEU B 196 -21.63 -19.95 7.13
CA LEU B 196 -22.66 -20.31 6.16
C LEU B 196 -22.11 -20.77 4.84
N GLY B 197 -20.87 -20.41 4.52
CA GLY B 197 -20.25 -20.84 3.28
C GLY B 197 -19.52 -22.16 3.43
N ILE B 198 -18.96 -22.43 4.61
CA ILE B 198 -18.32 -23.72 4.83
C ILE B 198 -19.37 -24.81 4.92
N ARG B 199 -20.51 -24.53 5.56
CA ARG B 199 -21.57 -25.51 5.69
C ARG B 199 -22.26 -25.80 4.36
N LYS B 200 -22.06 -24.97 3.35
CA LYS B 200 -22.56 -25.26 2.02
C LYS B 200 -21.65 -26.23 1.28
N ILE B 201 -20.37 -26.27 1.64
CA ILE B 201 -19.40 -27.14 1.00
C ILE B 201 -19.40 -28.51 1.69
N ASP B 202 -19.03 -28.54 2.97
CA ASP B 202 -18.95 -29.78 3.74
C ASP B 202 -19.77 -29.63 4.99
N GLU B 203 -20.81 -30.43 5.13
CA GLU B 203 -21.67 -30.35 6.30
C GLU B 203 -21.11 -31.08 7.50
N SER B 204 -20.07 -31.89 7.34
CA SER B 204 -19.57 -32.71 8.43
C SER B 204 -18.27 -32.20 9.05
N VAL B 205 -17.62 -31.21 8.44
CA VAL B 205 -16.36 -30.69 8.98
C VAL B 205 -16.63 -29.93 10.28
N ARG B 206 -15.59 -29.84 11.11
CA ARG B 206 -15.71 -29.23 12.43
C ARG B 206 -15.33 -27.76 12.36
N ILE B 207 -16.26 -26.89 12.77
CA ILE B 207 -16.06 -25.45 12.70
C ILE B 207 -16.01 -24.90 14.12
N ILE B 208 -14.93 -24.18 14.43
CA ILE B 208 -14.76 -23.51 15.72
C ILE B 208 -14.73 -22.02 15.45
N ALA B 209 -15.59 -21.27 16.11
CA ALA B 209 -15.81 -19.88 15.75
C ALA B 209 -15.75 -18.99 16.97
N GLU B 210 -15.35 -17.75 16.75
CA GLU B 210 -15.21 -16.76 17.79
C GLU B 210 -16.26 -15.67 17.62
N ALA B 211 -17.09 -15.51 18.64
CA ALA B 211 -18.11 -14.47 18.68
C ALA B 211 -17.54 -13.22 19.33
N GLU B 212 -18.14 -12.08 19.04
CA GLU B 212 -17.73 -10.83 19.64
C GLU B 212 -18.79 -10.20 20.51
N ARG B 213 -20.01 -10.06 20.01
CA ARG B 213 -21.11 -9.55 20.78
C ARG B 213 -21.92 -10.70 21.34
N TYR B 214 -22.63 -10.42 22.44
CA TYR B 214 -23.42 -11.46 23.09
C TYR B 214 -24.65 -11.83 22.28
N GLU B 215 -25.15 -10.91 21.45
CA GLU B 215 -26.35 -11.18 20.66
C GLU B 215 -26.09 -12.16 19.52
N ASN B 216 -24.84 -12.35 19.12
CA ASN B 216 -24.49 -13.19 17.99
C ASN B 216 -23.98 -14.55 18.38
N ILE B 217 -24.10 -14.95 19.65
CA ILE B 217 -23.71 -16.31 19.99
C ILE B 217 -24.75 -17.28 19.46
N GLU B 218 -26.01 -16.88 19.44
CA GLU B 218 -27.05 -17.76 18.93
C GLU B 218 -27.07 -17.82 17.42
N GLN B 219 -26.68 -16.74 16.73
CA GLN B 219 -26.62 -16.78 15.27
C GLN B 219 -25.41 -17.50 14.75
N LEU B 220 -24.35 -17.64 15.55
CA LEU B 220 -23.22 -18.44 15.14
C LEU B 220 -23.48 -19.92 15.28
N ARG B 221 -24.41 -20.31 16.14
CA ARG B 221 -24.78 -21.71 16.29
C ARG B 221 -25.82 -22.14 15.28
N MET B 222 -26.78 -21.28 14.98
CA MET B 222 -27.76 -21.60 13.94
C MET B 222 -27.15 -21.60 12.56
N ALA B 223 -26.05 -20.88 12.35
CA ALA B 223 -25.37 -20.93 11.08
C ALA B 223 -24.57 -22.23 10.93
N GLY B 224 -24.17 -22.84 12.03
CA GLY B 224 -23.60 -24.16 11.96
C GLY B 224 -22.26 -24.38 12.63
N ALA B 225 -21.84 -23.50 13.52
CA ALA B 225 -20.59 -23.72 14.23
C ALA B 225 -20.76 -24.78 15.29
N ASP B 226 -19.73 -25.63 15.44
CA ASP B 226 -19.79 -26.70 16.42
C ASP B 226 -19.38 -26.21 17.79
N GLN B 227 -18.40 -25.32 17.85
CA GLN B 227 -17.95 -24.72 19.10
C GLN B 227 -17.87 -23.22 18.90
N VAL B 228 -18.57 -22.48 19.76
CA VAL B 228 -18.56 -21.02 19.74
C VAL B 228 -17.89 -20.52 21.00
N ILE B 229 -16.86 -19.71 20.84
CA ILE B 229 -16.11 -19.14 21.96
C ILE B 229 -16.31 -17.63 21.93
N SER B 230 -16.67 -17.05 23.07
CA SER B 230 -16.96 -15.62 23.14
C SER B 230 -16.03 -14.98 24.16
N PRO B 231 -14.86 -14.49 23.74
CA PRO B 231 -13.88 -14.00 24.72
C PRO B 231 -14.18 -12.62 25.29
N PHE B 232 -14.86 -11.77 24.54
CA PHE B 232 -15.19 -10.44 25.02
C PHE B 232 -16.37 -10.44 25.98
N VAL B 233 -17.15 -11.51 26.00
CA VAL B 233 -18.23 -11.62 26.97
C VAL B 233 -17.73 -12.22 28.28
N ILE B 234 -16.75 -13.11 28.22
CA ILE B 234 -16.10 -13.59 29.44
C ILE B 234 -15.29 -12.47 30.08
N SER B 235 -14.55 -11.71 29.27
CA SER B 235 -13.71 -10.65 29.80
C SER B 235 -14.50 -9.46 30.25
N GLY B 236 -15.71 -9.25 29.71
CA GLY B 236 -16.55 -8.17 30.20
C GLY B 236 -17.23 -8.48 31.51
N ARG B 237 -17.45 -9.75 31.82
CA ARG B 237 -18.04 -10.11 33.10
C ARG B 237 -16.99 -10.10 34.21
N LEU B 238 -15.76 -10.50 33.90
CA LEU B 238 -14.70 -10.50 34.91
C LEU B 238 -14.23 -9.10 35.23
N MET B 239 -14.37 -8.15 34.31
CA MET B 239 -13.99 -6.78 34.60
C MET B 239 -14.96 -6.13 35.57
N SER B 240 -16.26 -6.33 35.36
CA SER B 240 -17.27 -5.72 36.19
C SER B 240 -17.48 -6.43 37.51
N ARG B 241 -16.89 -7.61 37.69
CA ARG B 241 -17.00 -8.34 38.95
C ARG B 241 -15.66 -8.40 39.67
N SER B 242 -14.73 -7.53 39.31
CA SER B 242 -13.45 -7.41 40.00
C SER B 242 -13.23 -6.01 40.53
N ILE B 243 -14.24 -5.15 40.47
CA ILE B 243 -14.12 -3.80 41.00
C ILE B 243 -14.01 -3.83 42.52
N ASP B 244 -14.71 -4.76 43.16
CA ASP B 244 -14.66 -4.88 44.60
C ASP B 244 -13.58 -5.84 45.10
N ASP B 245 -13.65 -7.12 44.72
CA ASP B 245 -12.76 -8.12 45.29
C ASP B 245 -11.95 -8.86 44.25
N GLY B 246 -12.59 -9.35 43.20
CA GLY B 246 -11.88 -10.07 42.15
C GLY B 246 -11.35 -11.42 42.57
N TYR B 247 -12.21 -12.30 43.06
CA TYR B 247 -11.81 -13.65 43.40
C TYR B 247 -12.09 -14.66 42.31
N GLU B 248 -13.12 -14.43 41.49
CA GLU B 248 -13.36 -15.32 40.37
C GLU B 248 -12.49 -14.99 39.18
N ALA B 249 -11.97 -13.78 39.10
CA ALA B 249 -11.02 -13.46 38.05
C ALA B 249 -9.64 -14.04 38.33
N MET B 250 -9.33 -14.31 39.60
CA MET B 250 -8.09 -15.02 39.90
C MET B 250 -8.20 -16.50 39.57
N PHE B 251 -9.39 -17.08 39.71
CA PHE B 251 -9.58 -18.48 39.36
C PHE B 251 -9.47 -18.70 37.86
N VAL B 252 -10.10 -17.82 37.07
CA VAL B 252 -10.10 -17.96 35.62
C VAL B 252 -8.70 -17.72 35.06
N GLN B 253 -7.95 -16.81 35.66
CA GLN B 253 -6.63 -16.49 35.12
C GLN B 253 -5.60 -17.56 35.45
N ASP B 254 -5.67 -18.18 36.62
CA ASP B 254 -4.66 -19.15 37.00
C ASP B 254 -4.96 -20.57 36.51
N VAL B 255 -6.19 -20.87 36.13
CA VAL B 255 -6.54 -22.20 35.64
C VAL B 255 -6.63 -22.23 34.11
N LEU B 256 -7.26 -21.22 33.52
CA LEU B 256 -7.50 -21.25 32.09
C LEU B 256 -6.47 -20.52 31.26
N ALA B 257 -5.86 -19.45 31.79
CA ALA B 257 -4.97 -18.62 30.99
C ALA B 257 -3.49 -18.95 31.23
N GLU B 258 -3.05 -18.87 32.47
CA GLU B 258 -1.62 -19.00 32.74
C GLU B 258 -1.21 -20.42 33.08
N GLU B 259 -2.08 -21.19 33.73
CA GLU B 259 -1.80 -22.49 34.33
C GLU B 259 -0.59 -22.40 35.26
N SER B 260 -0.72 -21.54 36.27
CA SER B 260 0.35 -21.31 37.22
C SER B 260 0.55 -22.53 38.10
N THR B 261 -0.51 -22.95 38.80
CA THR B 261 -0.42 -24.11 39.67
C THR B 261 -1.47 -25.18 39.38
N ARG B 262 -2.60 -24.84 38.78
CA ARG B 262 -3.66 -25.78 38.45
C ARG B 262 -3.82 -25.84 36.95
N ARG B 263 -4.62 -26.80 36.50
CA ARG B 263 -4.84 -27.01 35.09
C ARG B 263 -6.15 -27.75 34.92
N MET B 264 -6.87 -27.43 33.85
CA MET B 264 -8.12 -28.09 33.52
C MET B 264 -7.86 -29.14 32.47
N VAL B 265 -8.02 -30.42 32.83
CA VAL B 265 -7.70 -31.51 31.93
C VAL B 265 -8.95 -32.30 31.61
N GLU B 266 -8.90 -32.98 30.47
CA GLU B 266 -9.87 -34.01 30.11
C GLU B 266 -9.09 -35.29 29.87
N VAL B 267 -9.41 -36.34 30.61
CA VAL B 267 -8.77 -37.64 30.47
C VAL B 267 -9.82 -38.63 29.98
N PRO B 268 -9.49 -39.52 29.05
CA PRO B 268 -10.47 -40.51 28.60
C PRO B 268 -10.39 -41.79 29.40
N ILE B 269 -11.52 -42.48 29.44
CA ILE B 269 -11.62 -43.80 30.08
C ILE B 269 -11.44 -44.84 28.98
N PRO B 270 -10.38 -45.65 29.05
CA PRO B 270 -10.12 -46.59 27.94
C PRO B 270 -10.90 -47.88 28.06
N GLU B 271 -10.62 -48.83 27.19
CA GLU B 271 -11.23 -50.15 27.30
C GLU B 271 -10.58 -50.93 28.44
N GLY B 272 -11.37 -51.70 29.16
CA GLY B 272 -10.85 -52.35 30.35
C GLY B 272 -11.01 -51.42 31.55
N SER B 273 -9.96 -50.67 31.84
CA SER B 273 -9.96 -49.45 32.63
C SER B 273 -10.34 -49.61 34.10
N LYS B 274 -10.59 -50.82 34.58
CA LYS B 274 -10.68 -51.21 35.99
C LYS B 274 -11.83 -50.58 36.79
N LEU B 275 -12.50 -49.59 36.19
CA LEU B 275 -13.63 -48.91 36.81
C LEU B 275 -14.97 -48.89 36.04
N GLU B 276 -15.08 -49.58 34.90
CA GLU B 276 -16.33 -49.51 34.16
C GLU B 276 -17.44 -50.17 34.96
N GLY B 277 -18.48 -49.40 35.28
CA GLY B 277 -19.66 -49.92 35.94
C GLY B 277 -19.93 -49.37 37.32
N VAL B 278 -18.91 -48.85 38.01
CA VAL B 278 -19.10 -48.37 39.38
C VAL B 278 -19.68 -46.97 39.34
N SER B 279 -20.31 -46.57 40.43
CA SER B 279 -20.88 -45.24 40.53
C SER B 279 -19.77 -44.24 40.84
N VAL B 280 -20.12 -42.95 40.81
CA VAL B 280 -19.16 -41.92 41.18
C VAL B 280 -18.90 -41.89 42.67
N LEU B 281 -19.84 -42.41 43.47
CA LEU B 281 -19.66 -42.43 44.91
C LEU B 281 -18.70 -43.53 45.32
N ASP B 282 -18.82 -44.70 44.70
CA ASP B 282 -17.95 -45.81 45.03
C ASP B 282 -16.55 -45.63 44.44
N ALA B 283 -16.45 -44.96 43.29
CA ALA B 283 -15.13 -44.69 42.72
C ALA B 283 -14.38 -43.66 43.54
N ASP B 284 -15.05 -42.56 43.89
CA ASP B 284 -14.61 -41.54 44.85
C ASP B 284 -13.28 -40.92 44.40
N ILE B 285 -13.37 -40.20 43.28
CA ILE B 285 -12.15 -39.80 42.58
C ILE B 285 -11.44 -38.66 43.29
N HIS B 286 -12.18 -37.82 44.03
CA HIS B 286 -11.55 -36.63 44.61
C HIS B 286 -10.65 -36.98 45.80
N ASP B 287 -11.17 -37.74 46.77
CA ASP B 287 -10.40 -37.99 47.98
C ASP B 287 -9.29 -39.00 47.77
N VAL B 288 -9.38 -39.83 46.73
CA VAL B 288 -8.25 -40.67 46.33
C VAL B 288 -7.16 -39.82 45.68
N THR B 289 -7.54 -38.98 44.73
CA THR B 289 -6.58 -38.31 43.87
C THR B 289 -6.30 -36.87 44.28
N GLY B 290 -7.34 -36.05 44.36
CA GLY B 290 -7.13 -34.64 44.65
C GLY B 290 -7.54 -33.75 43.51
N VAL B 291 -8.31 -34.31 42.58
CA VAL B 291 -8.78 -33.61 41.40
C VAL B 291 -10.27 -33.34 41.58
N ILE B 292 -10.66 -32.07 41.48
CA ILE B 292 -12.06 -31.70 41.57
C ILE B 292 -12.74 -32.11 40.27
N ILE B 293 -13.66 -33.06 40.34
CA ILE B 293 -14.32 -33.56 39.14
C ILE B 293 -15.45 -32.61 38.77
N ILE B 294 -15.37 -32.01 37.58
CA ILE B 294 -16.39 -31.09 37.12
C ILE B 294 -17.51 -31.88 36.45
N GLY B 295 -17.18 -32.63 35.40
CA GLY B 295 -18.21 -33.34 34.68
C GLY B 295 -17.65 -34.44 33.81
N VAL B 296 -18.57 -35.20 33.21
CA VAL B 296 -18.24 -36.35 32.38
C VAL B 296 -18.77 -36.12 30.96
N GLY B 297 -17.94 -36.44 29.98
CA GLY B 297 -18.27 -36.21 28.59
C GLY B 297 -18.87 -37.37 27.82
N ARG B 298 -20.12 -37.73 28.11
CA ARG B 298 -20.74 -38.88 27.44
C ARG B 298 -21.27 -38.46 26.06
N GLY B 299 -20.36 -38.42 25.08
CA GLY B 299 -20.75 -38.34 23.69
C GLY B 299 -21.45 -37.09 23.22
N ASP B 300 -20.72 -35.97 23.13
CA ASP B 300 -21.21 -34.66 22.68
C ASP B 300 -22.30 -34.13 23.61
N GLU B 301 -22.10 -34.36 24.90
CA GLU B 301 -22.86 -33.67 25.93
C GLU B 301 -21.98 -33.62 27.16
N LEU B 302 -22.31 -32.71 28.07
CA LEU B 302 -21.50 -32.48 29.26
C LEU B 302 -22.42 -32.45 30.46
N ILE B 303 -22.23 -33.39 31.38
CA ILE B 303 -23.02 -33.46 32.59
C ILE B 303 -22.18 -32.85 33.69
N ILE B 304 -22.29 -31.52 33.85
CA ILE B 304 -21.60 -30.83 34.92
C ILE B 304 -22.23 -31.21 36.25
N ASP B 305 -21.40 -31.64 37.21
CA ASP B 305 -21.77 -32.22 38.51
C ASP B 305 -22.72 -33.39 38.26
N PRO B 306 -22.22 -34.55 37.84
CA PRO B 306 -23.10 -35.71 37.69
C PRO B 306 -23.64 -36.14 39.04
N PRO B 307 -24.87 -36.68 39.08
CA PRO B 307 -25.43 -37.13 40.37
C PRO B 307 -24.75 -38.38 40.91
N ARG B 308 -25.19 -38.84 42.08
CA ARG B 308 -24.49 -39.90 42.80
C ARG B 308 -24.57 -41.23 42.08
N ASP B 309 -25.71 -41.54 41.48
CA ASP B 309 -25.92 -42.84 40.86
C ASP B 309 -25.58 -42.84 39.37
N TYR B 310 -24.69 -41.96 38.94
CA TYR B 310 -24.16 -42.03 37.58
C TYR B 310 -23.10 -43.12 37.52
N SER B 311 -23.23 -44.06 36.60
CA SER B 311 -22.29 -45.14 36.45
C SER B 311 -21.39 -44.89 35.25
N PHE B 312 -20.09 -45.08 35.43
CA PHE B 312 -19.14 -44.82 34.37
C PHE B 312 -19.24 -45.89 33.28
N ARG B 313 -18.85 -45.50 32.07
CA ARG B 313 -18.80 -46.40 30.94
C ARG B 313 -17.42 -46.34 30.31
N ALA B 314 -17.23 -47.06 29.22
CA ALA B 314 -16.00 -46.93 28.46
C ALA B 314 -16.15 -45.82 27.43
N GLY B 315 -15.01 -45.24 27.05
CA GLY B 315 -15.04 -44.15 26.10
C GLY B 315 -15.51 -42.83 26.64
N ASP B 316 -15.77 -42.72 27.94
CA ASP B 316 -16.12 -41.44 28.53
C ASP B 316 -14.90 -40.55 28.64
N ILE B 317 -15.14 -39.31 29.03
CA ILE B 317 -14.10 -38.31 29.19
C ILE B 317 -14.40 -37.55 30.47
N ILE B 318 -13.42 -37.50 31.37
CA ILE B 318 -13.58 -36.87 32.68
C ILE B 318 -12.90 -35.53 32.67
N LEU B 319 -13.65 -34.48 32.96
CA LEU B 319 -13.16 -33.10 32.99
C LEU B 319 -12.93 -32.69 34.44
N GLY B 320 -11.72 -32.26 34.75
CA GLY B 320 -11.43 -31.88 36.13
C GLY B 320 -10.26 -30.93 36.25
N ILE B 321 -10.23 -30.24 37.39
CA ILE B 321 -9.16 -29.30 37.74
C ILE B 321 -8.24 -29.98 38.74
N GLY B 322 -6.94 -29.89 38.50
CA GLY B 322 -6.00 -30.45 39.44
C GLY B 322 -4.59 -30.00 39.17
N LYS B 323 -3.75 -30.14 40.19
CA LYS B 323 -2.32 -29.88 40.08
C LYS B 323 -1.69 -30.89 39.13
N PRO B 324 -0.57 -30.54 38.48
CA PRO B 324 0.04 -31.49 37.53
C PRO B 324 0.67 -32.71 38.18
N GLU B 325 0.84 -32.72 39.50
CA GLU B 325 1.22 -33.91 40.24
C GLU B 325 0.02 -34.68 40.76
N GLU B 326 -1.21 -34.18 40.53
CA GLU B 326 -2.41 -34.92 40.82
C GLU B 326 -3.07 -35.51 39.58
N ILE B 327 -2.76 -34.99 38.39
CA ILE B 327 -3.27 -35.61 37.18
C ILE B 327 -2.53 -36.91 36.91
N GLU B 328 -1.26 -37.00 37.33
CA GLU B 328 -0.53 -38.25 37.24
C GLU B 328 -1.11 -39.31 38.17
N ARG B 329 -1.60 -38.90 39.33
CA ARG B 329 -2.28 -39.82 40.24
C ARG B 329 -3.66 -40.21 39.74
N LEU B 330 -4.20 -39.52 38.74
CA LEU B 330 -5.49 -39.85 38.15
C LEU B 330 -5.37 -40.69 36.89
N LYS B 331 -4.40 -40.39 36.04
CA LYS B 331 -4.30 -41.09 34.76
C LYS B 331 -3.85 -42.54 34.92
N ASN B 332 -3.23 -42.88 36.05
CA ASN B 332 -2.94 -44.27 36.38
C ASN B 332 -4.08 -44.92 37.16
N TYR B 333 -4.94 -44.13 37.79
CA TYR B 333 -6.05 -44.69 38.56
C TYR B 333 -7.15 -45.22 37.66
N ILE B 334 -7.27 -44.71 36.44
CA ILE B 334 -8.32 -45.12 35.53
C ILE B 334 -7.81 -46.06 34.45
N SER B 335 -6.51 -46.33 34.41
CA SER B 335 -5.94 -47.21 33.41
C SER B 335 -5.75 -48.62 33.96
N ALA B 336 -6.01 -49.60 33.12
CA ALA B 336 -5.82 -51.00 33.50
C ALA B 336 -4.56 -51.57 32.86
N ALA C 20 16.46 -32.04 -1.14
CA ALA C 20 17.59 -31.65 -0.32
C ALA C 20 18.60 -32.79 -0.21
N THR C 21 18.15 -33.91 0.35
CA THR C 21 18.96 -35.11 0.46
C THR C 21 18.42 -36.26 -0.35
N ARG C 22 17.22 -36.12 -0.94
CA ARG C 22 16.75 -37.10 -1.91
C ARG C 22 17.56 -37.02 -3.20
N ILE C 23 18.19 -35.88 -3.47
CA ILE C 23 19.08 -35.75 -4.61
C ILE C 23 20.31 -36.62 -4.42
N LEU C 24 20.81 -36.70 -3.19
CA LEU C 24 22.01 -37.50 -2.91
C LEU C 24 21.74 -38.98 -3.05
N LEU C 25 20.50 -39.41 -2.78
CA LEU C 25 20.15 -40.81 -3.00
C LEU C 25 20.05 -41.12 -4.49
N LEU C 26 19.41 -40.25 -5.26
CA LEU C 26 19.20 -40.49 -6.69
C LEU C 26 20.51 -40.43 -7.46
N VAL C 27 21.45 -39.57 -7.03
CA VAL C 27 22.79 -39.60 -7.60
C VAL C 27 23.48 -40.90 -7.26
N LEU C 28 23.32 -41.37 -6.02
CA LEU C 28 23.84 -42.67 -5.63
C LEU C 28 23.06 -43.82 -6.27
N ALA C 29 21.84 -43.57 -6.74
CA ALA C 29 21.09 -44.62 -7.42
C ALA C 29 21.68 -44.93 -8.78
N VAL C 30 22.00 -43.90 -9.56
CA VAL C 30 22.47 -44.13 -10.92
C VAL C 30 23.92 -44.60 -10.95
N ILE C 31 24.70 -44.38 -9.89
CA ILE C 31 26.00 -45.01 -9.82
C ILE C 31 25.84 -46.49 -9.53
N ILE C 32 24.81 -46.86 -8.77
CA ILE C 32 24.52 -48.27 -8.56
C ILE C 32 23.82 -48.86 -9.79
N TYR C 33 23.01 -48.09 -10.51
CA TYR C 33 22.46 -48.71 -11.72
C TYR C 33 23.56 -48.94 -12.78
N GLY C 34 24.35 -47.89 -13.01
CA GLY C 34 25.42 -47.91 -14.01
C GLY C 34 26.61 -48.82 -13.82
N THR C 35 27.14 -48.85 -12.60
CA THR C 35 28.30 -49.68 -12.31
C THR C 35 27.91 -51.14 -12.49
N ALA C 36 26.73 -51.48 -11.96
CA ALA C 36 26.22 -52.83 -12.06
C ALA C 36 26.02 -53.19 -13.52
N GLY C 37 25.47 -52.26 -14.31
CA GLY C 37 25.30 -52.56 -15.72
C GLY C 37 26.61 -52.80 -16.48
N PHE C 38 27.63 -51.98 -16.23
CA PHE C 38 28.91 -52.11 -16.94
C PHE C 38 29.78 -53.36 -16.69
N HIS C 39 29.88 -53.74 -15.43
CA HIS C 39 30.68 -54.85 -14.94
C HIS C 39 30.16 -56.19 -15.45
N PHE C 40 28.85 -56.37 -15.43
CA PHE C 40 28.27 -57.68 -15.72
C PHE C 40 27.88 -57.86 -17.18
N ILE C 41 28.12 -56.88 -18.04
CA ILE C 41 27.93 -57.04 -19.47
C ILE C 41 29.26 -57.04 -20.22
N GLU C 42 30.13 -56.08 -19.92
CA GLU C 42 31.43 -56.02 -20.56
C GLU C 42 32.45 -56.96 -19.93
N GLY C 43 32.18 -57.44 -18.72
CA GLY C 43 33.17 -58.25 -18.02
C GLY C 43 34.33 -57.47 -17.48
N GLU C 44 34.18 -56.16 -17.31
CA GLU C 44 35.28 -55.33 -16.86
C GLU C 44 35.39 -55.38 -15.34
N SER C 45 36.47 -54.84 -14.82
CA SER C 45 36.77 -54.87 -13.39
C SER C 45 35.80 -53.98 -12.61
N TRP C 46 35.86 -54.09 -11.29
CA TRP C 46 35.02 -53.25 -10.46
C TRP C 46 35.56 -51.84 -10.37
N THR C 47 36.88 -51.68 -10.38
CA THR C 47 37.47 -50.35 -10.37
C THR C 47 37.41 -49.68 -11.73
N VAL C 48 37.23 -50.45 -12.80
CA VAL C 48 37.04 -49.85 -14.12
C VAL C 48 35.59 -49.44 -14.29
N SER C 49 34.67 -50.25 -13.79
CA SER C 49 33.25 -49.95 -13.92
C SER C 49 32.85 -48.74 -13.08
N LEU C 50 33.54 -48.51 -11.98
CA LEU C 50 33.31 -47.28 -11.22
C LEU C 50 33.89 -46.08 -11.95
N TYR C 51 35.07 -46.24 -12.54
CA TYR C 51 35.72 -45.13 -13.22
C TYR C 51 35.00 -44.75 -14.49
N TRP C 52 34.40 -45.72 -15.19
CA TRP C 52 33.73 -45.40 -16.43
C TRP C 52 32.42 -44.67 -16.18
N THR C 53 31.74 -44.98 -15.09
CA THR C 53 30.45 -44.34 -14.81
C THR C 53 30.64 -42.89 -14.40
N PHE C 54 31.75 -42.57 -13.77
CA PHE C 54 31.95 -41.20 -13.33
C PHE C 54 32.43 -40.28 -14.44
N VAL C 55 33.01 -40.82 -15.51
CA VAL C 55 33.36 -40.00 -16.67
C VAL C 55 32.23 -39.96 -17.69
N THR C 56 31.12 -40.65 -17.44
CA THR C 56 29.97 -40.67 -18.33
C THR C 56 28.82 -39.84 -17.82
N ILE C 57 28.55 -39.88 -16.52
CA ILE C 57 27.55 -39.00 -15.93
C ILE C 57 28.00 -37.56 -16.00
N ALA C 58 29.29 -37.33 -15.80
CA ALA C 58 29.85 -35.99 -15.87
C ALA C 58 30.10 -35.51 -17.28
N THR C 59 29.75 -36.33 -18.29
CA THR C 59 29.92 -36.05 -19.72
C THR C 59 31.37 -35.75 -20.09
N VAL C 60 32.33 -36.36 -19.40
CA VAL C 60 33.72 -36.24 -19.82
C VAL C 60 34.00 -37.19 -20.97
N GLY C 61 33.87 -38.49 -20.73
CA GLY C 61 33.89 -39.46 -21.80
C GLY C 61 35.22 -39.62 -22.52
N TYR C 62 36.23 -40.19 -21.86
CA TYR C 62 37.53 -40.35 -22.49
C TYR C 62 37.47 -41.30 -23.67
N GLY C 63 36.66 -42.34 -23.58
CA GLY C 63 36.55 -43.27 -24.68
C GLY C 63 37.62 -44.33 -24.73
N ASP C 64 38.26 -44.61 -23.61
CA ASP C 64 39.17 -45.75 -23.54
C ASP C 64 38.47 -47.04 -23.19
N TYR C 65 37.27 -46.96 -22.63
CA TYR C 65 36.51 -48.10 -22.15
C TYR C 65 35.08 -48.03 -22.64
N SER C 66 34.93 -47.79 -23.93
CA SER C 66 33.64 -47.74 -24.58
C SER C 66 33.02 -49.14 -24.69
N PRO C 67 31.68 -49.22 -24.75
CA PRO C 67 31.05 -50.55 -24.83
C PRO C 67 30.70 -51.01 -26.24
N SER C 68 31.40 -52.06 -26.69
CA SER C 68 31.21 -52.66 -28.01
C SER C 68 29.89 -53.38 -28.33
N THR C 69 29.38 -54.15 -27.38
CA THR C 69 28.15 -54.94 -27.59
C THR C 69 26.89 -54.11 -27.83
N PRO C 70 26.03 -54.57 -28.74
CA PRO C 70 24.80 -53.79 -28.99
C PRO C 70 23.83 -53.78 -27.82
N LEU C 71 23.87 -54.78 -26.94
CA LEU C 71 23.20 -54.64 -25.66
C LEU C 71 23.86 -53.58 -24.80
N GLY C 72 25.20 -53.53 -24.81
CA GLY C 72 25.92 -52.54 -24.04
C GLY C 72 25.75 -51.13 -24.58
N MET C 73 25.56 -51.00 -25.89
CA MET C 73 25.29 -49.68 -26.44
C MET C 73 23.91 -49.20 -26.08
N TYR C 74 22.95 -50.12 -25.93
CA TYR C 74 21.63 -49.72 -25.47
C TYR C 74 21.62 -49.43 -23.98
N PHE C 75 22.62 -49.94 -23.24
CA PHE C 75 22.67 -49.67 -21.82
C PHE C 75 23.11 -48.23 -21.54
N THR C 76 24.13 -47.79 -22.27
CA THR C 76 24.72 -46.47 -22.12
C THR C 76 23.72 -45.36 -22.38
N VAL C 77 22.85 -45.57 -23.35
CA VAL C 77 21.83 -44.56 -23.67
C VAL C 77 20.92 -44.35 -22.46
N THR C 78 20.55 -45.43 -21.79
CA THR C 78 19.73 -45.35 -20.60
C THR C 78 20.49 -44.58 -19.50
N LEU C 79 21.79 -44.84 -19.39
CA LEU C 79 22.59 -44.17 -18.37
C LEU C 79 22.75 -42.69 -18.68
N ILE C 80 22.77 -42.34 -19.96
CA ILE C 80 22.94 -40.95 -20.35
C ILE C 80 21.68 -40.16 -20.07
N VAL C 81 20.50 -40.73 -20.35
CA VAL C 81 19.24 -40.07 -20.03
C VAL C 81 19.06 -39.95 -18.53
N LEU C 82 19.51 -40.93 -17.76
CA LEU C 82 19.53 -40.77 -16.32
C LEU C 82 20.63 -39.81 -15.87
N GLY C 83 21.61 -39.53 -16.71
CA GLY C 83 22.58 -38.50 -16.41
C GLY C 83 21.99 -37.12 -16.55
N ILE C 84 21.29 -36.88 -17.66
CA ILE C 84 20.57 -35.61 -17.83
C ILE C 84 19.33 -35.56 -16.96
N GLY C 85 18.83 -36.71 -16.52
CA GLY C 85 17.69 -36.71 -15.63
C GLY C 85 18.02 -36.13 -14.26
N THR C 86 19.07 -36.65 -13.61
CA THR C 86 19.41 -36.15 -12.29
C THR C 86 20.11 -34.79 -12.33
N PHE C 87 20.69 -34.41 -13.46
CA PHE C 87 21.16 -33.04 -13.59
C PHE C 87 20.05 -32.07 -13.93
N ALA C 88 18.82 -32.55 -14.09
CA ALA C 88 17.67 -31.66 -14.24
C ALA C 88 16.80 -31.62 -13.00
N VAL C 89 16.95 -32.56 -12.08
CA VAL C 89 16.32 -32.45 -10.77
C VAL C 89 17.22 -31.72 -9.78
N ALA C 90 18.54 -31.83 -9.93
CA ALA C 90 19.45 -31.08 -9.08
C ALA C 90 19.50 -29.60 -9.44
N VAL C 91 19.27 -29.25 -10.70
CA VAL C 91 19.26 -27.85 -11.08
C VAL C 91 17.97 -27.18 -10.62
N GLU C 92 16.84 -27.86 -10.76
CA GLU C 92 15.58 -27.26 -10.35
C GLU C 92 15.44 -27.23 -8.84
N ARG C 93 16.20 -28.03 -8.10
CA ARG C 93 16.20 -27.90 -6.65
C ARG C 93 17.13 -26.79 -6.18
N LEU C 94 18.23 -26.57 -6.89
CA LEU C 94 19.09 -25.43 -6.60
C LEU C 94 18.39 -24.12 -6.91
N LEU C 95 17.74 -24.04 -8.06
CA LEU C 95 17.10 -22.79 -8.43
C LEU C 95 15.80 -22.55 -7.68
N GLU C 96 15.19 -23.58 -7.11
CA GLU C 96 14.10 -23.35 -6.18
C GLU C 96 14.63 -22.88 -4.84
N PHE C 97 15.86 -23.27 -4.51
CA PHE C 97 16.49 -22.82 -3.27
C PHE C 97 16.98 -21.39 -3.38
N LEU C 98 17.50 -20.99 -4.54
CA LEU C 98 18.08 -19.66 -4.66
C LEU C 98 17.05 -18.58 -4.89
N ILE C 99 15.98 -18.85 -5.63
CA ILE C 99 14.96 -17.82 -5.81
C ILE C 99 14.19 -17.62 -4.53
N ASN C 100 14.00 -18.68 -3.75
CA ASN C 100 13.29 -18.54 -2.48
C ASN C 100 14.15 -17.89 -1.43
N ARG C 101 15.46 -18.14 -1.42
CA ARG C 101 16.31 -17.54 -0.41
C ARG C 101 16.58 -16.08 -0.70
N GLU C 102 16.69 -15.69 -1.96
CA GLU C 102 16.90 -14.29 -2.27
C GLU C 102 15.62 -13.47 -2.19
N GLN C 103 14.46 -14.12 -2.09
CA GLN C 103 13.22 -13.41 -1.88
C GLN C 103 12.93 -13.17 -0.41
N MET C 104 13.26 -14.14 0.45
CA MET C 104 13.10 -13.94 1.88
C MET C 104 14.13 -12.96 2.41
N LYS C 105 15.35 -13.02 1.89
CA LYS C 105 16.41 -12.10 2.30
C LYS C 105 16.11 -10.67 1.86
N LEU C 106 15.35 -10.51 0.79
CA LEU C 106 15.09 -9.17 0.25
C LEU C 106 14.09 -8.41 1.10
N MET C 107 13.00 -9.05 1.50
CA MET C 107 11.93 -8.37 2.21
C MET C 107 12.02 -8.55 3.71
N GLY C 108 13.20 -8.61 4.26
CA GLY C 108 13.37 -8.80 5.70
C GLY C 108 13.57 -10.26 6.02
N LEU C 109 12.62 -10.83 6.78
CA LEU C 109 12.27 -12.27 6.82
C LEU C 109 13.46 -13.20 7.00
N ILE C 110 14.49 -12.76 7.70
CA ILE C 110 15.72 -13.52 7.84
C ILE C 110 16.22 -13.35 9.27
N ASP C 111 17.04 -14.29 9.72
CA ASP C 111 17.53 -14.30 11.09
C ASP C 111 18.95 -13.74 11.13
N VAL C 112 19.19 -12.86 12.08
CA VAL C 112 20.53 -12.32 12.27
C VAL C 112 21.38 -13.35 12.98
N ALA C 113 22.58 -13.59 12.46
CA ALA C 113 23.49 -14.58 13.02
C ALA C 113 24.74 -13.97 13.61
N LYS C 114 24.93 -12.66 13.49
CA LYS C 114 26.15 -12.00 13.96
C LYS C 114 26.16 -11.94 15.49
N SER C 115 27.29 -11.49 16.03
CA SER C 115 27.47 -11.55 17.47
C SER C 115 28.12 -10.31 18.10
N ARG C 116 28.37 -9.27 17.33
CA ARG C 116 28.84 -8.02 17.93
C ARG C 116 28.21 -6.85 17.20
N HIS C 117 27.00 -7.04 16.70
CA HIS C 117 26.29 -6.09 15.86
C HIS C 117 25.54 -5.07 16.73
N VAL C 118 24.97 -4.07 16.07
CA VAL C 118 24.17 -3.02 16.70
C VAL C 118 22.78 -3.09 16.12
N VAL C 119 21.78 -3.26 16.97
CA VAL C 119 20.38 -3.37 16.54
C VAL C 119 19.70 -2.02 16.78
N ILE C 120 18.99 -1.53 15.78
CA ILE C 120 18.28 -0.26 15.85
C ILE C 120 16.80 -0.55 15.71
N CYS C 121 16.05 -0.39 16.80
CA CYS C 121 14.60 -0.61 16.78
C CYS C 121 13.93 0.69 16.41
N GLY C 122 13.27 0.71 15.26
CA GLY C 122 12.68 1.94 14.75
C GLY C 122 13.62 2.68 13.82
N TRP C 123 13.11 3.75 13.24
CA TRP C 123 13.86 4.48 12.22
C TRP C 123 13.34 5.89 12.13
N SER C 124 14.21 6.86 12.34
CA SER C 124 13.85 8.26 12.23
C SER C 124 15.09 9.03 11.78
N GLU C 125 15.05 10.34 11.93
CA GLU C 125 16.22 11.14 11.56
C GLU C 125 17.32 11.01 12.60
N SER C 126 16.99 10.74 13.85
CA SER C 126 18.01 10.62 14.87
C SER C 126 18.78 9.31 14.75
N THR C 127 18.19 8.28 14.15
CA THR C 127 18.94 7.05 13.90
C THR C 127 19.63 7.09 12.55
N LEU C 128 19.17 7.90 11.61
CA LEU C 128 19.93 8.11 10.39
C LEU C 128 21.20 8.90 10.65
N GLU C 129 21.17 9.78 11.64
CA GLU C 129 22.34 10.56 12.00
C GLU C 129 23.36 9.76 12.78
N CYS C 130 22.98 8.63 13.38
CA CYS C 130 23.97 7.80 14.06
C CYS C 130 24.44 6.65 13.17
N LEU C 131 24.00 6.60 11.91
CA LEU C 131 24.59 5.70 10.95
C LEU C 131 25.77 6.30 10.21
N ARG C 132 25.90 7.62 10.24
CA ARG C 132 27.04 8.27 9.62
C ARG C 132 28.26 8.27 10.52
N GLU C 133 28.14 7.74 11.74
CA GLU C 133 29.28 7.52 12.61
C GLU C 133 29.46 6.06 13.01
N LEU C 134 28.79 5.15 12.31
CA LEU C 134 28.92 3.72 12.54
C LEU C 134 29.18 3.02 11.21
N ARG C 135 29.48 1.73 11.28
CA ARG C 135 29.70 0.93 10.09
C ARG C 135 28.36 0.57 9.45
N GLY C 136 28.41 -0.05 8.29
CA GLY C 136 27.20 -0.41 7.60
C GLY C 136 26.72 -1.82 7.90
N SER C 137 27.59 -2.80 7.71
CA SER C 137 27.22 -4.20 7.88
C SER C 137 27.16 -4.63 9.34
N GLU C 138 27.54 -3.75 10.26
CA GLU C 138 27.42 -4.00 11.68
C GLU C 138 26.05 -3.64 12.22
N VAL C 139 25.22 -2.93 11.44
CA VAL C 139 23.97 -2.35 11.92
C VAL C 139 22.81 -3.11 11.30
N PHE C 140 21.85 -3.49 12.15
CA PHE C 140 20.62 -4.16 11.72
C PHE C 140 19.45 -3.33 12.20
N VAL C 141 18.58 -2.94 11.28
CA VAL C 141 17.41 -2.12 11.60
C VAL C 141 16.19 -3.03 11.63
N LEU C 142 15.54 -3.10 12.77
CA LEU C 142 14.37 -3.95 12.97
C LEU C 142 13.13 -3.08 12.94
N ALA C 143 12.38 -3.14 11.85
CA ALA C 143 11.17 -2.35 11.71
C ALA C 143 10.14 -3.19 10.98
N GLU C 144 8.99 -2.59 10.71
CA GLU C 144 7.88 -3.32 10.12
C GLU C 144 7.26 -2.62 8.93
N ASP C 145 7.49 -1.32 8.76
CA ASP C 145 6.95 -0.57 7.63
C ASP C 145 7.64 -0.99 6.33
N GLU C 146 6.96 -0.70 5.23
CA GLU C 146 7.44 -1.07 3.91
C GLU C 146 8.26 0.03 3.26
N ASN C 147 8.07 1.28 3.69
CA ASN C 147 8.86 2.38 3.17
C ASN C 147 10.18 2.51 3.88
N VAL C 148 10.25 2.03 5.13
CA VAL C 148 11.49 2.00 5.90
C VAL C 148 12.48 1.02 5.29
N ARG C 149 11.98 -0.01 4.62
CA ARG C 149 12.85 -1.02 4.03
C ARG C 149 13.70 -0.44 2.90
N LYS C 150 13.13 0.46 2.11
CA LYS C 150 13.89 1.06 1.04
C LYS C 150 14.82 2.16 1.53
N LYS C 151 14.48 2.82 2.64
CA LYS C 151 15.38 3.81 3.22
C LYS C 151 16.56 3.14 3.90
N VAL C 152 16.37 1.95 4.46
CA VAL C 152 17.44 1.26 5.16
C VAL C 152 18.42 0.67 4.17
N LEU C 153 17.93 0.10 3.07
CA LEU C 153 18.81 -0.48 2.05
C LEU C 153 19.62 0.59 1.32
N ARG C 154 19.11 1.81 1.21
CA ARG C 154 19.87 2.89 0.60
C ARG C 154 21.01 3.35 1.47
N SER C 155 20.89 3.19 2.79
CA SER C 155 21.86 3.73 3.72
C SER C 155 22.98 2.76 4.07
N GLY C 156 22.87 1.50 3.67
CA GLY C 156 23.93 0.55 3.88
C GLY C 156 23.80 -0.33 5.10
N ALA C 157 22.64 -0.34 5.76
CA ALA C 157 22.38 -1.23 6.86
C ALA C 157 21.57 -2.43 6.36
N ASN C 158 21.22 -3.32 7.27
CA ASN C 158 20.45 -4.50 6.94
C ASN C 158 19.08 -4.44 7.58
N PHE C 159 18.06 -4.88 6.87
CA PHE C 159 16.68 -4.76 7.32
C PHE C 159 16.17 -6.11 7.82
N VAL C 160 15.69 -6.14 9.05
CA VAL C 160 14.98 -7.28 9.62
C VAL C 160 13.53 -6.90 9.76
N HIS C 161 12.63 -7.72 9.21
CA HIS C 161 11.21 -7.42 9.32
C HIS C 161 10.69 -7.96 10.63
N GLY C 162 10.15 -7.10 11.46
CA GLY C 162 9.57 -7.57 12.70
C GLY C 162 9.01 -6.41 13.49
N ASP C 163 8.17 -6.77 14.45
CA ASP C 163 7.66 -5.82 15.41
C ASP C 163 8.68 -5.69 16.54
N PRO C 164 9.22 -4.49 16.80
CA PRO C 164 10.21 -4.38 17.86
C PRO C 164 9.63 -4.49 19.26
N THR C 165 8.32 -4.39 19.44
CA THR C 165 7.75 -4.59 20.76
C THR C 165 7.48 -6.05 21.08
N ARG C 166 7.40 -6.91 20.07
CA ARG C 166 7.14 -8.33 20.26
C ARG C 166 8.44 -9.04 20.57
N VAL C 167 8.46 -9.80 21.67
CA VAL C 167 9.68 -10.45 22.14
C VAL C 167 10.08 -11.59 21.21
N SER C 168 9.13 -12.16 20.47
CA SER C 168 9.46 -13.19 19.51
C SER C 168 10.19 -12.64 18.29
N ASP C 169 10.04 -11.35 18.01
CA ASP C 169 10.72 -10.70 16.91
C ASP C 169 11.97 -9.95 17.32
N LEU C 170 12.16 -9.73 18.61
CA LEU C 170 13.42 -9.20 19.11
C LEU C 170 14.49 -10.28 19.15
N GLU C 171 14.12 -11.54 19.05
CA GLU C 171 15.07 -12.63 19.01
C GLU C 171 15.49 -13.01 17.61
N LYS C 172 14.71 -12.64 16.59
CA LYS C 172 15.19 -12.76 15.22
C LYS C 172 16.31 -11.77 14.95
N ALA C 173 16.29 -10.61 15.60
CA ALA C 173 17.34 -9.63 15.47
C ALA C 173 18.55 -9.94 16.34
N ASN C 174 18.46 -10.98 17.16
CA ASN C 174 19.56 -11.49 18.00
C ASN C 174 20.07 -10.43 18.97
N VAL C 175 19.16 -9.85 19.76
CA VAL C 175 19.55 -8.83 20.73
C VAL C 175 20.21 -9.42 21.97
N ARG C 176 20.31 -10.74 22.07
CA ARG C 176 21.03 -11.33 23.18
C ARG C 176 22.53 -11.28 22.97
N GLY C 177 22.97 -11.36 21.72
CA GLY C 177 24.38 -11.29 21.42
C GLY C 177 24.75 -10.02 20.69
N ALA C 178 24.21 -8.89 21.13
CA ALA C 178 24.42 -7.62 20.45
C ALA C 178 25.31 -6.73 21.28
N ARG C 179 25.91 -5.76 20.61
CA ARG C 179 26.82 -4.83 21.25
C ARG C 179 26.05 -3.75 22.01
N ALA C 180 25.10 -3.11 21.34
CA ALA C 180 24.15 -2.22 21.98
C ALA C 180 22.88 -2.21 21.15
N VAL C 181 21.77 -1.87 21.80
CA VAL C 181 20.48 -1.71 21.14
C VAL C 181 20.08 -0.23 21.24
N ILE C 182 19.57 0.32 20.16
CA ILE C 182 19.16 1.72 20.09
C ILE C 182 17.67 1.74 19.80
N VAL C 183 16.88 2.19 20.76
CA VAL C 183 15.43 2.21 20.65
C VAL C 183 14.98 3.63 20.33
N ASP C 184 14.31 3.80 19.21
CA ASP C 184 13.72 5.10 18.87
C ASP C 184 12.47 4.81 18.04
N LEU C 185 11.33 4.77 18.71
CA LEU C 185 10.08 4.33 18.12
C LEU C 185 9.11 5.50 18.01
N GLU C 186 7.91 5.21 17.54
CA GLU C 186 6.98 6.28 17.17
C GLU C 186 6.32 6.92 18.38
N SER C 187 6.12 6.18 19.45
CA SER C 187 5.54 6.70 20.66
C SER C 187 6.51 6.51 21.80
N ASP C 188 6.18 7.07 22.95
CA ASP C 188 6.82 6.66 24.18
C ASP C 188 6.18 5.42 24.75
N SER C 189 5.02 5.03 24.25
CA SER C 189 4.41 3.79 24.66
C SER C 189 5.17 2.60 24.09
N GLU C 190 5.59 2.70 22.84
CA GLU C 190 6.36 1.63 22.23
C GLU C 190 7.80 1.61 22.70
N THR C 191 8.36 2.76 23.08
CA THR C 191 9.73 2.79 23.56
C THR C 191 9.84 2.14 24.92
N ILE C 192 8.87 2.38 25.81
CA ILE C 192 8.86 1.71 27.11
C ILE C 192 8.62 0.22 26.94
N HIS C 193 7.75 -0.16 26.02
CA HIS C 193 7.44 -1.56 25.81
C HIS C 193 8.52 -2.30 25.05
N CYS C 194 9.37 -1.62 24.30
CA CYS C 194 10.50 -2.29 23.67
C CYS C 194 11.66 -2.46 24.64
N ILE C 195 11.84 -1.51 25.57
CA ILE C 195 12.87 -1.64 26.58
C ILE C 195 12.53 -2.75 27.56
N LEU C 196 11.26 -2.85 27.94
CA LEU C 196 10.80 -3.91 28.84
C LEU C 196 10.91 -5.29 28.21
N GLY C 197 10.96 -5.38 26.90
CA GLY C 197 11.09 -6.66 26.23
C GLY C 197 12.53 -7.05 26.01
N ILE C 198 13.41 -6.08 25.81
CA ILE C 198 14.84 -6.38 25.70
C ILE C 198 15.39 -6.81 27.04
N ARG C 199 14.96 -6.16 28.12
CA ARG C 199 15.43 -6.51 29.46
C ARG C 199 14.90 -7.85 29.94
N LYS C 200 13.90 -8.41 29.28
CA LYS C 200 13.45 -9.76 29.56
C LYS C 200 14.33 -10.79 28.90
N ILE C 201 14.99 -10.43 27.81
CA ILE C 201 15.87 -11.34 27.07
C ILE C 201 17.28 -11.30 27.66
N ASP C 202 17.93 -10.14 27.59
CA ASP C 202 19.30 -9.97 28.07
C ASP C 202 19.33 -8.79 29.02
N GLU C 203 19.66 -9.06 30.28
CA GLU C 203 19.70 -8.00 31.28
C GLU C 203 20.99 -7.19 31.22
N SER C 204 22.00 -7.65 30.50
CA SER C 204 23.29 -6.98 30.53
C SER C 204 23.60 -6.16 29.29
N VAL C 205 22.79 -6.26 28.23
CA VAL C 205 23.03 -5.51 27.00
C VAL C 205 22.78 -4.02 27.24
N ARG C 206 23.41 -3.19 26.43
CA ARG C 206 23.35 -1.74 26.59
C ARG C 206 22.22 -1.17 25.75
N ILE C 207 21.30 -0.46 26.38
CA ILE C 207 20.13 0.10 25.71
C ILE C 207 20.23 1.62 25.76
N ILE C 208 20.15 2.24 24.59
CA ILE C 208 20.13 3.70 24.46
C ILE C 208 18.79 4.08 23.88
N ALA C 209 18.07 4.96 24.57
CA ALA C 209 16.68 5.22 24.24
C ALA C 209 16.41 6.70 24.12
N GLU C 210 15.44 7.04 23.30
CA GLU C 210 15.04 8.41 23.05
C GLU C 210 13.67 8.68 23.62
N ALA C 211 13.59 9.63 24.54
CA ALA C 211 12.33 10.06 25.13
C ALA C 211 11.76 11.20 24.32
N GLU C 212 10.45 11.41 24.45
CA GLU C 212 9.78 12.50 23.76
C GLU C 212 9.17 13.51 24.71
N ARG C 213 8.41 13.05 25.69
CA ARG C 213 7.84 13.93 26.70
C ARG C 213 8.70 13.92 27.93
N TYR C 214 8.62 15.00 28.71
CA TYR C 214 9.43 15.12 29.90
C TYR C 214 8.97 14.18 31.00
N GLU C 215 7.70 13.80 31.00
CA GLU C 215 7.17 12.93 32.05
C GLU C 215 7.66 11.50 31.92
N ASN C 216 8.14 11.10 30.73
CA ASN C 216 8.55 9.73 30.47
C ASN C 216 10.06 9.53 30.53
N ILE C 217 10.82 10.50 31.01
CA ILE C 217 12.24 10.25 31.17
C ILE C 217 12.46 9.32 32.35
N GLU C 218 11.64 9.42 33.38
CA GLU C 218 11.79 8.55 34.53
C GLU C 218 11.26 7.15 34.27
N GLN C 219 10.25 7.00 33.42
CA GLN C 219 9.75 5.67 33.10
C GLN C 219 10.63 4.94 32.11
N LEU C 220 11.45 5.65 31.34
CA LEU C 220 12.39 4.98 30.47
C LEU C 220 13.60 4.47 31.24
N ARG C 221 13.90 5.05 32.40
CA ARG C 221 15.00 4.58 33.22
C ARG C 221 14.58 3.44 34.13
N MET C 222 13.37 3.48 34.68
CA MET C 222 12.87 2.38 35.49
C MET C 222 12.60 1.15 34.65
N ALA C 223 12.32 1.32 33.36
CA ALA C 223 12.15 0.16 32.49
C ALA C 223 13.48 -0.48 32.16
N GLY C 224 14.57 0.27 32.21
CA GLY C 224 15.89 -0.33 32.11
C GLY C 224 16.84 0.23 31.08
N ALA C 225 16.58 1.44 30.58
CA ALA C 225 17.52 2.03 29.62
C ALA C 225 18.75 2.53 30.35
N ASP C 226 19.91 2.34 29.70
CA ASP C 226 21.15 2.78 30.30
C ASP C 226 21.42 4.24 30.02
N GLN C 227 21.07 4.72 28.83
CA GLN C 227 21.21 6.11 28.47
C GLN C 227 19.89 6.57 27.87
N VAL C 228 19.32 7.64 28.42
CA VAL C 228 18.09 8.23 27.94
C VAL C 228 18.40 9.62 27.40
N ILE C 229 18.05 9.86 26.14
CA ILE C 229 18.28 11.14 25.48
C ILE C 229 16.92 11.74 25.16
N SER C 230 16.72 13.00 25.53
CA SER C 230 15.44 13.66 25.33
C SER C 230 15.63 14.90 24.46
N PRO C 231 15.51 14.77 23.13
CA PRO C 231 15.84 15.90 22.26
C PRO C 231 14.78 16.98 22.19
N PHE C 232 13.52 16.63 22.39
CA PHE C 232 12.45 17.63 22.35
C PHE C 232 12.37 18.44 23.62
N VAL C 233 12.97 17.99 24.71
CA VAL C 233 13.02 18.77 25.92
C VAL C 233 14.21 19.72 25.92
N ILE C 234 15.33 19.33 25.30
CA ILE C 234 16.43 20.26 25.09
C ILE C 234 16.03 21.34 24.11
N SER C 235 15.38 20.96 23.01
CA SER C 235 15.00 21.92 21.98
C SER C 235 13.85 22.81 22.41
N GLY C 236 13.02 22.36 23.34
CA GLY C 236 11.99 23.22 23.86
C GLY C 236 12.47 24.25 24.84
N ARG C 237 13.57 23.98 25.53
CA ARG C 237 14.14 24.97 26.43
C ARG C 237 14.94 26.02 25.69
N LEU C 238 15.64 25.62 24.63
CA LEU C 238 16.42 26.58 23.85
C LEU C 238 15.54 27.48 23.01
N MET C 239 14.34 27.04 22.66
CA MET C 239 13.43 27.90 21.90
C MET C 239 12.88 29.01 22.77
N SER C 240 12.48 28.68 23.99
CA SER C 240 11.90 29.65 24.89
C SER C 240 12.91 30.54 25.56
N ARG C 241 14.20 30.24 25.45
CA ARG C 241 15.24 31.07 26.03
C ARG C 241 16.08 31.74 24.97
N SER C 242 15.57 31.82 23.74
CA SER C 242 16.22 32.53 22.66
C SER C 242 15.33 33.63 22.09
N ILE C 243 14.19 33.89 22.73
CA ILE C 243 13.29 34.95 22.27
C ILE C 243 13.93 36.31 22.49
N ASP C 244 14.69 36.47 23.56
CA ASP C 244 15.36 37.74 23.83
C ASP C 244 16.77 37.82 23.26
N ASP C 245 17.68 36.93 23.67
CA ASP C 245 19.08 37.05 23.30
C ASP C 245 19.62 35.83 22.59
N GLY C 246 19.39 34.63 23.13
CA GLY C 246 19.88 33.42 22.51
C GLY C 246 21.38 33.25 22.55
N TYR C 247 21.97 33.29 23.74
CA TYR C 247 23.40 33.05 23.88
C TYR C 247 23.73 31.61 24.26
N GLU C 248 22.84 30.93 24.97
CA GLU C 248 23.07 29.54 25.27
C GLU C 248 22.67 28.63 24.13
N ALA C 249 21.82 29.09 23.23
CA ALA C 249 21.52 28.31 22.04
C ALA C 249 22.63 28.38 21.01
N MET C 250 23.46 29.42 21.06
CA MET C 250 24.65 29.44 20.21
C MET C 250 25.72 28.50 20.74
N PHE C 251 25.81 28.34 22.06
CA PHE C 251 26.79 27.43 22.63
C PHE C 251 26.45 25.98 22.30
N VAL C 252 25.18 25.62 22.44
CA VAL C 252 24.74 24.25 22.20
C VAL C 252 24.86 23.90 20.73
N GLN C 253 24.61 24.85 19.84
CA GLN C 253 24.64 24.55 18.42
C GLN C 253 26.06 24.43 17.89
N ASP C 254 27.00 25.23 18.39
CA ASP C 254 28.35 25.20 17.85
C ASP C 254 29.25 24.15 18.50
N VAL C 255 28.88 23.62 19.66
CA VAL C 255 29.68 22.61 20.34
C VAL C 255 29.10 21.21 20.13
N LEU C 256 27.79 21.07 20.25
CA LEU C 256 27.18 19.75 20.21
C LEU C 256 26.64 19.36 18.85
N ALA C 257 26.17 20.31 18.04
CA ALA C 257 25.52 19.98 16.78
C ALA C 257 26.44 20.11 15.58
N GLU C 258 27.01 21.29 15.38
CA GLU C 258 27.78 21.53 14.17
C GLU C 258 29.26 21.25 14.32
N GLU C 259 29.82 21.49 15.52
CA GLU C 259 31.26 21.49 15.80
C GLU C 259 31.99 22.41 14.82
N SER C 260 31.59 23.68 14.86
CA SER C 260 32.16 24.68 13.99
C SER C 260 33.61 24.98 14.38
N THR C 261 33.81 25.39 15.62
CA THR C 261 35.16 25.68 16.09
C THR C 261 35.55 24.93 17.36
N ARG C 262 34.60 24.49 18.18
CA ARG C 262 34.88 23.75 19.40
C ARG C 262 34.29 22.36 19.28
N ARG C 263 34.63 21.52 20.25
CA ARG C 263 34.18 20.14 20.24
C ARG C 263 34.24 19.62 21.66
N MET C 264 33.30 18.76 22.01
CA MET C 264 33.25 18.14 23.33
C MET C 264 33.84 16.74 23.23
N VAL C 265 34.99 16.53 23.87
CA VAL C 265 35.70 15.27 23.76
C VAL C 265 35.76 14.59 25.11
N GLU C 266 35.92 13.27 25.06
CA GLU C 266 36.29 12.47 26.23
C GLU C 266 37.58 11.73 25.89
N VAL C 267 38.62 11.96 26.68
CA VAL C 267 39.91 11.29 26.50
C VAL C 267 40.15 10.39 27.70
N PRO C 268 40.68 9.19 27.50
CA PRO C 268 40.97 8.32 28.64
C PRO C 268 42.38 8.51 29.16
N ILE C 269 42.55 8.22 30.44
CA ILE C 269 43.85 8.23 31.09
C ILE C 269 44.40 6.81 31.04
N PRO C 270 45.51 6.56 30.36
CA PRO C 270 45.98 5.18 30.20
C PRO C 270 46.81 4.71 31.38
N GLU C 271 47.40 3.53 31.27
CA GLU C 271 48.32 3.05 32.29
C GLU C 271 49.65 3.77 32.16
N GLY C 272 50.28 4.07 33.30
CA GLY C 272 51.47 4.89 33.26
C GLY C 272 51.08 6.35 33.33
N SER C 273 50.95 6.98 32.17
CA SER C 273 50.22 8.22 31.93
C SER C 273 50.77 9.46 32.61
N LYS C 274 51.88 9.38 33.34
CA LYS C 274 52.70 10.49 33.83
C LYS C 274 52.03 11.43 34.83
N LEU C 275 50.72 11.27 35.00
CA LEU C 275 49.96 12.08 35.95
C LEU C 275 49.12 11.34 37.03
N GLU C 276 49.23 10.01 37.14
CA GLU C 276 48.41 9.32 38.12
C GLU C 276 48.85 9.72 39.52
N GLY C 277 47.93 10.30 40.29
CA GLY C 277 48.16 10.62 41.68
C GLY C 277 48.11 12.11 42.01
N VAL C 278 48.33 12.98 41.04
CA VAL C 278 48.37 14.41 41.32
C VAL C 278 46.95 14.96 41.39
N SER C 279 46.78 16.08 42.05
CA SER C 279 45.48 16.72 42.14
C SER C 279 45.18 17.47 40.85
N VAL C 280 43.94 17.98 40.75
CA VAL C 280 43.59 18.77 39.59
C VAL C 280 44.22 20.15 39.64
N LEU C 281 44.59 20.62 40.83
CA LEU C 281 45.23 21.92 40.95
C LEU C 281 46.68 21.85 40.50
N ASP C 282 47.39 20.80 40.89
CA ASP C 282 48.78 20.66 40.51
C ASP C 282 48.95 20.27 39.06
N ALA C 283 47.99 19.52 38.51
CA ALA C 283 48.04 19.15 37.10
C ALA C 283 47.77 20.37 36.21
N ASP C 284 46.72 21.13 36.55
CA ASP C 284 46.38 22.45 35.98
C ASP C 284 46.20 22.35 34.46
N ILE C 285 45.14 21.64 34.08
CA ILE C 285 45.00 21.21 32.69
C ILE C 285 44.58 22.38 31.79
N HIS C 286 43.88 23.37 32.34
CA HIS C 286 43.33 24.42 31.48
C HIS C 286 44.41 25.39 31.01
N ASP C 287 45.22 25.92 31.93
CA ASP C 287 46.19 26.94 31.53
C ASP C 287 47.39 26.36 30.80
N VAL C 288 47.65 25.07 30.95
CA VAL C 288 48.64 24.41 30.12
C VAL C 288 48.10 24.23 28.70
N THR C 289 46.89 23.69 28.58
CA THR C 289 46.36 23.23 27.31
C THR C 289 45.42 24.23 26.66
N GLY C 290 44.36 24.61 27.35
CA GLY C 290 43.36 25.48 26.75
C GLY C 290 42.02 24.80 26.62
N VAL C 291 41.85 23.69 27.33
CA VAL C 291 40.63 22.90 27.31
C VAL C 291 39.91 23.12 28.62
N ILE C 292 38.64 23.55 28.54
CA ILE C 292 37.84 23.73 29.73
C ILE C 292 37.42 22.35 30.24
N ILE C 293 37.90 21.98 31.42
CA ILE C 293 37.60 20.66 31.96
C ILE C 293 36.24 20.68 32.62
N ILE C 294 35.33 19.86 32.11
CA ILE C 294 33.98 19.79 32.65
C ILE C 294 33.97 18.81 33.81
N GLY C 295 34.33 17.55 33.56
CA GLY C 295 34.26 16.56 34.60
C GLY C 295 35.07 15.32 34.29
N VAL C 296 35.13 14.43 35.27
CA VAL C 296 35.92 13.20 35.19
C VAL C 296 34.98 12.00 35.31
N GLY C 297 35.21 11.01 34.46
CA GLY C 297 34.37 9.83 34.41
C GLY C 297 34.82 8.62 35.21
N ARG C 298 34.74 8.67 36.54
CA ARG C 298 35.22 7.56 37.37
C ARG C 298 34.15 6.48 37.43
N GLY C 299 34.10 5.64 36.39
CA GLY C 299 33.35 4.39 36.46
C GLY C 299 31.84 4.48 36.60
N ASP C 300 31.16 4.89 35.53
CA ASP C 300 29.69 5.02 35.47
C ASP C 300 29.18 6.05 36.48
N GLU C 301 29.94 7.13 36.63
CA GLU C 301 29.46 8.32 37.31
C GLU C 301 30.22 9.49 36.71
N LEU C 302 29.66 10.69 36.89
CA LEU C 302 30.23 11.88 36.30
C LEU C 302 30.30 12.95 37.37
N ILE C 303 31.51 13.39 37.69
CA ILE C 303 31.73 14.43 38.68
C ILE C 303 31.95 15.72 37.91
N ILE C 304 30.85 16.41 37.61
CA ILE C 304 30.93 17.71 36.95
C ILE C 304 31.51 18.73 37.92
N ASP C 305 32.55 19.45 37.48
CA ASP C 305 33.40 20.35 38.26
C ASP C 305 33.92 19.61 39.48
N PRO C 306 34.94 18.75 39.32
CA PRO C 306 35.52 18.09 40.49
C PRO C 306 36.18 19.11 41.40
N PRO C 307 36.19 18.87 42.72
CA PRO C 307 36.85 19.82 43.63
C PRO C 307 38.36 19.81 43.52
N ARG C 308 39.02 20.66 44.31
CA ARG C 308 40.45 20.89 44.16
C ARG C 308 41.28 19.68 44.53
N ASP C 309 40.88 18.95 45.57
CA ASP C 309 41.66 17.82 46.07
C ASP C 309 41.23 16.50 45.46
N TYR C 310 40.66 16.51 44.27
CA TYR C 310 40.41 15.27 43.54
C TYR C 310 41.71 14.81 42.90
N SER C 311 42.10 13.57 43.17
CA SER C 311 43.33 13.00 42.62
C SER C 311 43.00 12.07 41.47
N PHE C 312 43.73 12.20 40.37
CA PHE C 312 43.47 11.39 39.20
C PHE C 312 43.92 9.94 39.44
N ARG C 313 43.29 9.03 38.70
CA ARG C 313 43.64 7.63 38.74
C ARG C 313 43.88 7.14 37.32
N ALA C 314 44.15 5.86 37.17
CA ALA C 314 44.22 5.27 35.85
C ALA C 314 42.84 4.80 35.42
N GLY C 315 42.63 4.75 34.10
CA GLY C 315 41.35 4.35 33.57
C GLY C 315 40.26 5.38 33.68
N ASP C 316 40.56 6.59 34.14
CA ASP C 316 39.58 7.65 34.16
C ASP C 316 39.33 8.17 32.75
N ILE C 317 38.33 9.05 32.65
CA ILE C 317 37.94 9.66 31.38
C ILE C 317 37.68 11.13 31.65
N ILE C 318 38.35 12.00 30.91
CA ILE C 318 38.26 13.43 31.10
C ILE C 318 37.37 14.03 30.03
N LEU C 319 36.31 14.71 30.44
CA LEU C 319 35.35 15.33 29.52
C LEU C 319 35.64 16.82 29.47
N GLY C 320 35.85 17.35 28.27
CA GLY C 320 36.17 18.75 28.14
C GLY C 320 35.86 19.31 26.77
N ILE C 321 35.72 20.64 26.73
CA ILE C 321 35.46 21.40 25.51
C ILE C 321 36.76 22.06 25.08
N GLY C 322 37.10 21.92 23.80
CA GLY C 322 38.29 22.58 23.30
C GLY C 322 38.34 22.58 21.79
N LYS C 323 39.17 23.47 21.27
CA LYS C 323 39.45 23.54 19.84
C LYS C 323 40.19 22.28 19.41
N PRO C 324 40.07 21.88 18.13
CA PRO C 324 40.76 20.64 17.70
C PRO C 324 42.27 20.75 17.65
N GLU C 325 42.84 21.94 17.75
CA GLU C 325 44.27 22.12 17.94
C GLU C 325 44.65 22.21 19.41
N GLU C 326 43.68 22.18 20.32
CA GLU C 326 43.95 22.08 21.75
C GLU C 326 43.73 20.68 22.30
N ILE C 327 42.97 19.84 21.61
CA ILE C 327 42.83 18.46 22.05
C ILE C 327 44.10 17.69 21.74
N GLU C 328 44.83 18.09 20.70
CA GLU C 328 46.13 17.50 20.41
C GLU C 328 47.16 17.87 21.47
N ARG C 329 47.05 19.08 22.02
CA ARG C 329 47.91 19.48 23.12
C ARG C 329 47.53 18.81 24.43
N LEU C 330 46.36 18.17 24.50
CA LEU C 330 45.92 17.46 25.69
C LEU C 330 46.21 15.97 25.62
N LYS C 331 46.01 15.35 24.45
CA LYS C 331 46.15 13.91 24.34
C LYS C 331 47.60 13.46 24.43
N ASN C 332 48.55 14.36 24.20
CA ASN C 332 49.95 14.08 24.46
C ASN C 332 50.37 14.47 25.88
N TYR C 333 49.60 15.34 26.54
CA TYR C 333 49.95 15.75 27.89
C TYR C 333 49.63 14.67 28.92
N ILE C 334 48.71 13.78 28.61
CA ILE C 334 48.30 12.74 29.55
C ILE C 334 48.87 11.38 29.17
N SER C 335 49.59 11.29 28.06
CA SER C 335 50.16 10.03 27.62
C SER C 335 51.64 9.95 28.02
N ALA C 336 52.05 8.76 28.43
CA ALA C 336 53.45 8.52 28.79
C ALA C 336 54.17 7.75 27.69
N ALA D 20 32.88 -13.91 -4.81
CA ALA D 20 33.30 -12.96 -5.83
C ALA D 20 34.68 -13.29 -6.35
N THR D 21 35.67 -13.28 -5.46
CA THR D 21 37.04 -13.65 -5.80
C THR D 21 37.49 -14.91 -5.08
N ARG D 22 36.70 -15.42 -4.13
CA ARG D 22 36.98 -16.73 -3.56
C ARG D 22 36.72 -17.84 -4.58
N ILE D 23 35.90 -17.57 -5.60
CA ILE D 23 35.71 -18.52 -6.69
C ILE D 23 36.98 -18.67 -7.50
N LEU D 24 37.71 -17.56 -7.69
CA LEU D 24 38.94 -17.59 -8.47
C LEU D 24 40.03 -18.36 -7.76
N LEU D 25 40.03 -18.35 -6.42
CA LEU D 25 40.99 -19.15 -5.68
C LEU D 25 40.66 -20.64 -5.78
N LEU D 26 39.38 -20.99 -5.62
CA LEU D 26 38.96 -22.39 -5.63
C LEU D 26 39.12 -23.01 -7.01
N VAL D 27 38.93 -22.22 -8.07
CA VAL D 27 39.24 -22.71 -9.42
C VAL D 27 40.74 -22.92 -9.56
N LEU D 28 41.53 -22.00 -9.01
CA LEU D 28 42.98 -22.18 -8.99
C LEU D 28 43.41 -23.27 -8.01
N ALA D 29 42.56 -23.64 -7.06
CA ALA D 29 42.90 -24.72 -6.15
C ALA D 29 42.87 -26.08 -6.85
N VAL D 30 41.82 -26.32 -7.65
CA VAL D 30 41.70 -27.64 -8.28
C VAL D 30 42.64 -27.81 -9.47
N ILE D 31 43.14 -26.72 -10.05
CA ILE D 31 44.20 -26.87 -11.03
C ILE D 31 45.51 -27.25 -10.33
N ILE D 32 45.70 -26.76 -9.11
CA ILE D 32 46.86 -27.18 -8.33
C ILE D 32 46.62 -28.56 -7.74
N TYR D 33 45.39 -28.92 -7.38
CA TYR D 33 45.25 -30.29 -6.91
C TYR D 33 45.46 -31.32 -8.05
N GLY D 34 44.79 -31.05 -9.18
CA GLY D 34 44.84 -31.92 -10.34
C GLY D 34 46.14 -32.07 -11.10
N THR D 35 46.82 -30.96 -11.35
CA THR D 35 48.08 -31.01 -12.08
C THR D 35 49.08 -31.80 -11.27
N ALA D 36 49.12 -31.52 -9.98
CA ALA D 36 50.03 -32.20 -9.07
C ALA D 36 49.71 -33.68 -9.06
N GLY D 37 48.43 -34.03 -9.02
CA GLY D 37 48.07 -35.43 -9.04
C GLY D 37 48.49 -36.16 -10.30
N PHE D 38 48.28 -35.55 -11.47
CA PHE D 38 48.62 -36.21 -12.75
C PHE D 38 50.10 -36.48 -13.10
N HIS D 39 50.94 -35.50 -12.80
CA HIS D 39 52.36 -35.49 -13.09
C HIS D 39 53.09 -36.53 -12.26
N PHE D 40 52.75 -36.65 -10.99
CA PHE D 40 53.52 -37.49 -10.08
C PHE D 40 52.98 -38.89 -9.95
N ILE D 41 51.92 -39.26 -10.66
CA ILE D 41 51.44 -40.63 -10.70
C ILE D 41 51.66 -41.24 -12.08
N GLU D 42 51.30 -40.53 -13.15
CA GLU D 42 51.51 -41.04 -14.49
C GLU D 42 52.93 -40.82 -14.99
N GLY D 43 53.69 -39.95 -14.35
CA GLY D 43 55.01 -39.61 -14.85
C GLY D 43 55.00 -38.74 -16.08
N GLU D 44 53.90 -38.05 -16.35
CA GLU D 44 53.79 -37.25 -17.55
C GLU D 44 54.45 -35.88 -17.33
N SER D 45 54.61 -35.14 -18.42
CA SER D 45 55.28 -33.85 -18.40
C SER D 45 54.46 -32.80 -17.66
N TRP D 46 55.08 -31.65 -17.41
CA TRP D 46 54.35 -30.58 -16.75
C TRP D 46 53.41 -29.88 -17.71
N THR D 47 53.77 -29.77 -18.98
CA THR D 47 52.88 -29.17 -19.96
C THR D 47 51.78 -30.13 -20.39
N VAL D 48 51.95 -31.42 -20.16
CA VAL D 48 50.89 -32.38 -20.45
C VAL D 48 49.91 -32.41 -19.29
N SER D 49 50.44 -32.34 -18.06
CA SER D 49 49.59 -32.39 -16.88
C SER D 49 48.74 -31.14 -16.74
N LEU D 50 49.22 -30.00 -17.25
CA LEU D 50 48.38 -28.82 -17.29
C LEU D 50 47.31 -28.95 -18.37
N TYR D 51 47.67 -29.50 -19.52
CA TYR D 51 46.73 -29.62 -20.63
C TYR D 51 45.65 -30.64 -20.33
N TRP D 52 45.98 -31.70 -19.60
CA TRP D 52 44.98 -32.71 -19.32
C TRP D 52 43.96 -32.24 -18.30
N THR D 53 44.37 -31.40 -17.36
CA THR D 53 43.45 -30.94 -16.33
C THR D 53 42.46 -29.95 -16.90
N PHE D 54 42.85 -29.19 -17.92
CA PHE D 54 41.94 -28.20 -18.47
C PHE D 54 40.92 -28.80 -19.43
N VAL D 55 41.20 -29.98 -19.99
CA VAL D 55 40.19 -30.66 -20.80
C VAL D 55 39.35 -31.61 -19.98
N THR D 56 39.60 -31.72 -18.68
CA THR D 56 38.85 -32.58 -17.79
C THR D 56 37.89 -31.81 -16.90
N ILE D 57 38.32 -30.67 -16.37
CA ILE D 57 37.42 -29.80 -15.63
C ILE D 57 36.34 -29.23 -16.54
N ALA D 58 36.71 -28.91 -17.77
CA ALA D 58 35.77 -28.38 -18.74
C ALA D 58 34.94 -29.45 -19.41
N THR D 59 35.10 -30.72 -19.01
CA THR D 59 34.40 -31.89 -19.54
C THR D 59 34.57 -32.04 -21.06
N VAL D 60 35.70 -31.63 -21.60
CA VAL D 60 35.98 -31.91 -23.00
C VAL D 60 36.45 -33.34 -23.18
N GLY D 61 37.59 -33.68 -22.58
CA GLY D 61 38.02 -35.06 -22.49
C GLY D 61 38.38 -35.72 -23.80
N TYR D 62 39.50 -35.33 -24.41
CA TYR D 62 39.89 -35.92 -25.68
C TYR D 62 40.22 -37.39 -25.54
N GLY D 63 40.82 -37.79 -24.43
CA GLY D 63 41.15 -39.18 -24.24
C GLY D 63 42.43 -39.62 -24.89
N ASP D 64 43.35 -38.71 -25.16
CA ASP D 64 44.67 -39.08 -25.62
C ASP D 64 45.63 -39.34 -24.48
N TYR D 65 45.31 -38.84 -23.28
CA TYR D 65 46.17 -38.93 -22.11
C TYR D 65 45.37 -39.40 -20.91
N SER D 66 44.64 -40.47 -21.10
CA SER D 66 43.85 -41.09 -20.05
C SER D 66 44.74 -41.81 -19.04
N PRO D 67 44.28 -41.94 -17.79
CA PRO D 67 45.14 -42.59 -16.78
C PRO D 67 44.87 -44.09 -16.59
N SER D 68 45.84 -44.91 -16.97
CA SER D 68 45.78 -46.38 -16.86
C SER D 68 45.75 -47.01 -15.46
N THR D 69 46.57 -46.51 -14.54
CA THR D 69 46.69 -47.07 -13.19
C THR D 69 45.42 -46.98 -12.35
N PRO D 70 45.13 -48.05 -11.57
CA PRO D 70 43.91 -47.99 -10.74
C PRO D 70 43.97 -46.96 -9.63
N LEU D 71 45.17 -46.59 -9.16
CA LEU D 71 45.28 -45.40 -8.34
C LEU D 71 44.96 -44.14 -9.14
N GLY D 72 45.42 -44.08 -10.39
CA GLY D 72 45.15 -42.93 -11.22
C GLY D 72 43.70 -42.82 -11.64
N MET D 73 43.02 -43.96 -11.78
CA MET D 73 41.60 -43.93 -12.08
C MET D 73 40.80 -43.44 -10.88
N TYR D 74 41.26 -43.74 -9.66
CA TYR D 74 40.60 -43.21 -8.49
C TYR D 74 40.92 -41.74 -8.28
N PHE D 75 41.99 -41.24 -8.89
CA PHE D 75 42.33 -39.83 -8.75
C PHE D 75 41.39 -38.97 -9.58
N THR D 76 41.13 -39.40 -10.81
CA THR D 76 40.30 -38.67 -11.76
C THR D 76 38.88 -38.48 -11.26
N VAL D 77 38.35 -39.49 -10.57
CA VAL D 77 37.00 -39.39 -10.03
C VAL D 77 36.92 -38.24 -9.02
N THR D 78 37.96 -38.10 -8.19
CA THR D 78 38.02 -37.02 -7.23
C THR D 78 38.08 -35.68 -7.96
N LEU D 79 38.84 -35.63 -9.06
CA LEU D 79 38.96 -34.39 -9.82
C LEU D 79 37.66 -34.04 -10.52
N ILE D 80 36.88 -35.05 -10.91
CA ILE D 80 35.63 -34.81 -11.59
C ILE D 80 34.58 -34.27 -10.64
N VAL D 81 34.52 -34.81 -9.42
CA VAL D 81 33.59 -34.30 -8.41
C VAL D 81 33.98 -32.89 -7.99
N LEU D 82 35.28 -32.59 -7.93
CA LEU D 82 35.69 -31.22 -7.72
C LEU D 82 35.48 -30.36 -8.96
N GLY D 83 35.30 -30.97 -10.13
CA GLY D 83 34.91 -30.23 -11.31
C GLY D 83 33.47 -29.79 -11.24
N ILE D 84 32.58 -30.71 -10.89
CA ILE D 84 31.18 -30.37 -10.69
C ILE D 84 30.99 -29.60 -9.39
N GLY D 85 31.93 -29.71 -8.46
CA GLY D 85 31.83 -28.95 -7.23
C GLY D 85 31.98 -27.45 -7.46
N THR D 86 33.06 -27.04 -8.13
CA THR D 86 33.28 -25.63 -8.36
C THR D 86 32.38 -25.06 -9.45
N PHE D 87 31.86 -25.90 -10.35
CA PHE D 87 30.83 -25.42 -11.26
C PHE D 87 29.46 -25.36 -10.62
N ALA D 88 29.33 -25.75 -9.35
CA ALA D 88 28.09 -25.57 -8.61
C ALA D 88 28.18 -24.46 -7.58
N VAL D 89 29.39 -24.02 -7.24
CA VAL D 89 29.55 -22.81 -6.43
C VAL D 89 29.65 -21.57 -7.31
N ALA D 90 30.19 -21.69 -8.52
CA ALA D 90 30.22 -20.57 -9.45
C ALA D 90 28.85 -20.27 -10.04
N VAL D 91 28.00 -21.27 -10.20
CA VAL D 91 26.66 -21.02 -10.73
C VAL D 91 25.79 -20.37 -9.68
N GLU D 92 25.88 -20.84 -8.43
CA GLU D 92 25.04 -20.26 -7.38
C GLU D 92 25.53 -18.87 -6.97
N ARG D 93 26.78 -18.51 -7.27
CA ARG D 93 27.21 -17.16 -7.02
C ARG D 93 26.81 -16.23 -8.16
N LEU D 94 26.79 -16.73 -9.39
CA LEU D 94 26.26 -15.95 -10.50
C LEU D 94 24.77 -15.70 -10.34
N LEU D 95 24.01 -16.74 -10.00
CA LEU D 95 22.58 -16.58 -9.89
C LEU D 95 22.16 -15.83 -8.63
N GLU D 96 23.01 -15.79 -7.61
CA GLU D 96 22.75 -14.89 -6.49
C GLU D 96 23.06 -13.46 -6.89
N PHE D 97 23.99 -13.26 -7.82
CA PHE D 97 24.32 -11.93 -8.31
C PHE D 97 23.25 -11.41 -9.26
N LEU D 98 22.68 -12.27 -10.10
CA LEU D 98 21.74 -11.79 -11.10
C LEU D 98 20.34 -11.58 -10.55
N ILE D 99 19.88 -12.41 -9.62
CA ILE D 99 18.55 -12.18 -9.06
C ILE D 99 18.58 -10.96 -8.16
N ASN D 100 19.69 -10.72 -7.47
CA ASN D 100 19.79 -9.54 -6.63
C ASN D 100 19.95 -8.26 -7.43
N ARG D 101 20.68 -8.32 -8.55
CA ARG D 101 20.88 -7.12 -9.34
C ARG D 101 19.63 -6.74 -10.12
N GLU D 102 18.88 -7.73 -10.61
CA GLU D 102 17.65 -7.39 -11.32
C GLU D 102 16.51 -7.04 -10.39
N GLN D 103 16.65 -7.26 -9.09
CA GLN D 103 15.64 -6.83 -8.13
C GLN D 103 15.90 -5.40 -7.67
N MET D 104 17.16 -5.03 -7.47
CA MET D 104 17.48 -3.65 -7.12
C MET D 104 17.24 -2.72 -8.29
N LYS D 105 17.56 -3.16 -9.50
CA LYS D 105 17.34 -2.36 -10.70
C LYS D 105 15.86 -2.16 -10.98
N LEU D 106 15.03 -3.10 -10.54
CA LEU D 106 13.60 -3.03 -10.85
C LEU D 106 12.89 -1.98 -10.02
N MET D 107 13.17 -1.93 -8.72
CA MET D 107 12.45 -1.05 -7.82
C MET D 107 13.21 0.24 -7.54
N GLY D 108 13.92 0.76 -8.51
CA GLY D 108 14.68 1.99 -8.33
C GLY D 108 16.11 1.68 -7.96
N LEU D 109 16.52 2.08 -6.75
CA LEU D 109 17.61 1.49 -5.94
C LEU D 109 18.92 1.31 -6.69
N ILE D 110 19.21 2.17 -7.65
CA ILE D 110 20.37 2.02 -8.52
C ILE D 110 20.96 3.41 -8.74
N ASP D 111 22.24 3.46 -9.11
CA ASP D 111 22.95 4.71 -9.30
C ASP D 111 23.03 5.04 -10.77
N VAL D 112 22.74 6.28 -11.11
CA VAL D 112 22.86 6.73 -12.49
C VAL D 112 24.34 6.97 -12.79
N ALA D 113 24.79 6.45 -13.92
CA ALA D 113 26.19 6.57 -14.32
C ALA D 113 26.37 7.42 -15.57
N LYS D 114 25.30 7.88 -16.20
CA LYS D 114 25.39 8.63 -17.44
C LYS D 114 25.92 10.03 -17.19
N SER D 115 26.17 10.76 -18.27
CA SER D 115 26.84 12.05 -18.13
C SER D 115 26.27 13.16 -19.01
N ARG D 116 25.20 12.92 -19.75
CA ARG D 116 24.55 14.00 -20.48
C ARG D 116 23.05 13.82 -20.42
N HIS D 117 22.56 13.24 -19.34
CA HIS D 117 21.17 12.86 -19.16
C HIS D 117 20.36 14.04 -18.64
N VAL D 118 19.04 13.83 -18.58
CA VAL D 118 18.10 14.83 -18.06
C VAL D 118 17.39 14.21 -16.87
N VAL D 119 17.48 14.87 -15.72
CA VAL D 119 16.87 14.38 -14.48
C VAL D 119 15.58 15.15 -14.24
N ILE D 120 14.51 14.41 -13.95
CA ILE D 120 13.19 14.99 -13.70
C ILE D 120 12.81 14.68 -12.26
N CYS D 121 12.80 15.70 -11.41
CA CYS D 121 12.43 15.53 -10.02
C CYS D 121 10.93 15.72 -9.89
N GLY D 122 10.23 14.66 -9.51
CA GLY D 122 8.77 14.70 -9.47
C GLY D 122 8.17 14.21 -10.76
N TRP D 123 6.84 14.11 -10.76
CA TRP D 123 6.13 13.53 -11.90
C TRP D 123 4.71 14.02 -11.90
N SER D 124 4.30 14.66 -12.99
CA SER D 124 2.94 15.14 -13.14
C SER D 124 2.60 15.10 -14.63
N GLU D 125 1.53 15.80 -15.00
CA GLU D 125 1.17 15.84 -16.40
C GLU D 125 2.09 16.77 -17.19
N SER D 126 2.66 17.78 -16.53
CA SER D 126 3.54 18.69 -17.25
C SER D 126 4.89 18.06 -17.55
N THR D 127 5.32 17.07 -16.77
CA THR D 127 6.53 16.34 -17.11
C THR D 127 6.27 15.17 -18.04
N LEU D 128 5.04 14.64 -18.06
CA LEU D 128 4.70 13.65 -19.06
C LEU D 128 4.62 14.28 -20.44
N GLU D 129 4.23 15.54 -20.51
CA GLU D 129 4.16 16.24 -21.78
C GLU D 129 5.52 16.65 -22.31
N CYS D 130 6.55 16.71 -21.48
CA CYS D 130 7.88 16.99 -21.97
C CYS D 130 8.70 15.73 -22.19
N LEU D 131 8.11 14.57 -22.03
CA LEU D 131 8.72 13.32 -22.46
C LEU D 131 8.38 12.95 -23.89
N ARG D 132 7.34 13.55 -24.44
CA ARG D 132 6.98 13.31 -25.83
C ARG D 132 7.80 14.16 -26.78
N GLU D 133 8.66 15.03 -26.26
CA GLU D 133 9.60 15.78 -27.07
C GLU D 133 11.05 15.53 -26.67
N LEU D 134 11.31 14.48 -25.89
CA LEU D 134 12.65 14.09 -25.50
C LEU D 134 12.83 12.60 -25.76
N ARG D 135 14.07 12.14 -25.60
CA ARG D 135 14.37 10.73 -25.77
C ARG D 135 13.92 9.95 -24.53
N GLY D 136 14.03 8.63 -24.61
CA GLY D 136 13.61 7.81 -23.49
C GLY D 136 14.72 7.46 -22.53
N SER D 137 15.81 6.91 -23.04
CA SER D 137 16.93 6.46 -22.21
C SER D 137 17.81 7.59 -21.73
N GLU D 138 17.56 8.81 -22.19
CA GLU D 138 18.26 10.00 -21.72
C GLU D 138 17.63 10.58 -20.46
N VAL D 139 16.43 10.14 -20.09
CA VAL D 139 15.65 10.77 -19.04
C VAL D 139 15.61 9.85 -17.83
N PHE D 140 15.89 10.40 -16.64
CA PHE D 140 15.82 9.69 -15.38
C PHE D 140 14.84 10.43 -14.48
N VAL D 141 13.84 9.73 -13.98
CA VAL D 141 12.83 10.32 -13.11
C VAL D 141 13.13 9.91 -11.68
N LEU D 142 13.38 10.89 -10.83
CA LEU D 142 13.72 10.67 -9.43
C LEU D 142 12.50 10.96 -8.58
N ALA D 143 11.86 9.92 -8.08
CA ALA D 143 10.67 10.07 -7.25
C ALA D 143 10.71 9.02 -6.16
N GLU D 144 9.67 8.99 -5.35
CA GLU D 144 9.62 8.10 -4.20
C GLU D 144 8.36 7.29 -4.11
N ASP D 145 7.28 7.69 -4.77
CA ASP D 145 6.03 6.97 -4.75
C ASP D 145 6.15 5.64 -5.49
N GLU D 146 5.23 4.74 -5.18
CA GLU D 146 5.22 3.40 -5.76
C GLU D 146 4.37 3.31 -7.01
N ASN D 147 3.40 4.22 -7.16
CA ASN D 147 2.58 4.25 -8.35
C ASN D 147 3.25 5.01 -9.49
N VAL D 148 4.14 5.93 -9.14
CA VAL D 148 4.93 6.67 -10.12
C VAL D 148 5.90 5.74 -10.83
N ARG D 149 6.33 4.68 -10.16
CA ARG D 149 7.30 3.75 -10.75
C ARG D 149 6.69 3.02 -11.94
N LYS D 150 5.42 2.65 -11.87
CA LYS D 150 4.81 1.96 -12.98
C LYS D 150 4.42 2.91 -14.10
N LYS D 151 4.15 4.18 -13.79
CA LYS D 151 3.88 5.15 -14.83
C LYS D 151 5.15 5.54 -15.57
N VAL D 152 6.29 5.54 -14.90
CA VAL D 152 7.55 5.92 -15.52
C VAL D 152 8.05 4.81 -16.42
N LEU D 153 7.93 3.56 -15.99
CA LEU D 153 8.36 2.42 -16.81
C LEU D 153 7.50 2.25 -18.05
N ARG D 154 6.23 2.64 -18.01
CA ARG D 154 5.38 2.57 -19.19
C ARG D 154 5.77 3.60 -20.23
N SER D 155 6.35 4.72 -19.81
CA SER D 155 6.62 5.84 -20.71
C SER D 155 7.99 5.79 -21.33
N GLY D 156 8.86 4.88 -20.90
CA GLY D 156 10.14 4.72 -21.53
C GLY D 156 11.30 5.45 -20.87
N ALA D 157 11.11 6.00 -19.68
CA ALA D 157 12.19 6.60 -18.92
C ALA D 157 12.70 5.61 -17.89
N ASN D 158 13.65 6.05 -17.08
CA ASN D 158 14.23 5.21 -16.04
C ASN D 158 13.91 5.77 -14.66
N PHE D 159 13.61 4.90 -13.72
CA PHE D 159 13.15 5.30 -12.40
C PHE D 159 14.28 5.16 -11.38
N VAL D 160 14.59 6.24 -10.69
CA VAL D 160 15.50 6.24 -9.55
C VAL D 160 14.68 6.47 -8.30
N HIS D 161 14.81 5.60 -7.32
CA HIS D 161 14.06 5.77 -6.09
C HIS D 161 14.81 6.70 -5.16
N GLY D 162 14.20 7.80 -4.78
CA GLY D 162 14.84 8.70 -3.86
C GLY D 162 13.94 9.88 -3.57
N ASP D 163 14.28 10.56 -2.49
CA ASP D 163 13.65 11.82 -2.14
C ASP D 163 14.36 12.93 -2.91
N PRO D 164 13.66 13.70 -3.75
CA PRO D 164 14.34 14.75 -4.49
C PRO D 164 14.75 15.94 -3.65
N THR D 165 14.22 16.10 -2.44
CA THR D 165 14.66 17.19 -1.59
C THR D 165 15.92 16.84 -0.80
N ARG D 166 16.23 15.57 -0.64
CA ARG D 166 17.40 15.13 0.11
C ARG D 166 18.61 15.16 -0.79
N VAL D 167 19.68 15.83 -0.34
CA VAL D 167 20.87 16.03 -1.16
C VAL D 167 21.63 14.72 -1.34
N SER D 168 21.47 13.77 -0.42
CA SER D 168 22.10 12.48 -0.57
C SER D 168 21.45 11.64 -1.65
N ASP D 169 20.21 11.93 -2.00
CA ASP D 169 19.50 11.22 -3.05
C ASP D 169 19.51 11.97 -4.38
N LEU D 170 19.87 13.24 -4.38
CA LEU D 170 20.10 13.96 -5.62
C LEU D 170 21.44 13.59 -6.25
N GLU D 171 22.32 12.94 -5.50
CA GLU D 171 23.60 12.49 -6.04
C GLU D 171 23.54 11.07 -6.57
N LYS D 172 22.55 10.29 -6.16
CA LYS D 172 22.31 9.01 -6.84
C LYS D 172 21.81 9.22 -8.26
N ALA D 173 21.07 10.30 -8.48
CA ALA D 173 20.59 10.64 -9.81
C ALA D 173 21.64 11.35 -10.65
N ASN D 174 22.80 11.64 -10.06
CA ASN D 174 23.95 12.23 -10.75
C ASN D 174 23.63 13.58 -11.38
N VAL D 175 23.08 14.50 -10.57
CA VAL D 175 22.75 15.82 -11.09
C VAL D 175 23.95 16.72 -11.25
N ARG D 176 25.15 16.26 -10.90
CA ARG D 176 26.34 17.05 -11.15
C ARG D 176 26.80 16.94 -12.59
N GLY D 177 26.56 15.80 -13.22
CA GLY D 177 26.92 15.61 -14.60
C GLY D 177 25.73 15.50 -15.50
N ALA D 178 24.73 16.35 -15.29
CA ALA D 178 23.48 16.28 -16.04
C ALA D 178 23.38 17.45 -17.00
N ARG D 179 22.54 17.27 -18.00
CA ARG D 179 22.34 18.28 -19.02
C ARG D 179 21.43 19.39 -18.53
N ALA D 180 20.27 19.03 -17.98
CA ALA D 180 19.40 19.93 -17.28
C ALA D 180 18.60 19.14 -16.27
N VAL D 181 18.12 19.84 -15.24
CA VAL D 181 17.24 19.26 -14.23
C VAL D 181 15.89 19.96 -14.31
N ILE D 182 14.82 19.18 -14.25
CA ILE D 182 13.46 19.71 -14.34
C ILE D 182 12.76 19.39 -13.04
N VAL D 183 12.44 20.41 -12.26
CA VAL D 183 11.82 20.26 -10.95
C VAL D 183 10.34 20.57 -11.07
N ASP D 184 9.51 19.59 -10.73
CA ASP D 184 8.06 19.80 -10.68
C ASP D 184 7.51 18.88 -9.59
N LEU D 185 7.37 19.43 -8.39
CA LEU D 185 7.03 18.66 -7.21
C LEU D 185 5.64 19.02 -6.72
N GLU D 186 5.24 18.42 -5.61
CA GLU D 186 3.85 18.50 -5.18
C GLU D 186 3.51 19.84 -4.55
N SER D 187 4.46 20.49 -3.90
CA SER D 187 4.25 21.79 -3.30
C SER D 187 5.23 22.77 -3.93
N ASP D 188 5.05 24.03 -3.57
CA ASP D 188 6.11 25.00 -3.78
C ASP D 188 7.13 24.97 -2.68
N SER D 189 6.82 24.30 -1.57
CA SER D 189 7.79 24.12 -0.51
C SER D 189 8.87 23.14 -0.93
N GLU D 190 8.48 22.07 -1.61
CA GLU D 190 9.44 21.09 -2.08
C GLU D 190 10.19 21.56 -3.31
N THR D 191 9.57 22.41 -4.13
CA THR D 191 10.26 22.91 -5.31
C THR D 191 11.36 23.89 -4.94
N ILE D 192 11.13 24.75 -3.95
CA ILE D 192 12.18 25.64 -3.47
C ILE D 192 13.28 24.84 -2.78
N HIS D 193 12.92 23.82 -2.03
CA HIS D 193 13.90 23.02 -1.32
C HIS D 193 14.65 22.06 -2.22
N CYS D 194 14.12 21.71 -3.38
CA CYS D 194 14.88 20.90 -4.31
C CYS D 194 15.83 21.76 -5.15
N ILE D 195 15.45 22.99 -5.46
CA ILE D 195 16.34 23.91 -6.15
C ILE D 195 17.51 24.30 -5.28
N LEU D 196 17.26 24.56 -4.00
CA LEU D 196 18.31 24.90 -3.06
C LEU D 196 19.28 23.76 -2.82
N GLY D 197 18.87 22.53 -3.09
CA GLY D 197 19.75 21.39 -2.92
C GLY D 197 20.55 21.08 -4.16
N ILE D 198 20.00 21.36 -5.35
CA ILE D 198 20.76 21.17 -6.58
C ILE D 198 21.83 22.23 -6.69
N ARG D 199 21.53 23.47 -6.28
CA ARG D 199 22.50 24.55 -6.35
C ARG D 199 23.61 24.40 -5.32
N LYS D 200 23.45 23.52 -4.34
CA LYS D 200 24.53 23.19 -3.42
C LYS D 200 25.48 22.19 -4.02
N ILE D 201 25.03 21.38 -4.96
CA ILE D 201 25.86 20.37 -5.62
C ILE D 201 26.57 20.97 -6.82
N ASP D 202 25.82 21.42 -7.82
CA ASP D 202 26.38 21.98 -9.03
C ASP D 202 25.76 23.34 -9.28
N GLU D 203 26.58 24.38 -9.25
CA GLU D 203 26.08 25.73 -9.44
C GLU D 203 25.88 26.09 -10.91
N SER D 204 26.37 25.28 -11.84
CA SER D 204 26.31 25.63 -13.25
C SER D 204 25.26 24.86 -14.04
N VAL D 205 24.64 23.83 -13.45
CA VAL D 205 23.64 23.05 -14.17
C VAL D 205 22.38 23.89 -14.38
N ARG D 206 21.61 23.53 -15.40
CA ARG D 206 20.43 24.28 -15.80
C ARG D 206 19.20 23.72 -15.12
N ILE D 207 18.49 24.56 -14.36
CA ILE D 207 17.32 24.15 -13.60
C ILE D 207 16.10 24.83 -14.18
N ILE D 208 15.09 24.04 -14.54
CA ILE D 208 13.81 24.53 -15.04
C ILE D 208 12.75 24.12 -14.03
N ALA D 209 12.00 25.07 -13.53
CA ALA D 209 11.13 24.83 -12.40
C ALA D 209 9.73 25.35 -12.68
N GLU D 210 8.76 24.70 -12.04
CA GLU D 210 7.35 25.05 -12.18
C GLU D 210 6.82 25.63 -10.89
N ALA D 211 6.34 26.86 -10.95
CA ALA D 211 5.71 27.52 -9.82
C ALA D 211 4.22 27.24 -9.82
N GLU D 212 3.60 27.41 -8.66
CA GLU D 212 2.17 27.20 -8.53
C GLU D 212 1.44 28.47 -8.12
N ARG D 213 1.89 29.13 -7.07
CA ARG D 213 1.31 30.39 -6.64
C ARG D 213 2.13 31.55 -7.20
N TYR D 214 1.48 32.69 -7.33
CA TYR D 214 2.14 33.86 -7.89
C TYR D 214 3.16 34.45 -6.93
N GLU D 215 3.00 34.24 -5.63
CA GLU D 215 3.93 34.79 -4.66
C GLU D 215 5.28 34.08 -4.66
N ASN D 216 5.35 32.87 -5.20
CA ASN D 216 6.56 32.07 -5.18
C ASN D 216 7.33 32.09 -6.49
N ILE D 217 6.98 32.97 -7.42
CA ILE D 217 7.79 33.07 -8.62
C ILE D 217 9.11 33.75 -8.30
N GLU D 218 9.10 34.70 -7.36
CA GLU D 218 10.33 35.37 -6.98
C GLU D 218 11.21 34.52 -6.09
N GLN D 219 10.62 33.64 -5.26
CA GLN D 219 11.43 32.77 -4.43
C GLN D 219 12.01 31.60 -5.19
N LEU D 220 11.43 31.24 -6.33
CA LEU D 220 12.04 30.22 -7.15
C LEU D 220 13.22 30.74 -7.94
N ARG D 221 13.28 32.04 -8.19
CA ARG D 221 14.41 32.63 -8.88
C ARG D 221 15.56 32.95 -7.95
N MET D 222 15.26 33.43 -6.74
CA MET D 222 16.31 33.67 -5.76
C MET D 222 16.92 32.38 -5.25
N ALA D 223 16.19 31.26 -5.31
CA ALA D 223 16.77 29.99 -4.93
C ALA D 223 17.70 29.46 -6.02
N GLY D 224 17.49 29.87 -7.26
CA GLY D 224 18.47 29.59 -8.29
C GLY D 224 17.96 28.92 -9.56
N ALA D 225 16.67 28.96 -9.83
CA ALA D 225 16.16 28.40 -11.06
C ALA D 225 16.49 29.30 -12.24
N ASP D 226 16.84 28.69 -13.36
CA ASP D 226 17.18 29.47 -14.55
C ASP D 226 15.94 29.85 -15.33
N GLN D 227 14.96 28.95 -15.40
CA GLN D 227 13.69 29.22 -16.05
C GLN D 227 12.57 28.83 -15.11
N VAL D 228 11.67 29.75 -14.83
CA VAL D 228 10.51 29.51 -13.98
C VAL D 228 9.26 29.63 -14.84
N ILE D 229 8.45 28.58 -14.84
CA ILE D 229 7.21 28.52 -15.60
C ILE D 229 6.06 28.44 -14.60
N SER D 230 5.06 29.30 -14.77
CA SER D 230 3.93 29.35 -13.84
C SER D 230 2.64 29.09 -14.59
N PRO D 231 2.20 27.84 -14.70
CA PRO D 231 1.04 27.53 -15.55
C PRO D 231 -0.30 27.89 -14.94
N PHE D 232 -0.41 27.86 -13.61
CA PHE D 232 -1.67 28.21 -12.98
C PHE D 232 -1.92 29.70 -12.92
N VAL D 233 -0.89 30.51 -13.12
CA VAL D 233 -1.07 31.95 -13.19
C VAL D 233 -1.43 32.40 -14.60
N ILE D 234 -0.91 31.71 -15.62
CA ILE D 234 -1.34 31.97 -16.98
C ILE D 234 -2.78 31.51 -17.17
N SER D 235 -3.12 30.34 -16.65
CA SER D 235 -4.46 29.79 -16.82
C SER D 235 -5.49 30.51 -15.98
N GLY D 236 -5.08 31.13 -14.87
CA GLY D 236 -6.00 31.92 -14.09
C GLY D 236 -6.31 33.27 -14.70
N ARG D 237 -5.40 33.82 -15.49
CA ARG D 237 -5.68 35.09 -16.16
C ARG D 237 -6.55 34.88 -17.40
N LEU D 238 -6.34 33.78 -18.12
CA LEU D 238 -7.13 33.51 -19.31
C LEU D 238 -8.56 33.09 -18.96
N MET D 239 -8.78 32.53 -17.77
CA MET D 239 -10.13 32.18 -17.37
C MET D 239 -10.95 33.41 -17.06
N SER D 240 -10.36 34.36 -16.34
CA SER D 240 -11.07 35.57 -15.94
C SER D 240 -11.18 36.60 -17.04
N ARG D 241 -10.47 36.42 -18.15
CA ARG D 241 -10.55 37.34 -19.28
C ARG D 241 -11.20 36.69 -20.49
N SER D 242 -11.92 35.60 -20.28
CA SER D 242 -12.70 34.94 -21.33
C SER D 242 -14.16 34.86 -20.97
N ILE D 243 -14.59 35.50 -19.88
CA ILE D 243 -15.99 35.50 -19.50
C ILE D 243 -16.82 36.29 -20.50
N ASP D 244 -16.25 37.36 -21.05
CA ASP D 244 -16.96 38.18 -22.02
C ASP D 244 -16.71 37.74 -23.47
N ASP D 245 -15.46 37.78 -23.93
CA ASP D 245 -15.18 37.55 -25.34
C ASP D 245 -14.20 36.41 -25.58
N GLY D 246 -13.08 36.38 -24.86
CA GLY D 246 -12.10 35.33 -25.02
C GLY D 246 -11.37 35.35 -26.35
N TYR D 247 -10.72 36.46 -26.68
CA TYR D 247 -9.93 36.55 -27.89
C TYR D 247 -8.45 36.30 -27.64
N GLU D 248 -7.95 36.62 -26.45
CA GLU D 248 -6.57 36.31 -26.15
C GLU D 248 -6.38 34.88 -25.70
N ALA D 249 -7.44 34.21 -25.24
CA ALA D 249 -7.32 32.80 -24.94
C ALA D 249 -7.35 31.95 -26.19
N MET D 250 -7.89 32.46 -27.29
CA MET D 250 -7.78 31.76 -28.56
C MET D 250 -6.38 31.87 -29.14
N PHE D 251 -5.72 33.00 -28.92
CA PHE D 251 -4.35 33.17 -29.40
C PHE D 251 -3.40 32.26 -28.68
N VAL D 252 -3.52 32.17 -27.34
CA VAL D 252 -2.62 31.36 -26.54
C VAL D 252 -2.83 29.88 -26.82
N GLN D 253 -4.07 29.48 -27.08
CA GLN D 253 -4.33 28.06 -27.29
C GLN D 253 -3.90 27.58 -28.67
N ASP D 254 -4.03 28.41 -29.69
CA ASP D 254 -3.68 27.97 -31.04
C ASP D 254 -2.22 28.15 -31.38
N VAL D 255 -1.47 28.96 -30.65
CA VAL D 255 -0.06 29.17 -30.93
C VAL D 255 0.83 28.38 -29.97
N LEU D 256 0.49 28.37 -28.69
CA LEU D 256 1.35 27.76 -27.69
C LEU D 256 0.96 26.33 -27.34
N ALA D 257 -0.32 25.98 -27.37
CA ALA D 257 -0.76 24.69 -26.90
C ALA D 257 -0.98 23.69 -28.04
N GLU D 258 -1.82 24.02 -28.99
CA GLU D 258 -2.20 23.06 -30.02
C GLU D 258 -1.34 23.13 -31.26
N GLU D 259 -0.88 24.34 -31.62
CA GLU D 259 -0.22 24.64 -32.89
C GLU D 259 -1.09 24.20 -34.07
N SER D 260 -2.29 24.76 -34.10
CA SER D 260 -3.25 24.40 -35.15
C SER D 260 -2.81 24.94 -36.50
N THR D 261 -2.60 26.25 -36.59
CA THR D 261 -2.16 26.86 -37.83
C THR D 261 -0.89 27.70 -37.70
N ARG D 262 -0.58 28.21 -36.51
CA ARG D 262 0.61 29.01 -36.28
C ARG D 262 1.53 28.30 -35.31
N ARG D 263 2.73 28.83 -35.15
CA ARG D 263 3.72 28.22 -34.28
C ARG D 263 4.72 29.30 -33.88
N MET D 264 5.20 29.21 -32.66
CA MET D 264 6.21 30.13 -32.15
C MET D 264 7.58 29.48 -32.26
N VAL D 265 8.44 30.01 -33.12
CA VAL D 265 9.73 29.41 -33.38
C VAL D 265 10.84 30.35 -32.95
N GLU D 266 11.99 29.77 -32.67
CA GLU D 266 13.24 30.48 -32.52
C GLU D 266 14.23 29.91 -33.53
N VAL D 267 14.75 30.77 -34.41
CA VAL D 267 15.72 30.38 -35.42
C VAL D 267 17.03 31.09 -35.11
N PRO D 268 18.17 30.42 -35.23
CA PRO D 268 19.45 31.09 -35.00
C PRO D 268 20.02 31.70 -36.27
N ILE D 269 20.81 32.74 -36.08
CA ILE D 269 21.55 33.39 -37.15
C ILE D 269 22.94 32.78 -37.20
N PRO D 270 23.32 32.09 -38.27
CA PRO D 270 24.60 31.38 -38.28
C PRO D 270 25.76 32.28 -38.66
N GLU D 271 26.94 31.70 -38.83
CA GLU D 271 28.08 32.46 -39.32
C GLU D 271 27.93 32.70 -40.83
N GLY D 272 28.35 33.88 -41.27
CA GLY D 272 28.10 34.24 -42.65
C GLY D 272 26.75 34.91 -42.77
N SER D 273 25.73 34.13 -43.08
CA SER D 273 24.31 34.40 -42.86
C SER D 273 23.73 35.56 -43.64
N LYS D 274 24.50 36.23 -44.50
CA LYS D 274 24.07 37.17 -45.54
C LYS D 274 23.40 38.45 -45.03
N LEU D 275 23.09 38.49 -43.73
CA LEU D 275 22.46 39.65 -43.10
C LEU D 275 23.18 40.28 -41.89
N GLU D 276 24.38 39.83 -41.52
CA GLU D 276 25.03 40.40 -40.34
C GLU D 276 25.38 41.86 -40.61
N GLY D 277 24.83 42.75 -39.81
CA GLY D 277 25.17 44.15 -39.86
C GLY D 277 24.03 45.08 -40.23
N VAL D 278 23.01 44.58 -40.91
CA VAL D 278 21.92 45.45 -41.37
C VAL D 278 20.95 45.67 -40.23
N SER D 279 20.18 46.75 -40.31
CA SER D 279 19.18 47.05 -39.31
C SER D 279 17.95 46.18 -39.52
N VAL D 280 17.01 46.26 -38.58
CA VAL D 280 15.76 45.52 -38.74
C VAL D 280 14.87 46.19 -39.77
N LEU D 281 15.06 47.48 -40.04
CA LEU D 281 14.25 48.16 -41.02
C LEU D 281 14.69 47.79 -42.43
N ASP D 282 16.00 47.72 -42.66
CA ASP D 282 16.50 47.38 -43.98
C ASP D 282 16.36 45.89 -44.28
N ALA D 283 16.41 45.04 -43.26
CA ALA D 283 16.20 43.61 -43.45
C ALA D 283 14.74 43.32 -43.79
N ASP D 284 13.82 43.90 -43.00
CA ASP D 284 12.38 43.92 -43.24
C ASP D 284 11.81 42.50 -43.34
N ILE D 285 11.87 41.82 -42.20
CA ILE D 285 11.64 40.38 -42.20
C ILE D 285 10.16 40.05 -42.37
N HIS D 286 9.26 40.93 -41.94
CA HIS D 286 7.84 40.57 -41.96
C HIS D 286 7.26 40.60 -43.36
N ASP D 287 7.47 41.68 -44.10
CA ASP D 287 6.83 41.80 -45.41
C ASP D 287 7.49 40.94 -46.48
N VAL D 288 8.75 40.54 -46.26
CA VAL D 288 9.36 39.54 -47.12
C VAL D 288 8.79 38.16 -46.84
N THR D 289 8.72 37.78 -45.56
CA THR D 289 8.44 36.41 -45.17
C THR D 289 6.98 36.20 -44.75
N GLY D 290 6.51 36.95 -43.77
CA GLY D 290 5.17 36.73 -43.26
C GLY D 290 5.19 36.27 -41.81
N VAL D 291 6.32 36.44 -41.15
CA VAL D 291 6.51 36.04 -39.77
C VAL D 291 6.55 37.29 -38.91
N ILE D 292 5.67 37.35 -37.91
CA ILE D 292 5.66 38.47 -36.99
C ILE D 292 6.86 38.34 -36.06
N ILE D 293 7.80 39.27 -36.14
CA ILE D 293 9.00 39.18 -35.32
C ILE D 293 8.71 39.73 -33.94
N ILE D 294 8.87 38.89 -32.92
CA ILE D 294 8.62 39.31 -31.56
C ILE D 294 9.89 39.94 -31.00
N GLY D 295 10.97 39.19 -30.96
CA GLY D 295 12.19 39.72 -30.37
C GLY D 295 13.41 38.94 -30.77
N VAL D 296 14.56 39.44 -30.33
CA VAL D 296 15.87 38.88 -30.67
C VAL D 296 16.58 38.46 -29.39
N GLY D 297 17.17 37.28 -29.42
CA GLY D 297 17.83 36.70 -28.27
C GLY D 297 19.32 36.93 -28.13
N ARG D 298 19.76 38.15 -27.83
CA ARG D 298 21.19 38.44 -27.74
C ARG D 298 21.72 38.02 -26.37
N GLY D 299 22.01 36.71 -26.25
CA GLY D 299 22.80 36.21 -25.14
C GLY D 299 22.21 36.31 -23.74
N ASP D 300 21.19 35.49 -23.46
CA ASP D 300 20.50 35.43 -22.16
C ASP D 300 19.83 36.76 -21.83
N GLU D 301 19.25 37.38 -22.86
CA GLU D 301 18.33 38.48 -22.67
C GLU D 301 17.39 38.47 -23.87
N LEU D 302 16.25 39.12 -23.73
CA LEU D 302 15.22 39.11 -24.77
C LEU D 302 14.75 40.54 -24.98
N ILE D 303 14.96 41.05 -26.18
CA ILE D 303 14.55 42.40 -26.52
C ILE D 303 13.26 42.25 -27.31
N ILE D 304 12.14 42.24 -26.59
CA ILE D 304 10.82 42.19 -27.22
C ILE D 304 10.56 43.52 -27.89
N ASP D 305 10.18 43.47 -29.19
CA ASP D 305 10.04 44.59 -30.11
C ASP D 305 11.33 45.40 -30.11
N PRO D 306 12.38 44.94 -30.80
CA PRO D 306 13.60 45.74 -30.88
C PRO D 306 13.34 47.02 -31.66
N PRO D 307 14.03 48.11 -31.34
CA PRO D 307 13.83 49.37 -32.07
C PRO D 307 14.38 49.33 -33.49
N ARG D 308 14.21 50.42 -34.22
CA ARG D 308 14.50 50.44 -35.65
C ARG D 308 15.99 50.30 -35.94
N ASP D 309 16.84 50.91 -35.13
CA ASP D 309 18.27 50.92 -35.37
C ASP D 309 19.00 49.80 -34.66
N TYR D 310 18.32 48.70 -34.37
CA TYR D 310 19.00 47.50 -33.88
C TYR D 310 19.64 46.78 -35.04
N SER D 311 20.94 46.51 -34.94
CA SER D 311 21.67 45.83 -36.00
C SER D 311 21.91 44.38 -35.60
N PHE D 312 21.65 43.46 -36.54
CA PHE D 312 21.80 42.05 -36.26
C PHE D 312 23.28 41.67 -36.15
N ARG D 313 23.54 40.60 -35.41
CA ARG D 313 24.87 40.05 -35.26
C ARG D 313 24.83 38.57 -35.60
N ALA D 314 25.96 37.90 -35.45
CA ALA D 314 25.99 36.46 -35.58
C ALA D 314 25.69 35.82 -34.24
N GLY D 315 25.16 34.60 -34.28
CA GLY D 315 24.81 33.90 -33.07
C GLY D 315 23.57 34.39 -32.38
N ASP D 316 22.83 35.33 -32.97
CA ASP D 316 21.56 35.75 -32.40
C ASP D 316 20.50 34.69 -32.63
N ILE D 317 19.34 34.92 -32.02
CA ILE D 317 18.20 34.02 -32.11
C ILE D 317 16.96 34.88 -32.30
N ILE D 318 16.20 34.60 -33.35
CA ILE D 318 15.03 35.39 -33.70
C ILE D 318 13.78 34.62 -33.29
N LEU D 319 12.95 35.24 -32.46
CA LEU D 319 11.72 34.64 -31.96
C LEU D 319 10.55 35.23 -32.72
N GLY D 320 9.73 34.37 -33.33
CA GLY D 320 8.62 34.87 -34.12
C GLY D 320 7.52 33.85 -34.28
N ILE D 321 6.33 34.37 -34.60
CA ILE D 321 5.13 33.58 -34.85
C ILE D 321 4.91 33.52 -36.35
N GLY D 322 4.67 32.32 -36.87
CA GLY D 322 4.39 32.19 -38.28
C GLY D 322 3.84 30.83 -38.62
N LYS D 323 3.19 30.77 -39.79
CA LYS D 323 2.71 29.51 -40.35
C LYS D 323 3.89 28.61 -40.70
N PRO D 324 3.71 27.29 -40.71
CA PRO D 324 4.84 26.40 -41.00
C PRO D 324 5.32 26.45 -42.45
N GLU D 325 4.56 27.07 -43.35
CA GLU D 325 5.03 27.38 -44.70
C GLU D 325 5.65 28.76 -44.80
N GLU D 326 5.66 29.53 -43.70
CA GLU D 326 6.38 30.80 -43.65
C GLU D 326 7.68 30.69 -42.87
N ILE D 327 7.84 29.68 -42.03
CA ILE D 327 9.12 29.49 -41.36
C ILE D 327 10.14 28.95 -42.34
N GLU D 328 9.68 28.18 -43.34
CA GLU D 328 10.58 27.73 -44.40
C GLU D 328 11.05 28.89 -45.26
N ARG D 329 10.20 29.89 -45.46
CA ARG D 329 10.60 31.09 -46.17
C ARG D 329 11.52 31.98 -45.34
N LEU D 330 11.64 31.74 -44.04
CA LEU D 330 12.52 32.49 -43.16
C LEU D 330 13.86 31.80 -42.95
N LYS D 331 13.86 30.48 -42.79
CA LYS D 331 15.10 29.77 -42.47
C LYS D 331 16.06 29.72 -43.64
N ASN D 332 15.57 29.93 -44.86
CA ASN D 332 16.45 30.11 -46.01
C ASN D 332 16.81 31.57 -46.24
N TYR D 333 16.04 32.50 -45.70
CA TYR D 333 16.33 33.92 -45.89
C TYR D 333 17.50 34.37 -45.05
N ILE D 334 17.79 33.68 -43.95
CA ILE D 334 18.87 34.08 -43.05
C ILE D 334 20.08 33.18 -43.20
N SER D 335 20.01 32.17 -44.05
CA SER D 335 21.14 31.26 -44.26
C SER D 335 21.92 31.65 -45.51
N ALA D 336 23.24 31.52 -45.42
CA ALA D 336 24.11 31.81 -46.55
C ALA D 336 24.62 30.52 -47.18
N SER E 115 -48.29 1.63 11.12
CA SER E 115 -47.71 0.64 10.23
C SER E 115 -47.69 1.14 8.79
N ARG E 116 -47.21 2.36 8.58
CA ARG E 116 -47.13 2.93 7.24
C ARG E 116 -45.78 3.60 7.00
N HIS E 117 -44.75 3.18 7.72
CA HIS E 117 -43.42 3.72 7.48
C HIS E 117 -42.49 2.61 7.01
N VAL E 118 -41.50 3.00 6.21
CA VAL E 118 -40.61 2.07 5.53
C VAL E 118 -39.20 2.39 5.98
N VAL E 119 -38.52 1.40 6.55
CA VAL E 119 -37.15 1.57 7.02
C VAL E 119 -36.22 1.08 5.91
N ILE E 120 -35.18 1.85 5.63
CA ILE E 120 -34.19 1.48 4.63
C ILE E 120 -32.85 1.41 5.34
N CYS E 121 -32.24 0.23 5.32
CA CYS E 121 -30.97 0.01 5.99
C CYS E 121 -29.87 0.08 4.93
N GLY E 122 -29.04 1.12 5.01
CA GLY E 122 -28.02 1.35 4.01
C GLY E 122 -28.43 2.43 3.02
N TRP E 123 -27.50 2.79 2.15
CA TRP E 123 -27.74 3.83 1.17
C TRP E 123 -26.85 3.59 -0.05
N SER E 124 -27.46 3.50 -1.22
CA SER E 124 -26.72 3.37 -2.46
C SER E 124 -27.53 4.02 -3.57
N GLU E 125 -27.15 3.73 -4.81
CA GLU E 125 -27.91 4.23 -5.95
C GLU E 125 -29.20 3.48 -6.16
N SER E 126 -29.29 2.23 -5.71
CA SER E 126 -30.54 1.49 -5.80
C SER E 126 -31.62 2.10 -4.93
N THR E 127 -31.24 2.66 -3.79
CA THR E 127 -32.18 3.25 -2.86
C THR E 127 -32.54 4.68 -3.23
N LEU E 128 -31.72 5.35 -4.02
CA LEU E 128 -32.08 6.69 -4.48
C LEU E 128 -33.17 6.65 -5.54
N GLU E 129 -33.20 5.61 -6.37
CA GLU E 129 -34.30 5.41 -7.31
C GLU E 129 -35.51 4.78 -6.65
N CYS E 130 -35.35 4.20 -5.47
CA CYS E 130 -36.48 3.64 -4.74
C CYS E 130 -37.27 4.73 -4.03
N LEU E 131 -36.60 5.84 -3.68
CA LEU E 131 -37.26 6.96 -3.05
C LEU E 131 -38.00 7.85 -4.03
N ARG E 132 -37.83 7.64 -5.33
CA ARG E 132 -38.47 8.51 -6.31
C ARG E 132 -39.96 8.23 -6.41
N GLU E 133 -40.39 7.02 -6.08
CA GLU E 133 -41.80 6.68 -6.08
C GLU E 133 -42.27 6.22 -4.70
N LEU E 134 -41.70 6.78 -3.65
CA LEU E 134 -42.20 6.64 -2.30
C LEU E 134 -42.43 8.02 -1.71
N ARG E 135 -43.42 8.11 -0.84
CA ARG E 135 -43.81 9.39 -0.24
C ARG E 135 -42.76 9.83 0.77
N GLY E 136 -42.03 10.89 0.43
CA GLY E 136 -40.85 11.27 1.18
C GLY E 136 -41.06 11.94 2.53
N SER E 137 -41.84 11.30 3.39
CA SER E 137 -41.89 11.66 4.81
C SER E 137 -41.91 10.46 5.72
N GLU E 138 -42.13 9.26 5.18
CA GLU E 138 -42.31 8.04 5.95
C GLU E 138 -41.11 7.11 5.86
N VAL E 139 -40.02 7.58 5.28
CA VAL E 139 -38.84 6.75 5.04
C VAL E 139 -37.77 7.10 6.06
N PHE E 140 -37.29 6.10 6.79
CA PHE E 140 -36.22 6.26 7.76
C PHE E 140 -34.98 5.53 7.25
N VAL E 141 -33.99 6.27 6.78
CA VAL E 141 -32.77 5.66 6.28
C VAL E 141 -31.80 5.50 7.44
N LEU E 142 -31.58 4.27 7.87
CA LEU E 142 -30.68 3.94 8.96
C LEU E 142 -29.33 3.57 8.36
N ALA E 143 -28.34 4.43 8.55
CA ALA E 143 -26.99 4.16 8.09
C ALA E 143 -26.02 4.66 9.14
N GLU E 144 -24.75 4.33 8.96
CA GLU E 144 -23.74 4.61 9.98
C GLU E 144 -22.89 5.81 9.65
N ASP E 145 -22.58 6.04 8.38
CA ASP E 145 -21.75 7.17 7.98
C ASP E 145 -22.53 8.47 8.15
N GLU E 146 -21.79 9.54 8.41
CA GLU E 146 -22.42 10.85 8.55
C GLU E 146 -22.43 11.65 7.25
N ASN E 147 -21.66 11.24 6.24
CA ASN E 147 -21.77 11.84 4.92
C ASN E 147 -23.05 11.42 4.21
N VAL E 148 -23.73 10.39 4.72
CA VAL E 148 -25.00 9.97 4.17
C VAL E 148 -26.11 10.92 4.59
N ARG E 149 -25.87 11.74 5.63
CA ARG E 149 -26.91 12.60 6.19
C ARG E 149 -27.33 13.70 5.21
N LYS E 150 -26.39 14.20 4.40
CA LYS E 150 -26.74 15.24 3.45
C LYS E 150 -27.55 14.67 2.29
N LYS E 151 -27.20 13.47 1.81
CA LYS E 151 -27.87 12.90 0.65
C LYS E 151 -29.25 12.36 0.99
N VAL E 152 -29.43 11.87 2.22
CA VAL E 152 -30.73 11.38 2.64
C VAL E 152 -31.73 12.54 2.76
N LEU E 153 -31.25 13.68 3.24
CA LEU E 153 -32.11 14.85 3.38
C LEU E 153 -32.31 15.61 2.07
N ARG E 154 -31.38 15.48 1.12
CA ARG E 154 -31.59 16.02 -0.23
C ARG E 154 -32.79 15.37 -0.91
N SER E 155 -32.95 14.07 -0.71
CA SER E 155 -34.04 13.31 -1.29
C SER E 155 -35.31 13.35 -0.46
N GLY E 156 -35.28 13.98 0.71
CA GLY E 156 -36.45 14.09 1.54
C GLY E 156 -36.77 12.84 2.33
N ALA E 157 -35.86 12.44 3.21
CA ALA E 157 -36.07 11.29 4.07
C ALA E 157 -35.53 11.61 5.46
N ASN E 158 -35.69 10.68 6.40
CA ASN E 158 -35.37 10.92 7.80
C ASN E 158 -34.18 10.07 8.21
N PHE E 159 -33.00 10.66 8.27
CA PHE E 159 -31.78 9.91 8.60
C PHE E 159 -31.75 9.56 10.08
N VAL E 160 -31.43 8.30 10.38
CA VAL E 160 -31.32 7.79 11.74
C VAL E 160 -29.93 7.18 11.87
N HIS E 161 -29.03 7.88 12.56
CA HIS E 161 -27.64 7.45 12.63
C HIS E 161 -27.49 6.26 13.57
N GLY E 162 -27.10 5.12 13.02
CA GLY E 162 -26.92 3.93 13.84
C GLY E 162 -26.28 2.84 13.02
N ASP E 163 -26.02 1.72 13.68
CA ASP E 163 -25.41 0.56 13.04
C ASP E 163 -26.50 -0.43 12.69
N PRO E 164 -26.76 -0.71 11.41
CA PRO E 164 -27.91 -1.54 11.07
C PRO E 164 -27.74 -3.02 11.33
N THR E 165 -26.54 -3.48 11.66
CA THR E 165 -26.33 -4.87 12.01
C THR E 165 -26.55 -5.12 13.49
N ARG E 166 -26.42 -4.10 14.33
CA ARG E 166 -26.64 -4.23 15.76
C ARG E 166 -28.14 -4.16 16.06
N VAL E 167 -28.61 -5.05 16.92
CA VAL E 167 -30.04 -5.14 17.21
C VAL E 167 -30.50 -3.96 18.05
N SER E 168 -29.59 -3.38 18.83
CA SER E 168 -29.96 -2.25 19.68
C SER E 168 -30.19 -0.98 18.87
N ASP E 169 -29.59 -0.88 17.69
CA ASP E 169 -29.82 0.24 16.79
C ASP E 169 -30.92 -0.03 15.77
N LEU E 170 -31.28 -1.30 15.56
CA LEU E 170 -32.41 -1.61 14.71
C LEU E 170 -33.73 -1.35 15.39
N GLU E 171 -33.74 -1.23 16.72
CA GLU E 171 -34.95 -0.84 17.43
C GLU E 171 -35.12 0.66 17.53
N LYS E 172 -34.02 1.42 17.40
CA LYS E 172 -34.13 2.86 17.27
C LYS E 172 -34.83 3.27 15.98
N ALA E 173 -34.66 2.48 14.93
CA ALA E 173 -35.32 2.76 13.66
C ALA E 173 -36.75 2.26 13.61
N ASN E 174 -37.18 1.52 14.64
CA ASN E 174 -38.54 1.00 14.80
C ASN E 174 -38.93 0.11 13.62
N VAL E 175 -38.20 -0.99 13.47
CA VAL E 175 -38.55 -1.95 12.42
C VAL E 175 -39.70 -2.85 12.83
N ARG E 176 -40.07 -2.86 14.10
CA ARG E 176 -41.21 -3.64 14.55
C ARG E 176 -42.47 -2.89 14.19
N GLY E 177 -43.35 -3.53 13.41
CA GLY E 177 -44.55 -2.86 12.96
C GLY E 177 -44.27 -1.84 11.89
N ALA E 178 -43.81 -2.29 10.73
CA ALA E 178 -43.53 -1.43 9.59
C ALA E 178 -44.11 -2.06 8.34
N ARG E 179 -44.20 -1.25 7.28
CA ARG E 179 -44.67 -1.78 6.00
C ARG E 179 -43.67 -2.75 5.41
N ALA E 180 -42.42 -2.33 5.30
CA ALA E 180 -41.36 -3.14 4.72
C ALA E 180 -40.03 -2.60 5.19
N VAL E 181 -39.04 -3.49 5.24
CA VAL E 181 -37.65 -3.11 5.48
C VAL E 181 -36.88 -3.44 4.21
N ILE E 182 -36.07 -2.50 3.75
CA ILE E 182 -35.29 -2.67 2.54
C ILE E 182 -33.83 -2.66 2.93
N VAL E 183 -33.14 -3.76 2.71
CA VAL E 183 -31.76 -3.93 3.14
C VAL E 183 -30.86 -3.87 1.91
N ASP E 184 -29.95 -2.91 1.88
CA ASP E 184 -28.96 -2.79 0.80
C ASP E 184 -27.71 -2.19 1.44
N LEU E 185 -26.80 -3.06 1.87
CA LEU E 185 -25.64 -2.64 2.64
C LEU E 185 -24.38 -2.85 1.83
N GLU E 186 -23.24 -2.52 2.43
CA GLU E 186 -22.00 -2.39 1.67
C GLU E 186 -21.39 -3.72 1.28
N SER E 187 -21.87 -4.82 1.84
CA SER E 187 -21.39 -6.14 1.46
C SER E 187 -22.52 -7.12 1.68
N ASP E 188 -22.33 -8.33 1.17
CA ASP E 188 -23.31 -9.38 1.41
C ASP E 188 -23.22 -9.92 2.82
N SER E 189 -22.10 -9.70 3.49
CA SER E 189 -21.94 -10.15 4.86
C SER E 189 -22.84 -9.36 5.79
N GLU E 190 -22.96 -8.06 5.57
CA GLU E 190 -23.81 -7.21 6.39
C GLU E 190 -25.26 -7.23 5.93
N THR E 191 -25.54 -7.69 4.72
CA THR E 191 -26.93 -7.86 4.32
C THR E 191 -27.53 -9.10 4.95
N ILE E 192 -26.74 -10.16 5.12
CA ILE E 192 -27.22 -11.35 5.79
C ILE E 192 -27.36 -11.11 7.28
N HIS E 193 -26.40 -10.42 7.88
CA HIS E 193 -26.40 -10.16 9.30
C HIS E 193 -27.47 -9.16 9.71
N CYS E 194 -27.94 -8.32 8.81
CA CYS E 194 -29.03 -7.42 9.13
C CYS E 194 -30.37 -8.12 9.09
N ILE E 195 -30.54 -9.14 8.24
CA ILE E 195 -31.81 -9.84 8.15
C ILE E 195 -31.98 -10.77 9.35
N LEU E 196 -30.87 -11.35 9.82
CA LEU E 196 -30.92 -12.17 11.03
C LEU E 196 -31.23 -11.35 12.28
N GLY E 197 -31.00 -10.04 12.25
CA GLY E 197 -31.35 -9.18 13.35
C GLY E 197 -32.77 -8.69 13.30
N ILE E 198 -33.32 -8.52 12.10
CA ILE E 198 -34.72 -8.10 11.98
C ILE E 198 -35.64 -9.26 12.35
N ARG E 199 -35.23 -10.49 12.04
CA ARG E 199 -36.03 -11.65 12.43
C ARG E 199 -35.93 -11.93 13.93
N LYS E 200 -34.94 -11.37 14.63
CA LYS E 200 -34.99 -11.43 16.09
C LYS E 200 -36.06 -10.50 16.63
N ILE E 201 -36.27 -9.36 15.98
CA ILE E 201 -37.20 -8.34 16.47
C ILE E 201 -38.61 -8.64 16.00
N ASP E 202 -38.82 -8.71 14.69
CA ASP E 202 -40.15 -8.92 14.11
C ASP E 202 -40.06 -10.07 13.13
N GLU E 203 -40.76 -11.17 13.43
CA GLU E 203 -40.75 -12.33 12.55
C GLU E 203 -41.56 -12.13 11.28
N SER E 204 -42.56 -11.26 11.28
CA SER E 204 -43.55 -11.21 10.22
C SER E 204 -43.45 -9.98 9.33
N VAL E 205 -42.48 -9.09 9.56
CA VAL E 205 -42.34 -7.92 8.71
C VAL E 205 -41.75 -8.35 7.37
N ARG E 206 -42.06 -7.58 6.33
CA ARG E 206 -41.64 -7.89 4.98
C ARG E 206 -40.23 -7.34 4.74
N ILE E 207 -39.30 -8.20 4.36
CA ILE E 207 -37.91 -7.80 4.12
C ILE E 207 -37.63 -7.95 2.64
N ILE E 208 -37.02 -6.93 2.05
CA ILE E 208 -36.67 -6.91 0.63
C ILE E 208 -35.17 -6.65 0.56
N ALA E 209 -34.38 -7.68 0.36
CA ALA E 209 -32.93 -7.57 0.39
C ALA E 209 -32.39 -7.35 -1.01
N GLU E 210 -31.07 -7.19 -1.09
CA GLU E 210 -30.36 -7.09 -2.36
C GLU E 210 -29.12 -7.95 -2.30
N ALA E 211 -29.05 -8.97 -3.16
CA ALA E 211 -27.89 -9.82 -3.24
C ALA E 211 -26.87 -9.24 -4.19
N GLU E 212 -25.59 -9.35 -3.84
CA GLU E 212 -24.53 -8.91 -4.73
C GLU E 212 -23.92 -10.06 -5.51
N ARG E 213 -23.60 -11.16 -4.84
CA ARG E 213 -23.06 -12.33 -5.50
C ARG E 213 -24.16 -13.32 -5.82
N TYR E 214 -23.86 -14.24 -6.73
CA TYR E 214 -24.87 -15.22 -7.09
C TYR E 214 -25.03 -16.29 -6.03
N GLU E 215 -23.95 -16.62 -5.33
CA GLU E 215 -23.98 -17.68 -4.33
C GLU E 215 -24.77 -17.30 -3.09
N ASN E 216 -25.12 -16.03 -2.92
CA ASN E 216 -25.81 -15.55 -1.74
C ASN E 216 -27.28 -15.31 -1.97
N ILE E 217 -27.84 -15.75 -3.09
CA ILE E 217 -29.28 -15.62 -3.23
C ILE E 217 -29.97 -16.67 -2.37
N GLU E 218 -29.34 -17.84 -2.18
CA GLU E 218 -29.93 -18.85 -1.32
C GLU E 218 -29.67 -18.57 0.15
N GLN E 219 -28.57 -17.89 0.49
CA GLN E 219 -28.32 -17.57 1.88
C GLN E 219 -29.17 -16.41 2.36
N LEU E 220 -29.63 -15.56 1.46
CA LEU E 220 -30.50 -14.46 1.86
C LEU E 220 -31.92 -14.94 2.07
N ARG E 221 -32.32 -16.02 1.42
CA ARG E 221 -33.66 -16.56 1.62
C ARG E 221 -33.74 -17.39 2.89
N MET E 222 -32.68 -18.14 3.21
CA MET E 222 -32.67 -18.91 4.45
C MET E 222 -32.54 -18.01 5.67
N ALA E 223 -31.98 -16.80 5.51
CA ALA E 223 -31.91 -15.88 6.62
C ALA E 223 -33.26 -15.25 6.91
N GLY E 224 -34.11 -15.13 5.89
CA GLY E 224 -35.46 -14.65 6.13
C GLY E 224 -35.99 -13.58 5.20
N ALA E 225 -35.30 -13.28 4.12
CA ALA E 225 -35.76 -12.25 3.20
C ALA E 225 -36.94 -12.74 2.40
N ASP E 226 -37.98 -11.92 2.32
CA ASP E 226 -39.17 -12.29 1.58
C ASP E 226 -39.03 -12.07 0.09
N GLN E 227 -38.16 -11.16 -0.33
CA GLN E 227 -37.92 -10.92 -1.75
C GLN E 227 -36.47 -10.52 -1.92
N VAL E 228 -35.73 -11.27 -2.72
CA VAL E 228 -34.32 -11.00 -2.99
C VAL E 228 -34.21 -10.47 -4.41
N ILE E 229 -33.50 -9.36 -4.57
CA ILE E 229 -33.29 -8.74 -5.87
C ILE E 229 -31.79 -8.68 -6.13
N SER E 230 -31.33 -9.39 -7.15
CA SER E 230 -29.90 -9.46 -7.44
C SER E 230 -29.58 -8.71 -8.73
N PRO E 231 -29.13 -7.47 -8.67
CA PRO E 231 -28.95 -6.70 -9.90
C PRO E 231 -27.65 -6.96 -10.62
N PHE E 232 -26.61 -7.39 -9.90
CA PHE E 232 -25.34 -7.68 -10.52
C PHE E 232 -25.32 -9.01 -11.23
N VAL E 233 -26.31 -9.87 -10.96
CA VAL E 233 -26.41 -11.13 -11.67
C VAL E 233 -27.22 -10.95 -12.95
N ILE E 234 -28.22 -10.08 -12.92
CA ILE E 234 -28.94 -9.73 -14.14
C ILE E 234 -28.03 -8.96 -15.08
N SER E 235 -27.28 -8.01 -14.56
CA SER E 235 -26.39 -7.21 -15.39
C SER E 235 -25.16 -7.97 -15.84
N GLY E 236 -24.77 -9.01 -15.12
CA GLY E 236 -23.60 -9.75 -15.52
C GLY E 236 -23.92 -10.72 -16.64
N ARG E 237 -25.10 -11.32 -16.60
CA ARG E 237 -25.51 -12.23 -17.66
C ARG E 237 -25.88 -11.52 -18.94
N LEU E 238 -26.30 -10.26 -18.86
CA LEU E 238 -26.59 -9.50 -20.07
C LEU E 238 -25.34 -8.91 -20.70
N MET E 239 -24.22 -8.89 -19.98
CA MET E 239 -22.97 -8.44 -20.58
C MET E 239 -22.32 -9.53 -21.40
N SER E 240 -22.36 -10.77 -20.91
CA SER E 240 -21.78 -11.89 -21.64
C SER E 240 -22.69 -12.43 -22.71
N ARG E 241 -23.90 -11.90 -22.82
CA ARG E 241 -24.81 -12.28 -23.89
C ARG E 241 -24.97 -11.21 -24.95
N SER E 242 -24.42 -10.02 -24.73
CA SER E 242 -24.50 -8.95 -25.70
C SER E 242 -23.20 -8.73 -26.44
N ILE E 243 -22.27 -9.67 -26.37
CA ILE E 243 -21.05 -9.55 -27.14
C ILE E 243 -21.34 -9.79 -28.62
N ASP E 244 -22.17 -10.79 -28.92
CA ASP E 244 -22.55 -11.06 -30.30
C ASP E 244 -23.86 -10.38 -30.69
N ASP E 245 -24.96 -10.74 -30.03
CA ASP E 245 -26.29 -10.43 -30.53
C ASP E 245 -26.92 -9.22 -29.87
N GLY E 246 -27.13 -9.28 -28.56
CA GLY E 246 -27.69 -8.16 -27.83
C GLY E 246 -29.16 -7.86 -28.10
N TYR E 247 -29.97 -8.86 -28.38
CA TYR E 247 -31.40 -8.63 -28.50
C TYR E 247 -32.15 -8.87 -27.19
N GLU E 248 -31.56 -9.65 -26.29
CA GLU E 248 -32.15 -9.84 -24.98
C GLU E 248 -32.00 -8.61 -24.11
N ALA E 249 -30.86 -7.92 -24.18
CA ALA E 249 -30.64 -6.73 -23.38
C ALA E 249 -31.42 -5.54 -23.88
N MET E 250 -31.79 -5.51 -25.17
CA MET E 250 -32.69 -4.46 -25.65
C MET E 250 -34.08 -4.61 -25.05
N PHE E 251 -34.53 -5.83 -24.81
CA PHE E 251 -35.85 -6.01 -24.22
C PHE E 251 -35.86 -5.62 -22.75
N VAL E 252 -34.80 -6.00 -22.02
CA VAL E 252 -34.70 -5.69 -20.60
C VAL E 252 -34.57 -4.19 -20.37
N GLN E 253 -33.81 -3.52 -21.22
CA GLN E 253 -33.56 -2.10 -21.03
C GLN E 253 -34.78 -1.25 -21.34
N ASP E 254 -35.67 -1.70 -22.21
CA ASP E 254 -36.76 -0.84 -22.63
C ASP E 254 -38.09 -1.12 -21.94
N VAL E 255 -38.22 -2.21 -21.19
CA VAL E 255 -39.45 -2.44 -20.43
C VAL E 255 -39.21 -2.50 -18.93
N LEU E 256 -37.98 -2.63 -18.46
CA LEU E 256 -37.70 -2.69 -17.02
C LEU E 256 -36.98 -1.47 -16.49
N ALA E 257 -36.03 -0.92 -17.25
CA ALA E 257 -35.28 0.23 -16.79
C ALA E 257 -35.91 1.54 -17.26
N GLU E 258 -36.03 1.71 -18.57
CA GLU E 258 -36.39 3.02 -19.11
C GLU E 258 -37.88 3.19 -19.31
N GLU E 259 -38.59 2.11 -19.63
CA GLU E 259 -40.03 2.11 -19.96
C GLU E 259 -40.33 3.09 -21.09
N SER E 260 -39.58 2.96 -22.18
CA SER E 260 -39.69 3.92 -23.28
C SER E 260 -40.98 3.72 -24.06
N THR E 261 -41.25 2.49 -24.49
CA THR E 261 -42.48 2.17 -25.20
C THR E 261 -43.40 1.29 -24.36
N ARG E 262 -42.92 0.14 -23.94
CA ARG E 262 -43.70 -0.80 -23.14
C ARG E 262 -43.23 -0.78 -21.69
N ARG E 263 -44.12 -1.17 -20.80
CA ARG E 263 -43.74 -1.33 -19.40
C ARG E 263 -44.55 -2.46 -18.81
N MET E 264 -44.03 -3.05 -17.73
CA MET E 264 -44.70 -4.16 -17.07
C MET E 264 -45.74 -3.64 -16.10
N VAL E 265 -46.94 -4.20 -16.16
CA VAL E 265 -48.04 -3.75 -15.34
C VAL E 265 -48.60 -4.95 -14.58
N GLU E 266 -49.02 -4.70 -13.34
CA GLU E 266 -49.78 -5.69 -12.57
C GLU E 266 -51.12 -5.08 -12.18
N VAL E 267 -52.20 -5.70 -12.64
CA VAL E 267 -53.55 -5.18 -12.37
C VAL E 267 -54.37 -6.23 -11.61
N PRO E 268 -55.01 -5.86 -10.52
CA PRO E 268 -55.83 -6.81 -9.77
C PRO E 268 -57.24 -6.90 -10.34
N ILE E 269 -57.83 -8.08 -10.18
CA ILE E 269 -59.18 -8.35 -10.66
C ILE E 269 -60.16 -7.92 -9.56
N PRO E 270 -60.99 -6.91 -9.80
CA PRO E 270 -61.92 -6.46 -8.77
C PRO E 270 -63.13 -7.38 -8.67
N GLU E 271 -64.04 -7.02 -7.77
CA GLU E 271 -65.10 -7.93 -7.34
C GLU E 271 -66.28 -7.84 -8.28
N GLY E 272 -66.61 -8.97 -8.92
CA GLY E 272 -67.75 -9.05 -9.82
C GLY E 272 -67.56 -8.25 -11.09
N SER E 273 -66.44 -8.47 -11.78
CA SER E 273 -66.08 -7.65 -12.94
C SER E 273 -65.67 -8.55 -14.09
N LYS E 274 -66.66 -9.07 -14.83
CA LYS E 274 -66.52 -9.62 -16.18
C LYS E 274 -65.58 -10.82 -16.33
N LEU E 275 -64.97 -11.29 -15.24
CA LEU E 275 -63.92 -12.28 -15.35
C LEU E 275 -63.98 -13.40 -14.33
N GLU E 276 -64.92 -13.39 -13.40
CA GLU E 276 -65.00 -14.44 -12.39
C GLU E 276 -65.59 -15.68 -13.02
N GLY E 277 -64.74 -16.64 -13.38
CA GLY E 277 -65.18 -17.93 -13.84
C GLY E 277 -64.91 -18.23 -15.30
N VAL E 278 -64.28 -17.33 -16.04
CA VAL E 278 -64.05 -17.57 -17.46
C VAL E 278 -62.65 -18.16 -17.64
N SER E 279 -62.49 -19.07 -18.60
CA SER E 279 -61.21 -19.65 -18.92
C SER E 279 -60.31 -18.62 -19.60
N VAL E 280 -59.03 -18.98 -19.77
CA VAL E 280 -58.07 -18.03 -20.32
C VAL E 280 -58.25 -17.89 -21.82
N LEU E 281 -58.71 -18.95 -22.50
CA LEU E 281 -58.83 -18.90 -23.96
C LEU E 281 -59.98 -17.99 -24.40
N ASP E 282 -61.09 -18.02 -23.68
CA ASP E 282 -62.19 -17.13 -24.00
C ASP E 282 -62.20 -15.87 -23.14
N ALA E 283 -61.18 -15.65 -22.33
CA ALA E 283 -60.94 -14.31 -21.80
C ALA E 283 -60.43 -13.40 -22.90
N ASP E 284 -59.61 -13.96 -23.80
CA ASP E 284 -59.27 -13.38 -25.10
C ASP E 284 -58.52 -12.06 -24.95
N ILE E 285 -57.61 -12.03 -23.97
CA ILE E 285 -57.05 -10.77 -23.49
C ILE E 285 -56.03 -10.21 -24.47
N HIS E 286 -55.22 -11.08 -25.09
CA HIS E 286 -54.19 -10.60 -26.01
C HIS E 286 -54.77 -10.07 -27.31
N ASP E 287 -56.02 -10.40 -27.63
CA ASP E 287 -56.60 -9.98 -28.90
C ASP E 287 -57.55 -8.80 -28.76
N VAL E 288 -58.09 -8.52 -27.57
CA VAL E 288 -58.97 -7.38 -27.38
C VAL E 288 -58.26 -6.24 -26.67
N THR E 289 -57.17 -6.53 -25.96
CA THR E 289 -56.42 -5.49 -25.29
C THR E 289 -55.03 -5.28 -25.88
N GLY E 290 -54.40 -6.34 -26.37
CA GLY E 290 -53.07 -6.24 -26.93
C GLY E 290 -51.94 -6.48 -25.95
N VAL E 291 -52.24 -6.61 -24.67
CA VAL E 291 -51.22 -6.84 -23.66
C VAL E 291 -50.78 -8.30 -23.72
N ILE E 292 -49.47 -8.52 -23.58
CA ILE E 292 -48.94 -9.88 -23.48
C ILE E 292 -49.10 -10.35 -22.04
N ILE E 293 -49.93 -11.37 -21.83
CA ILE E 293 -50.16 -11.89 -20.49
C ILE E 293 -48.98 -12.78 -20.11
N ILE E 294 -48.10 -12.27 -19.24
CA ILE E 294 -46.93 -13.04 -18.83
C ILE E 294 -47.34 -14.13 -17.86
N GLY E 295 -48.11 -13.79 -16.84
CA GLY E 295 -48.59 -14.78 -15.90
C GLY E 295 -49.61 -14.18 -14.96
N VAL E 296 -50.21 -15.05 -14.16
CA VAL E 296 -51.16 -14.65 -13.14
C VAL E 296 -50.63 -15.15 -11.79
N GLY E 297 -50.77 -14.34 -10.76
CA GLY E 297 -50.26 -14.71 -9.46
C GLY E 297 -51.29 -14.53 -8.35
N ARG E 298 -51.60 -15.62 -7.65
CA ARG E 298 -52.56 -15.58 -6.55
C ARG E 298 -51.91 -16.13 -5.29
N GLY E 299 -51.79 -15.29 -4.27
CA GLY E 299 -51.29 -15.73 -2.99
C GLY E 299 -49.82 -16.08 -2.99
N ASP E 300 -48.97 -15.05 -3.16
CA ASP E 300 -47.49 -15.11 -3.21
C ASP E 300 -46.93 -16.30 -4.00
N GLU E 301 -47.58 -16.64 -5.10
CA GLU E 301 -47.10 -17.69 -5.99
C GLU E 301 -47.43 -17.31 -7.42
N LEU E 302 -46.40 -17.24 -8.26
CA LEU E 302 -46.55 -16.76 -9.62
C LEU E 302 -46.70 -17.96 -10.56
N ILE E 303 -47.83 -18.03 -11.23
CA ILE E 303 -48.09 -19.06 -12.24
C ILE E 303 -47.74 -18.43 -13.58
N ILE E 304 -46.48 -18.55 -13.97
CA ILE E 304 -46.04 -18.06 -15.27
C ILE E 304 -46.61 -18.95 -16.36
N ASP E 305 -47.14 -18.32 -17.42
CA ASP E 305 -47.82 -18.95 -18.56
C ASP E 305 -48.97 -19.82 -18.06
N PRO E 306 -50.09 -19.24 -17.65
CA PRO E 306 -51.21 -20.04 -17.19
C PRO E 306 -51.82 -20.82 -18.34
N PRO E 307 -52.17 -22.08 -18.14
CA PRO E 307 -52.68 -22.92 -19.22
C PRO E 307 -54.12 -22.56 -19.56
N ARG E 308 -54.64 -23.22 -20.59
CA ARG E 308 -56.04 -23.03 -20.97
C ARG E 308 -57.01 -23.60 -19.94
N ASP E 309 -56.57 -24.59 -19.17
CA ASP E 309 -57.37 -25.12 -18.06
C ASP E 309 -57.09 -24.31 -16.79
N TYR E 310 -57.54 -23.05 -16.83
CA TYR E 310 -57.35 -22.12 -15.73
C TYR E 310 -58.49 -21.13 -15.73
N SER E 311 -58.90 -20.70 -14.53
CA SER E 311 -60.01 -19.78 -14.39
C SER E 311 -59.63 -18.66 -13.45
N PHE E 312 -60.24 -17.49 -13.66
CA PHE E 312 -59.92 -16.31 -12.88
C PHE E 312 -60.88 -16.14 -11.71
N ARG E 313 -60.32 -15.78 -10.55
CA ARG E 313 -61.09 -15.49 -9.35
C ARG E 313 -60.89 -14.04 -8.97
N ALA E 314 -61.75 -13.55 -8.09
CA ALA E 314 -61.63 -12.19 -7.60
C ALA E 314 -60.47 -12.10 -6.62
N GLY E 315 -59.48 -11.26 -6.95
CA GLY E 315 -58.28 -11.12 -6.16
C GLY E 315 -57.02 -11.53 -6.87
N ASP E 316 -57.11 -12.14 -8.04
CA ASP E 316 -55.93 -12.51 -8.80
C ASP E 316 -55.29 -11.26 -9.41
N ILE E 317 -53.99 -11.35 -9.69
CA ILE E 317 -53.24 -10.24 -10.26
C ILE E 317 -52.65 -10.68 -11.58
N ILE E 318 -52.96 -9.95 -12.65
CA ILE E 318 -52.49 -10.25 -13.99
C ILE E 318 -51.23 -9.46 -14.26
N LEU E 319 -50.15 -10.17 -14.58
CA LEU E 319 -48.86 -9.54 -14.85
C LEU E 319 -48.65 -9.49 -16.36
N GLY E 320 -48.54 -8.29 -16.90
CA GLY E 320 -48.48 -8.16 -18.35
C GLY E 320 -47.56 -7.06 -18.82
N ILE E 321 -47.26 -7.11 -20.12
CA ILE E 321 -46.41 -6.13 -20.80
C ILE E 321 -47.21 -5.48 -21.90
N GLY E 322 -47.30 -4.15 -21.88
CA GLY E 322 -48.05 -3.47 -22.93
C GLY E 322 -47.77 -1.99 -22.94
N LYS E 323 -48.24 -1.35 -24.01
CA LYS E 323 -48.11 0.08 -24.20
C LYS E 323 -49.07 0.81 -23.26
N PRO E 324 -48.80 2.10 -22.96
CA PRO E 324 -49.75 2.85 -22.13
C PRO E 324 -51.10 3.11 -22.78
N GLU E 325 -51.19 3.00 -24.11
CA GLU E 325 -52.49 3.03 -24.77
C GLU E 325 -53.23 1.71 -24.63
N GLU E 326 -52.52 0.61 -24.38
CA GLU E 326 -53.13 -0.70 -24.26
C GLU E 326 -53.41 -1.09 -22.82
N ILE E 327 -52.66 -0.57 -21.86
CA ILE E 327 -52.85 -0.93 -20.46
C ILE E 327 -54.17 -0.38 -19.95
N GLU E 328 -54.49 0.85 -20.32
CA GLU E 328 -55.76 1.45 -19.91
C GLU E 328 -56.95 0.84 -20.64
N ARG E 329 -56.74 0.20 -21.79
CA ARG E 329 -57.82 -0.57 -22.39
C ARG E 329 -58.03 -1.89 -21.67
N LEU E 330 -56.98 -2.40 -21.02
CA LEU E 330 -57.13 -3.58 -20.18
C LEU E 330 -57.87 -3.25 -18.89
N LYS E 331 -57.56 -2.10 -18.29
CA LYS E 331 -58.14 -1.75 -17.00
C LYS E 331 -59.60 -1.36 -17.10
N ASN E 332 -60.10 -1.06 -18.29
CA ASN E 332 -61.54 -0.95 -18.51
C ASN E 332 -62.16 -2.30 -18.85
N TYR E 333 -61.39 -3.20 -19.44
CA TYR E 333 -61.89 -4.53 -19.77
C TYR E 333 -62.05 -5.40 -18.54
N ILE E 334 -61.36 -5.10 -17.45
CA ILE E 334 -61.47 -5.87 -16.22
C ILE E 334 -62.37 -5.18 -15.20
N SER E 335 -63.22 -4.25 -15.65
CA SER E 335 -64.11 -3.54 -14.74
C SER E 335 -65.53 -4.09 -14.88
N ALA E 336 -66.34 -3.81 -13.87
CA ALA E 336 -67.71 -4.34 -13.80
C ALA E 336 -68.66 -3.62 -14.76
N SER F 115 -15.60 8.85 46.24
CA SER F 115 -14.89 7.64 45.85
C SER F 115 -15.83 6.56 45.39
N ARG F 116 -16.76 6.90 44.50
CA ARG F 116 -17.71 5.93 43.98
C ARG F 116 -17.86 6.04 42.47
N HIS F 117 -16.83 6.56 41.79
CA HIS F 117 -16.88 6.63 40.33
C HIS F 117 -15.76 5.78 39.76
N VAL F 118 -16.01 5.24 38.56
CA VAL F 118 -15.16 4.27 37.90
C VAL F 118 -14.71 4.87 36.59
N VAL F 119 -13.41 5.00 36.40
CA VAL F 119 -12.84 5.55 35.17
C VAL F 119 -12.50 4.39 34.26
N ILE F 120 -12.85 4.49 32.99
CA ILE F 120 -12.54 3.48 32.00
C ILE F 120 -11.70 4.14 30.93
N CYS F 121 -10.48 3.65 30.75
CA CYS F 121 -9.55 4.21 29.77
C CYS F 121 -9.59 3.32 28.53
N GLY F 122 -10.12 3.87 27.44
CA GLY F 122 -10.30 3.10 26.22
C GLY F 122 -11.75 2.65 26.05
N TRP F 123 -12.02 2.06 24.89
CA TRP F 123 -13.36 1.59 24.58
C TRP F 123 -13.27 0.43 23.61
N SER F 124 -13.87 -0.70 23.97
CA SER F 124 -13.95 -1.84 23.09
C SER F 124 -15.22 -2.61 23.41
N GLU F 125 -15.31 -3.84 22.91
CA GLU F 125 -16.45 -4.69 23.22
C GLU F 125 -16.39 -5.26 24.63
N SER F 126 -15.20 -5.38 25.21
CA SER F 126 -15.08 -5.83 26.59
C SER F 126 -15.68 -4.82 27.56
N THR F 127 -15.58 -3.53 27.23
CA THR F 127 -16.09 -2.48 28.10
C THR F 127 -17.57 -2.22 27.88
N LEU F 128 -18.13 -2.63 26.74
CA LEU F 128 -19.56 -2.48 26.55
C LEU F 128 -20.34 -3.50 27.36
N GLU F 129 -19.79 -4.70 27.57
CA GLU F 129 -20.39 -5.67 28.46
C GLU F 129 -20.07 -5.39 29.92
N CYS F 130 -19.07 -4.56 30.19
CA CYS F 130 -18.77 -4.19 31.56
C CYS F 130 -19.73 -3.12 32.07
N LEU F 131 -20.27 -2.31 31.16
CA LEU F 131 -21.23 -1.28 31.52
C LEU F 131 -22.63 -1.83 31.72
N ARG F 132 -22.88 -3.09 31.37
CA ARG F 132 -24.23 -3.63 31.48
C ARG F 132 -24.60 -3.89 32.93
N GLU F 133 -23.62 -4.13 33.79
CA GLU F 133 -23.87 -4.33 35.21
C GLU F 133 -23.15 -3.30 36.06
N LEU F 134 -23.01 -2.08 35.55
CA LEU F 134 -22.56 -0.94 36.33
C LEU F 134 -23.59 0.17 36.20
N ARG F 135 -23.72 0.96 37.26
CA ARG F 135 -24.72 2.02 37.32
C ARG F 135 -24.31 3.16 36.40
N GLY F 136 -25.05 3.34 35.31
CA GLY F 136 -24.64 4.22 34.23
C GLY F 136 -24.78 5.72 34.47
N SER F 137 -24.21 6.20 35.57
CA SER F 137 -24.00 7.63 35.78
C SER F 137 -22.65 7.95 36.37
N GLU F 138 -21.92 6.94 36.87
CA GLU F 138 -20.68 7.12 37.58
C GLU F 138 -19.47 6.69 36.76
N VAL F 139 -19.66 6.40 35.49
CA VAL F 139 -18.60 5.88 34.63
C VAL F 139 -18.11 7.00 33.72
N PHE F 140 -16.80 7.26 33.75
CA PHE F 140 -16.16 8.24 32.90
C PHE F 140 -15.27 7.52 31.90
N VAL F 141 -15.69 7.45 30.65
CA VAL F 141 -14.90 6.79 29.63
C VAL F 141 -13.96 7.82 29.01
N LEU F 142 -12.67 7.69 29.31
CA LEU F 142 -11.63 8.57 28.79
C LEU F 142 -11.03 7.94 27.56
N ALA F 143 -11.31 8.51 26.39
CA ALA F 143 -10.74 8.02 25.14
C ALA F 143 -10.40 9.23 24.29
N GLU F 144 -9.70 8.98 23.19
CA GLU F 144 -9.17 10.06 22.37
C GLU F 144 -9.98 10.32 21.11
N ASP F 145 -10.52 9.26 20.50
CA ASP F 145 -11.31 9.41 19.29
C ASP F 145 -12.64 10.08 19.60
N GLU F 146 -13.18 10.81 18.62
CA GLU F 146 -14.47 11.45 18.80
C GLU F 146 -15.63 10.62 18.28
N ASN F 147 -15.37 9.56 17.52
CA ASN F 147 -16.42 8.62 17.17
C ASN F 147 -16.83 7.74 18.34
N VAL F 148 -16.02 7.74 19.41
CA VAL F 148 -16.36 7.01 20.62
C VAL F 148 -17.44 7.76 21.41
N ARG F 149 -17.63 9.05 21.12
CA ARG F 149 -18.55 9.88 21.90
C ARG F 149 -19.99 9.44 21.74
N LYS F 150 -20.37 8.97 20.55
CA LYS F 150 -21.74 8.52 20.35
C LYS F 150 -22.01 7.19 21.05
N LYS F 151 -21.04 6.27 21.03
CA LYS F 151 -21.25 4.96 21.61
C LYS F 151 -21.19 4.98 23.13
N VAL F 152 -20.40 5.88 23.70
CA VAL F 152 -20.32 5.99 25.14
C VAL F 152 -21.62 6.56 25.69
N LEU F 153 -22.23 7.49 24.97
CA LEU F 153 -23.49 8.08 25.40
C LEU F 153 -24.70 7.21 25.08
N ARG F 154 -24.60 6.32 24.08
CA ARG F 154 -25.65 5.34 23.83
C ARG F 154 -25.81 4.40 25.02
N SER F 155 -24.69 4.02 25.64
CA SER F 155 -24.69 3.12 26.79
C SER F 155 -24.89 3.84 28.11
N GLY F 156 -24.98 5.17 28.10
CA GLY F 156 -25.21 5.91 29.31
C GLY F 156 -23.97 6.09 30.17
N ALA F 157 -22.95 6.75 29.64
CA ALA F 157 -21.74 7.04 30.38
C ALA F 157 -21.28 8.45 30.05
N ASN F 158 -20.20 8.90 30.68
CA ASN F 158 -19.76 10.29 30.58
C ASN F 158 -18.42 10.35 29.86
N PHE F 159 -18.45 10.70 28.57
CA PHE F 159 -17.24 10.74 27.77
C PHE F 159 -16.37 11.92 28.14
N VAL F 160 -15.07 11.68 28.33
CA VAL F 160 -14.08 12.69 28.65
C VAL F 160 -12.99 12.61 27.60
N HIS F 161 -12.97 13.57 26.68
CA HIS F 161 -12.05 13.50 25.54
C HIS F 161 -10.64 13.85 25.98
N GLY F 162 -9.73 12.89 25.89
CA GLY F 162 -8.36 13.13 26.28
C GLY F 162 -7.49 11.95 25.90
N ASP F 163 -6.19 12.09 26.15
CA ASP F 163 -5.24 11.04 25.84
C ASP F 163 -4.94 10.26 27.11
N PRO F 164 -5.29 8.98 27.19
CA PRO F 164 -5.17 8.27 28.47
C PRO F 164 -3.75 7.89 28.84
N THR F 165 -2.78 8.04 27.94
CA THR F 165 -1.39 7.78 28.28
C THR F 165 -0.70 9.00 28.88
N ARG F 166 -1.19 10.20 28.57
CA ARG F 166 -0.63 11.43 29.10
C ARG F 166 -1.15 11.68 30.51
N VAL F 167 -0.25 12.07 31.41
CA VAL F 167 -0.61 12.22 32.82
C VAL F 167 -1.47 13.47 33.02
N SER F 168 -1.32 14.46 32.14
CA SER F 168 -2.09 15.69 32.27
C SER F 168 -3.55 15.49 31.91
N ASP F 169 -3.86 14.48 31.09
CA ASP F 169 -5.23 14.14 30.76
C ASP F 169 -5.80 13.06 31.66
N LEU F 170 -4.96 12.31 32.37
CA LEU F 170 -5.44 11.35 33.35
C LEU F 170 -5.91 12.03 34.62
N GLU F 171 -5.52 13.28 34.85
CA GLU F 171 -6.03 14.05 35.97
C GLU F 171 -7.33 14.77 35.64
N LYS F 172 -7.60 15.02 34.36
CA LYS F 172 -8.92 15.51 33.96
C LYS F 172 -10.00 14.49 34.22
N ALA F 173 -9.68 13.20 34.13
CA ALA F 173 -10.64 12.14 34.38
C ALA F 173 -10.78 11.83 35.86
N ASN F 174 -9.94 12.43 36.71
CA ASN F 174 -9.96 12.30 38.16
C ASN F 174 -9.80 10.84 38.60
N VAL F 175 -8.65 10.26 38.25
CA VAL F 175 -8.36 8.90 38.68
C VAL F 175 -7.89 8.85 40.11
N ARG F 176 -7.55 9.98 40.71
CA ARG F 176 -7.16 10.00 42.11
C ARG F 176 -8.41 9.94 42.96
N GLY F 177 -8.49 8.93 43.83
CA GLY F 177 -9.69 8.76 44.63
C GLY F 177 -10.86 8.23 43.82
N ALA F 178 -10.73 7.01 43.33
CA ALA F 178 -11.78 6.36 42.55
C ALA F 178 -11.94 4.94 43.06
N ARG F 179 -13.06 4.31 42.67
CA ARG F 179 -13.28 2.91 43.02
C ARG F 179 -12.29 2.01 42.30
N ALA F 180 -12.21 2.14 40.99
CA ALA F 180 -11.35 1.31 40.16
C ALA F 180 -11.11 2.02 38.85
N VAL F 181 -9.97 1.73 38.24
CA VAL F 181 -9.67 2.16 36.88
C VAL F 181 -9.57 0.91 36.03
N ILE F 182 -10.23 0.91 34.89
CA ILE F 182 -10.26 -0.23 33.98
C ILE F 182 -9.55 0.20 32.71
N VAL F 183 -8.44 -0.44 32.38
CA VAL F 183 -7.61 -0.07 31.25
C VAL F 183 -7.78 -1.13 30.17
N ASP F 184 -8.25 -0.71 29.00
CA ASP F 184 -8.37 -1.58 27.83
C ASP F 184 -8.16 -0.71 26.61
N LEU F 185 -6.93 -0.64 26.14
CA LEU F 185 -6.54 0.27 25.08
C LEU F 185 -6.19 -0.50 23.82
N GLU F 186 -5.81 0.23 22.78
CA GLU F 186 -5.74 -0.35 21.45
C GLU F 186 -4.52 -1.25 21.25
N SER F 187 -3.56 -1.23 22.17
CA SER F 187 -2.41 -2.11 22.09
C SER F 187 -1.92 -2.37 23.50
N ASP F 188 -1.03 -3.34 23.62
CA ASP F 188 -0.43 -3.60 24.93
C ASP F 188 0.59 -2.55 25.30
N SER F 189 1.09 -1.81 24.31
CA SER F 189 2.04 -0.74 24.58
C SER F 189 1.38 0.40 25.34
N GLU F 190 0.15 0.75 24.97
CA GLU F 190 -0.58 1.81 25.64
C GLU F 190 -1.29 1.33 26.89
N THR F 191 -1.46 0.02 27.06
CA THR F 191 -2.00 -0.47 28.32
C THR F 191 -0.94 -0.45 29.41
N ILE F 192 0.31 -0.71 29.06
CA ILE F 192 1.39 -0.64 30.04
C ILE F 192 1.70 0.83 30.38
N HIS F 193 1.70 1.68 29.38
CA HIS F 193 2.03 3.09 29.58
C HIS F 193 0.92 3.85 30.31
N CYS F 194 -0.31 3.36 30.29
CA CYS F 194 -1.36 3.99 31.06
C CYS F 194 -1.30 3.60 32.53
N ILE F 195 -0.83 2.40 32.84
CA ILE F 195 -0.74 1.97 34.23
C ILE F 195 0.42 2.66 34.93
N LEU F 196 1.51 2.88 34.21
CA LEU F 196 2.64 3.62 34.75
C LEU F 196 2.31 5.08 35.00
N GLY F 197 1.27 5.61 34.36
CA GLY F 197 0.84 6.97 34.61
C GLY F 197 -0.15 7.08 35.75
N ILE F 198 -0.96 6.04 35.97
CA ILE F 198 -1.87 6.05 37.10
C ILE F 198 -1.11 5.86 38.40
N ARG F 199 -0.04 5.07 38.37
CA ARG F 199 0.78 4.91 39.56
C ARG F 199 1.62 6.15 39.86
N LYS F 200 1.79 7.05 38.90
CA LYS F 200 2.37 8.35 39.25
C LYS F 200 1.39 9.19 40.03
N ILE F 201 0.10 9.08 39.73
CA ILE F 201 -0.94 9.91 40.34
C ILE F 201 -1.40 9.31 41.66
N ASP F 202 -1.92 8.08 41.62
CA ASP F 202 -2.47 7.42 42.79
C ASP F 202 -1.83 6.04 42.90
N GLU F 203 -1.06 5.82 43.97
CA GLU F 203 -0.41 4.53 44.17
C GLU F 203 -1.36 3.43 44.61
N SER F 204 -2.49 3.77 45.23
CA SER F 204 -3.30 2.78 45.93
C SER F 204 -4.63 2.51 45.26
N VAL F 205 -4.93 3.14 44.11
CA VAL F 205 -6.18 2.86 43.44
C VAL F 205 -6.10 1.49 42.76
N ARG F 206 -7.26 0.86 42.59
CA ARG F 206 -7.35 -0.48 42.04
C ARG F 206 -7.37 -0.40 40.52
N ILE F 207 -6.42 -1.07 39.86
CA ILE F 207 -6.32 -1.06 38.41
C ILE F 207 -6.65 -2.46 37.91
N ILE F 208 -7.50 -2.54 36.89
CA ILE F 208 -7.91 -3.79 36.28
C ILE F 208 -7.59 -3.69 34.79
N ALA F 209 -6.49 -4.28 34.37
CA ALA F 209 -6.03 -4.14 33.00
C ALA F 209 -6.52 -5.30 32.16
N GLU F 210 -6.19 -5.25 30.87
CA GLU F 210 -6.48 -6.33 29.94
C GLU F 210 -5.26 -6.59 29.09
N ALA F 211 -4.70 -7.79 29.19
CA ALA F 211 -3.56 -8.18 28.38
C ALA F 211 -4.03 -8.76 27.06
N GLU F 212 -3.31 -8.44 25.99
CA GLU F 212 -3.61 -9.01 24.69
C GLU F 212 -2.70 -10.18 24.36
N ARG F 213 -1.41 -10.02 24.56
CA ARG F 213 -0.46 -11.09 24.32
C ARG F 213 -0.16 -11.85 25.59
N TYR F 214 0.39 -13.04 25.45
CA TYR F 214 0.69 -13.83 26.63
C TYR F 214 1.94 -13.33 27.34
N GLU F 215 2.89 -12.79 26.58
CA GLU F 215 4.15 -12.33 27.16
C GLU F 215 4.00 -11.09 28.01
N ASN F 216 2.86 -10.40 27.94
CA ASN F 216 2.63 -9.16 28.65
C ASN F 216 1.78 -9.32 29.88
N ILE F 217 1.51 -10.55 30.32
CA ILE F 217 0.81 -10.68 31.59
C ILE F 217 1.75 -10.38 32.74
N GLU F 218 3.04 -10.67 32.57
CA GLU F 218 4.00 -10.34 33.63
C GLU F 218 4.41 -8.88 33.58
N GLN F 219 4.39 -8.24 32.40
CA GLN F 219 4.74 -6.84 32.34
C GLN F 219 3.62 -5.95 32.84
N LEU F 220 2.39 -6.42 32.80
CA LEU F 220 1.28 -5.63 33.32
C LEU F 220 1.21 -5.70 34.84
N ARG F 221 1.73 -6.77 35.43
CA ARG F 221 1.75 -6.86 36.88
C ARG F 221 2.90 -6.06 37.48
N MET F 222 4.05 -6.06 36.83
CA MET F 222 5.17 -5.26 37.29
C MET F 222 4.93 -3.77 37.12
N ALA F 223 4.07 -3.38 36.18
CA ALA F 223 3.73 -1.97 36.03
C ALA F 223 2.79 -1.51 37.13
N GLY F 224 1.98 -2.41 37.67
CA GLY F 224 1.15 -2.05 38.81
C GLY F 224 -0.30 -2.45 38.76
N ALA F 225 -0.70 -3.28 37.80
CA ALA F 225 -2.09 -3.69 37.71
C ALA F 225 -2.44 -4.68 38.81
N ASP F 226 -3.55 -4.44 39.48
CA ASP F 226 -3.98 -5.31 40.55
C ASP F 226 -4.67 -6.56 40.06
N GLN F 227 -5.26 -6.53 38.88
CA GLN F 227 -5.90 -7.70 38.30
C GLN F 227 -5.76 -7.63 36.79
N VAL F 228 -5.14 -8.64 36.20
CA VAL F 228 -4.93 -8.71 34.76
C VAL F 228 -5.87 -9.77 34.21
N ILE F 229 -6.60 -9.42 33.15
CA ILE F 229 -7.54 -10.32 32.49
C ILE F 229 -7.11 -10.47 31.04
N SER F 230 -6.72 -11.68 30.65
CA SER F 230 -6.22 -11.91 29.30
C SER F 230 -7.21 -12.75 28.51
N PRO F 231 -8.07 -12.16 27.69
CA PRO F 231 -9.12 -12.93 27.02
C PRO F 231 -8.66 -13.64 25.77
N PHE F 232 -7.64 -13.13 25.09
CA PHE F 232 -7.14 -13.76 23.89
C PHE F 232 -6.28 -14.97 24.19
N VAL F 233 -5.83 -15.13 25.43
CA VAL F 233 -5.08 -16.31 25.81
C VAL F 233 -6.02 -17.42 26.23
N ILE F 234 -7.12 -17.06 26.88
CA ILE F 234 -8.15 -18.05 27.19
C ILE F 234 -8.81 -18.54 25.92
N SER F 235 -9.13 -17.63 25.00
CA SER F 235 -9.78 -18.01 23.76
C SER F 235 -8.83 -18.69 22.79
N GLY F 236 -7.54 -18.46 22.90
CA GLY F 236 -6.61 -19.09 22.00
C GLY F 236 -6.34 -20.53 22.39
N ARG F 237 -6.28 -20.79 23.68
CA ARG F 237 -6.06 -22.15 24.16
C ARG F 237 -7.29 -23.03 24.02
N LEU F 238 -8.48 -22.45 24.01
CA LEU F 238 -9.69 -23.22 23.78
C LEU F 238 -9.94 -23.50 22.31
N MET F 239 -9.27 -22.80 21.41
CA MET F 239 -9.40 -23.10 19.99
C MET F 239 -8.53 -24.27 19.59
N SER F 240 -7.32 -24.35 20.14
CA SER F 240 -6.43 -25.46 19.82
C SER F 240 -6.72 -26.70 20.64
N ARG F 241 -7.67 -26.63 21.56
CA ARG F 241 -8.10 -27.78 22.32
C ARG F 241 -9.47 -28.30 21.90
N SER F 242 -10.18 -27.58 21.04
CA SER F 242 -11.48 -28.01 20.57
C SER F 242 -11.45 -28.53 19.15
N ILE F 243 -10.27 -28.82 18.62
CA ILE F 243 -10.20 -29.43 17.29
C ILE F 243 -10.66 -30.87 17.36
N ASP F 244 -10.25 -31.60 18.39
CA ASP F 244 -10.69 -32.98 18.56
C ASP F 244 -11.91 -33.10 19.48
N ASP F 245 -11.76 -32.69 20.74
CA ASP F 245 -12.73 -33.07 21.77
C ASP F 245 -13.75 -31.98 22.07
N GLY F 246 -13.29 -30.84 22.55
CA GLY F 246 -14.17 -29.72 22.84
C GLY F 246 -15.08 -29.90 24.03
N TYR F 247 -14.66 -30.61 25.07
CA TYR F 247 -15.44 -30.68 26.29
C TYR F 247 -15.03 -29.62 27.31
N GLU F 248 -13.81 -29.12 27.21
CA GLU F 248 -13.38 -28.03 28.07
C GLU F 248 -14.03 -26.72 27.69
N ALA F 249 -14.19 -26.45 26.40
CA ALA F 249 -14.82 -25.21 25.96
C ALA F 249 -16.32 -25.20 26.20
N MET F 250 -16.97 -26.36 26.27
CA MET F 250 -18.36 -26.40 26.66
C MET F 250 -18.56 -25.97 28.11
N PHE F 251 -17.61 -26.29 28.98
CA PHE F 251 -17.74 -25.88 30.37
C PHE F 251 -17.51 -24.38 30.52
N VAL F 252 -16.52 -23.84 29.82
CA VAL F 252 -16.19 -22.42 29.91
C VAL F 252 -17.32 -21.58 29.34
N GLN F 253 -17.93 -22.03 28.25
CA GLN F 253 -18.96 -21.24 27.58
C GLN F 253 -20.26 -21.21 28.37
N ASP F 254 -20.55 -22.23 29.17
CA ASP F 254 -21.85 -22.28 29.81
C ASP F 254 -21.86 -21.84 31.26
N VAL F 255 -20.70 -21.63 31.90
CA VAL F 255 -20.70 -21.08 33.24
C VAL F 255 -19.99 -19.73 33.34
N LEU F 256 -19.23 -19.31 32.33
CA LEU F 256 -18.53 -18.03 32.38
C LEU F 256 -19.08 -17.01 31.41
N ALA F 257 -19.46 -17.42 30.21
CA ALA F 257 -19.99 -16.49 29.23
C ALA F 257 -21.50 -16.39 29.28
N GLU F 258 -22.19 -17.50 29.08
CA GLU F 258 -23.63 -17.46 28.88
C GLU F 258 -24.42 -17.62 30.16
N GLU F 259 -23.90 -18.40 31.11
CA GLU F 259 -24.57 -18.76 32.36
C GLU F 259 -25.95 -19.37 32.10
N SER F 260 -25.96 -20.39 31.24
CA SER F 260 -27.23 -20.98 30.82
C SER F 260 -27.85 -21.82 31.91
N THR F 261 -27.08 -22.74 32.49
CA THR F 261 -27.54 -23.56 33.59
C THR F 261 -26.84 -23.23 34.90
N ARG F 262 -25.52 -23.31 34.92
CA ARG F 262 -24.71 -23.02 36.09
C ARG F 262 -24.01 -21.68 35.94
N ARG F 263 -23.69 -21.06 37.07
CA ARG F 263 -22.88 -19.85 37.04
C ARG F 263 -22.01 -19.82 38.28
N MET F 264 -20.91 -19.09 38.21
CA MET F 264 -19.99 -18.98 39.32
C MET F 264 -20.46 -17.92 40.29
N VAL F 265 -20.46 -18.26 41.58
CA VAL F 265 -20.96 -17.37 42.61
C VAL F 265 -19.87 -17.21 43.67
N GLU F 266 -19.77 -16.00 44.22
CA GLU F 266 -18.94 -15.76 45.40
C GLU F 266 -19.82 -15.21 46.50
N VAL F 267 -19.88 -15.92 47.62
CA VAL F 267 -20.72 -15.52 48.75
C VAL F 267 -19.87 -15.30 50.00
N PRO F 268 -20.02 -14.18 50.68
CA PRO F 268 -19.24 -13.96 51.91
C PRO F 268 -19.92 -14.55 53.13
N ILE F 269 -19.10 -14.94 54.09
CA ILE F 269 -19.57 -15.53 55.34
C ILE F 269 -19.89 -14.40 56.30
N PRO F 270 -21.15 -14.22 56.70
CA PRO F 270 -21.50 -13.12 57.61
C PRO F 270 -21.13 -13.48 59.05
N GLU F 271 -21.45 -12.55 59.95
CA GLU F 271 -20.93 -12.57 61.31
C GLU F 271 -21.81 -13.46 62.18
N GLY F 272 -21.23 -14.51 62.74
CA GLY F 272 -21.94 -15.41 63.64
C GLY F 272 -23.01 -16.22 62.95
N SER F 273 -22.66 -16.88 61.85
CA SER F 273 -23.65 -17.58 61.02
C SER F 273 -23.17 -18.99 60.71
N LYS F 274 -23.39 -19.91 61.66
CA LYS F 274 -23.38 -21.36 61.45
C LYS F 274 -22.07 -21.96 60.95
N LEU F 275 -21.03 -21.15 60.76
CA LEU F 275 -19.83 -21.64 60.09
C LEU F 275 -18.53 -21.19 60.72
N GLU F 276 -18.55 -20.38 61.77
CA GLU F 276 -17.31 -19.90 62.37
C GLU F 276 -16.73 -21.03 63.22
N GLY F 277 -15.73 -21.73 62.67
CA GLY F 277 -14.98 -22.71 63.42
C GLY F 277 -15.17 -24.15 62.97
N VAL F 278 -15.97 -24.41 61.96
CA VAL F 278 -16.22 -25.79 61.55
C VAL F 278 -15.25 -26.13 60.42
N SER F 279 -14.79 -27.39 60.39
CA SER F 279 -13.92 -27.87 59.33
C SER F 279 -14.70 -28.01 58.02
N VAL F 280 -13.98 -28.26 56.93
CA VAL F 280 -14.62 -28.32 55.62
C VAL F 280 -15.38 -29.63 55.45
N LEU F 281 -14.91 -30.72 56.08
CA LEU F 281 -15.55 -32.02 55.90
C LEU F 281 -16.92 -32.08 56.57
N ASP F 282 -17.05 -31.48 57.75
CA ASP F 282 -18.34 -31.43 58.42
C ASP F 282 -19.09 -30.13 58.17
N ALA F 283 -18.57 -29.27 57.30
CA ALA F 283 -19.40 -28.21 56.75
C ALA F 283 -20.40 -28.79 55.76
N ASP F 284 -19.95 -29.80 55.01
CA ASP F 284 -20.79 -30.74 54.26
C ASP F 284 -21.58 -30.01 53.15
N ILE F 285 -20.89 -29.07 52.50
CA ILE F 285 -21.55 -28.08 51.64
C ILE F 285 -22.00 -28.69 50.33
N HIS F 286 -21.20 -29.59 49.75
CA HIS F 286 -21.55 -30.17 48.47
C HIS F 286 -22.70 -31.15 48.57
N ASP F 287 -23.03 -31.64 49.77
CA ASP F 287 -24.08 -32.62 49.91
C ASP F 287 -25.40 -32.04 50.43
N VAL F 288 -25.38 -30.88 51.07
CA VAL F 288 -26.62 -30.25 51.54
C VAL F 288 -27.04 -29.09 50.65
N THR F 289 -26.11 -28.53 49.88
CA THR F 289 -26.45 -27.45 48.97
C THR F 289 -26.32 -27.84 47.51
N GLY F 290 -25.36 -28.70 47.18
CA GLY F 290 -25.15 -29.12 45.81
C GLY F 290 -24.14 -28.30 45.04
N VAL F 291 -23.66 -27.20 45.60
CA VAL F 291 -22.69 -26.34 44.94
C VAL F 291 -21.32 -26.99 45.01
N ILE F 292 -20.58 -26.91 43.90
CA ILE F 292 -19.20 -27.36 43.87
C ILE F 292 -18.32 -26.27 44.46
N ILE F 293 -17.70 -26.54 45.60
CA ILE F 293 -16.83 -25.57 46.26
C ILE F 293 -15.50 -25.55 45.52
N ILE F 294 -15.26 -24.51 44.73
CA ILE F 294 -14.01 -24.42 43.98
C ILE F 294 -12.87 -24.02 44.91
N GLY F 295 -13.08 -22.98 45.71
CA GLY F 295 -12.06 -22.57 46.66
C GLY F 295 -12.61 -21.50 47.58
N VAL F 296 -11.81 -21.17 48.58
CA VAL F 296 -12.12 -20.11 49.53
C VAL F 296 -10.99 -19.10 49.46
N GLY F 297 -11.34 -17.81 49.53
CA GLY F 297 -10.34 -16.78 49.45
C GLY F 297 -10.45 -15.74 50.54
N ARG F 298 -9.40 -15.57 51.33
CA ARG F 298 -9.39 -14.60 52.42
C ARG F 298 -8.20 -13.67 52.25
N GLY F 299 -8.48 -12.39 52.06
CA GLY F 299 -7.43 -11.39 51.99
C GLY F 299 -6.57 -11.49 50.75
N ASP F 300 -7.18 -11.18 49.59
CA ASP F 300 -6.58 -11.18 48.23
C ASP F 300 -5.67 -12.37 47.95
N GLU F 301 -6.04 -13.55 48.45
CA GLU F 301 -5.30 -14.76 48.19
C GLU F 301 -6.29 -15.91 48.08
N LEU F 302 -6.28 -16.60 46.95
CA LEU F 302 -7.24 -17.65 46.65
C LEU F 302 -6.65 -19.00 47.01
N ILE F 303 -7.28 -19.70 47.95
CA ILE F 303 -6.89 -21.04 48.33
C ILE F 303 -7.79 -21.98 47.54
N ILE F 304 -7.35 -22.34 46.33
CA ILE F 304 -8.09 -23.27 45.51
C ILE F 304 -7.97 -24.67 46.12
N ASP F 305 -9.10 -25.39 46.19
CA ASP F 305 -9.27 -26.71 46.81
C ASP F 305 -8.77 -26.67 48.25
N PRO F 306 -9.54 -26.10 49.17
CA PRO F 306 -9.12 -26.07 50.56
C PRO F 306 -9.13 -27.47 51.16
N PRO F 307 -8.12 -27.82 51.95
CA PRO F 307 -8.03 -29.19 52.47
C PRO F 307 -9.01 -29.40 53.62
N ARG F 308 -9.03 -30.63 54.13
CA ARG F 308 -9.87 -30.95 55.27
C ARG F 308 -9.37 -30.30 56.55
N ASP F 309 -8.09 -29.99 56.63
CA ASP F 309 -7.52 -29.26 57.76
C ASP F 309 -7.63 -27.76 57.49
N TYR F 310 -8.86 -27.28 57.48
CA TYR F 310 -9.15 -25.87 57.20
C TYR F 310 -10.43 -25.50 57.94
N SER F 311 -10.50 -24.26 58.40
CA SER F 311 -11.65 -23.78 59.16
C SER F 311 -12.10 -22.44 58.61
N PHE F 312 -13.39 -22.15 58.75
CA PHE F 312 -13.98 -20.93 58.21
C PHE F 312 -14.04 -19.84 59.26
N ARG F 313 -13.69 -18.63 58.86
CA ARG F 313 -13.78 -17.46 59.71
C ARG F 313 -14.78 -16.47 59.12
N ALA F 314 -15.18 -15.50 59.92
CA ALA F 314 -16.10 -14.49 59.46
C ALA F 314 -15.38 -13.51 58.55
N GLY F 315 -15.83 -13.42 57.31
CA GLY F 315 -15.19 -12.59 56.30
C GLY F 315 -14.62 -13.36 55.12
N ASP F 316 -14.58 -14.69 55.18
CA ASP F 316 -14.11 -15.48 54.06
C ASP F 316 -15.15 -15.48 52.95
N ILE F 317 -14.69 -15.72 51.73
CA ILE F 317 -15.55 -15.73 50.56
C ILE F 317 -15.45 -17.10 49.90
N ILE F 318 -16.60 -17.75 49.73
CA ILE F 318 -16.66 -19.08 49.14
C ILE F 318 -16.94 -18.94 47.65
N LEU F 319 -16.06 -19.48 46.83
CA LEU F 319 -16.19 -19.41 45.38
C LEU F 319 -16.72 -20.74 44.87
N GLY F 320 -17.90 -20.73 44.25
CA GLY F 320 -18.54 -21.98 43.88
C GLY F 320 -19.29 -21.91 42.58
N ILE F 321 -19.63 -23.09 42.07
CA ILE F 321 -20.38 -23.26 40.82
C ILE F 321 -21.65 -24.02 41.14
N GLY F 322 -22.80 -23.43 40.79
CA GLY F 322 -24.05 -24.12 41.04
C GLY F 322 -25.21 -23.50 40.29
N LYS F 323 -26.32 -24.23 40.31
CA LYS F 323 -27.55 -23.77 39.68
C LYS F 323 -28.18 -22.65 40.50
N PRO F 324 -29.05 -21.83 39.89
CA PRO F 324 -29.75 -20.79 40.67
C PRO F 324 -30.72 -21.34 41.70
N GLU F 325 -31.16 -22.58 41.57
CA GLU F 325 -31.93 -23.22 42.63
C GLU F 325 -31.05 -23.68 43.78
N GLU F 326 -29.77 -23.89 43.53
CA GLU F 326 -28.83 -24.36 44.55
C GLU F 326 -28.06 -23.24 45.23
N ILE F 327 -27.86 -22.12 44.53
CA ILE F 327 -27.10 -21.02 45.11
C ILE F 327 -27.87 -20.37 46.25
N GLU F 328 -29.18 -20.18 46.07
CA GLU F 328 -30.01 -19.63 47.12
C GLU F 328 -30.22 -20.59 48.28
N ARG F 329 -30.04 -21.89 48.08
CA ARG F 329 -30.03 -22.81 49.20
C ARG F 329 -28.73 -22.71 49.97
N LEU F 330 -27.64 -22.29 49.31
CA LEU F 330 -26.39 -22.05 50.01
C LEU F 330 -26.47 -20.78 50.82
N LYS F 331 -27.08 -19.72 50.27
CA LYS F 331 -27.12 -18.44 50.95
C LYS F 331 -28.05 -18.42 52.16
N ASN F 332 -28.95 -19.40 52.27
CA ASN F 332 -29.67 -19.60 53.53
C ASN F 332 -28.89 -20.49 54.48
N TYR F 333 -28.07 -21.39 53.95
CA TYR F 333 -27.26 -22.28 54.78
C TYR F 333 -26.12 -21.54 55.47
N ILE F 334 -25.70 -20.39 54.93
CA ILE F 334 -24.63 -19.61 55.53
C ILE F 334 -25.17 -18.43 56.34
N SER F 335 -26.44 -18.47 56.73
CA SER F 335 -27.04 -17.39 57.49
C SER F 335 -27.19 -17.80 58.96
N ALA F 336 -27.35 -16.80 59.81
CA ALA F 336 -27.39 -17.02 61.26
C ALA F 336 -28.73 -17.62 61.71
N SER G 115 3.94 44.93 20.57
CA SER G 115 5.08 44.11 20.23
C SER G 115 5.46 43.20 21.38
N ARG G 116 4.47 42.49 21.95
CA ARG G 116 4.73 41.57 23.04
C ARG G 116 4.02 40.24 22.83
N HIS G 117 3.72 39.88 21.58
CA HIS G 117 3.11 38.60 21.30
C HIS G 117 4.04 37.76 20.45
N VAL G 118 3.94 36.44 20.62
CA VAL G 118 4.85 35.48 20.02
C VAL G 118 4.02 34.56 19.15
N VAL G 119 4.34 34.49 17.87
CA VAL G 119 3.64 33.64 16.92
C VAL G 119 4.41 32.34 16.81
N ILE G 120 3.71 31.21 16.85
CA ILE G 120 4.31 29.90 16.71
C ILE G 120 3.68 29.25 15.49
N CYS G 121 4.49 28.94 14.49
CA CYS G 121 4.01 28.33 13.26
C CYS G 121 4.28 26.83 13.35
N GLY G 122 3.21 26.05 13.44
CA GLY G 122 3.32 24.62 13.62
C GLY G 122 3.09 24.21 15.07
N TRP G 123 3.06 22.90 15.28
CA TRP G 123 2.82 22.36 16.62
C TRP G 123 3.46 20.99 16.73
N SER G 124 4.32 20.81 17.72
CA SER G 124 4.93 19.52 18.00
C SER G 124 5.20 19.44 19.48
N GLU G 125 6.02 18.47 19.88
CA GLU G 125 6.42 18.33 21.28
C GLU G 125 7.44 19.38 21.68
N SER G 126 8.23 19.91 20.74
CA SER G 126 9.16 20.98 21.06
C SER G 126 8.45 22.25 21.46
N THR G 127 7.28 22.51 20.88
CA THR G 127 6.51 23.70 21.17
C THR G 127 5.64 23.56 22.41
N LEU G 128 5.35 22.33 22.83
CA LEU G 128 4.62 22.15 24.07
C LEU G 128 5.48 22.42 25.30
N GLU G 129 6.77 22.13 25.21
CA GLU G 129 7.69 22.50 26.28
C GLU G 129 8.13 23.96 26.18
N CYS G 130 7.91 24.59 25.04
CA CYS G 130 8.23 26.01 24.90
C CYS G 130 7.15 26.87 25.52
N LEU G 131 5.91 26.38 25.58
CA LEU G 131 4.82 27.09 26.20
C LEU G 131 4.81 26.98 27.71
N ARG G 132 5.64 26.12 28.29
CA ARG G 132 5.63 25.93 29.73
C ARG G 132 6.24 27.12 30.45
N GLU G 133 7.16 27.84 29.79
CA GLU G 133 7.75 29.03 30.38
C GLU G 133 7.48 30.27 29.53
N LEU G 134 6.31 30.33 28.91
CA LEU G 134 5.82 31.52 28.27
C LEU G 134 4.44 31.83 28.82
N ARG G 135 4.11 33.13 28.89
CA ARG G 135 2.85 33.58 29.47
C ARG G 135 1.70 33.24 28.54
N GLY G 136 0.86 32.30 28.94
CA GLY G 136 -0.13 31.72 28.06
C GLY G 136 -1.36 32.56 27.74
N SER G 137 -1.14 33.78 27.27
CA SER G 137 -2.19 34.58 26.65
C SER G 137 -1.71 35.31 25.41
N GLU G 138 -0.40 35.37 25.18
CA GLU G 138 0.21 36.16 24.10
C GLU G 138 0.72 35.27 22.97
N VAL G 139 0.41 33.99 22.99
CA VAL G 139 0.94 33.04 22.02
C VAL G 139 -0.15 32.72 21.01
N PHE G 140 0.14 32.90 19.72
CA PHE G 140 -0.77 32.57 18.64
C PHE G 140 -0.19 31.41 17.86
N VAL G 141 -0.76 30.22 18.02
CA VAL G 141 -0.29 29.05 17.31
C VAL G 141 -1.01 28.97 15.98
N LEU G 142 -0.31 29.24 14.89
CA LEU G 142 -0.85 29.18 13.54
C LEU G 142 -0.54 27.82 12.94
N ALA G 143 -1.56 27.00 12.78
CA ALA G 143 -1.40 25.69 12.18
C ALA G 143 -2.61 25.44 11.28
N GLU G 144 -2.54 24.37 10.50
CA GLU G 144 -3.55 24.10 9.49
C GLU G 144 -4.55 23.04 9.91
N ASP G 145 -4.10 22.02 10.64
CA ASP G 145 -4.98 20.95 11.08
C ASP G 145 -5.94 21.46 12.15
N GLU G 146 -7.12 20.85 12.21
CA GLU G 146 -8.10 21.22 13.22
C GLU G 146 -8.03 20.36 14.46
N ASN G 147 -7.33 19.23 14.42
CA ASN G 147 -7.07 18.46 15.63
C ASN G 147 -6.04 19.15 16.53
N VAL G 148 -5.34 20.15 16.00
CA VAL G 148 -4.40 20.92 16.79
C VAL G 148 -5.15 21.90 17.69
N ARG G 149 -6.42 22.18 17.39
CA ARG G 149 -7.18 23.19 18.11
C ARG G 149 -7.43 22.80 19.57
N LYS G 150 -7.61 21.51 19.83
CA LYS G 150 -7.84 21.08 21.20
C LYS G 150 -6.56 21.14 22.03
N LYS G 151 -5.42 20.78 21.44
CA LYS G 151 -4.17 20.74 22.18
C LYS G 151 -3.59 22.12 22.43
N VAL G 152 -3.83 23.05 21.51
CA VAL G 152 -3.37 24.43 21.68
C VAL G 152 -4.13 25.10 22.81
N LEU G 153 -5.43 24.81 22.92
CA LEU G 153 -6.25 25.39 23.97
C LEU G 153 -6.09 24.69 25.30
N ARG G 154 -5.68 23.41 25.30
CA ARG G 154 -5.34 22.73 26.56
C ARG G 154 -4.16 23.39 27.25
N SER G 155 -3.19 23.84 26.47
CA SER G 155 -1.99 24.51 26.99
C SER G 155 -2.19 26.00 27.20
N GLY G 156 -3.35 26.55 26.84
CA GLY G 156 -3.62 27.95 27.03
C GLY G 156 -2.97 28.85 26.02
N ALA G 157 -3.34 28.70 24.75
CA ALA G 157 -2.83 29.54 23.68
C ALA G 157 -3.98 29.85 22.72
N ASN G 158 -3.70 30.67 21.71
CA ASN G 158 -4.74 31.18 20.82
C ASN G 158 -4.55 30.60 19.42
N PHE G 159 -5.33 29.59 19.07
CA PHE G 159 -5.20 28.92 17.79
C PHE G 159 -5.73 29.80 16.66
N VAL G 160 -4.95 29.92 15.59
CA VAL G 160 -5.31 30.69 14.40
C VAL G 160 -5.22 29.74 13.21
N HIS G 161 -6.36 29.31 12.69
CA HIS G 161 -6.38 28.30 11.65
C HIS G 161 -5.98 28.91 10.32
N GLY G 162 -4.85 28.46 9.77
CA GLY G 162 -4.37 28.97 8.50
C GLY G 162 -3.19 28.16 8.03
N ASP G 163 -2.72 28.51 6.83
CA ASP G 163 -1.58 27.84 6.23
C ASP G 163 -0.33 28.67 6.46
N PRO G 164 0.65 28.19 7.25
CA PRO G 164 1.78 29.05 7.61
C PRO G 164 2.78 29.29 6.50
N THR G 165 2.69 28.58 5.38
CA THR G 165 3.57 28.85 4.25
C THR G 165 3.02 29.92 3.33
N ARG G 166 1.71 30.12 3.32
CA ARG G 166 1.08 31.15 2.50
C ARG G 166 1.20 32.51 3.18
N VAL G 167 1.56 33.53 2.41
CA VAL G 167 1.81 34.85 2.97
C VAL G 167 0.51 35.51 3.38
N SER G 168 -0.60 35.15 2.74
CA SER G 168 -1.88 35.76 3.07
C SER G 168 -2.41 35.28 4.42
N ASP G 169 -1.99 34.10 4.87
CA ASP G 169 -2.34 33.59 6.18
C ASP G 169 -1.31 33.93 7.24
N LEU G 170 -0.09 34.29 6.85
CA LEU G 170 0.89 34.76 7.81
C LEU G 170 0.61 36.18 8.27
N GLU G 171 -0.20 36.93 7.54
CA GLU G 171 -0.62 38.24 7.99
C GLU G 171 -1.85 38.19 8.87
N LYS G 172 -2.65 37.12 8.79
CA LYS G 172 -3.72 36.91 9.75
C LYS G 172 -3.18 36.66 11.15
N ALA G 173 -2.00 36.05 11.26
CA ALA G 173 -1.38 35.80 12.56
C ALA G 173 -0.62 37.00 13.07
N ASN G 174 -0.49 38.06 12.27
CA ASN G 174 0.16 39.32 12.61
C ASN G 174 1.61 39.11 13.04
N VAL G 175 2.41 38.59 12.11
CA VAL G 175 3.83 38.42 12.37
C VAL G 175 4.60 39.73 12.25
N ARG G 176 3.99 40.76 11.67
CA ARG G 176 4.66 42.05 11.58
C ARG G 176 4.54 42.75 12.93
N GLY G 177 5.69 43.10 13.51
CA GLY G 177 5.67 43.69 14.83
C GLY G 177 5.37 42.69 15.91
N ALA G 178 6.27 41.73 16.11
CA ALA G 178 6.12 40.71 17.14
C ALA G 178 7.45 40.56 17.86
N ARG G 179 7.40 39.90 19.02
CA ARG G 179 8.63 39.62 19.76
C ARG G 179 9.50 38.63 19.00
N ALA G 180 8.93 37.49 18.62
CA ALA G 180 9.64 36.44 17.94
C ALA G 180 8.65 35.57 17.22
N VAL G 181 9.10 34.93 16.15
CA VAL G 181 8.35 33.90 15.46
C VAL G 181 9.13 32.61 15.62
N ILE G 182 8.44 31.54 15.99
CA ILE G 182 9.06 30.24 16.21
C ILE G 182 8.49 29.29 15.17
N VAL G 183 9.34 28.79 14.30
CA VAL G 183 8.92 27.94 13.18
C VAL G 183 9.33 26.52 13.48
N ASP G 184 8.37 25.61 13.53
CA ASP G 184 8.63 24.19 13.71
C ASP G 184 7.51 23.45 12.99
N LEU G 185 7.76 23.10 11.73
CA LEU G 185 6.73 22.55 10.86
C LEU G 185 7.05 21.10 10.54
N GLU G 186 6.18 20.48 9.74
CA GLU G 186 6.21 19.04 9.60
C GLU G 186 7.36 18.53 8.74
N SER G 187 8.05 19.41 8.03
CA SER G 187 9.20 19.01 7.24
C SER G 187 10.14 20.20 7.16
N ASP G 188 11.35 19.95 6.68
CA ASP G 188 12.29 21.04 6.48
C ASP G 188 11.93 21.86 5.26
N SER G 189 11.13 21.31 4.36
CA SER G 189 10.70 22.05 3.18
C SER G 189 9.77 23.18 3.56
N GLU G 190 8.85 22.94 4.50
CA GLU G 190 7.94 23.97 4.96
C GLU G 190 8.53 24.86 6.02
N THR G 191 9.64 24.47 6.65
CA THR G 191 10.31 25.37 7.56
C THR G 191 11.11 26.41 6.80
N ILE G 192 11.68 26.04 5.65
CA ILE G 192 12.40 27.01 4.82
C ILE G 192 11.42 27.94 4.13
N HIS G 193 10.31 27.40 3.63
CA HIS G 193 9.32 28.18 2.91
C HIS G 193 8.54 29.11 3.82
N CYS G 194 8.46 28.83 5.12
CA CYS G 194 7.82 29.76 6.03
C CYS G 194 8.72 30.93 6.40
N ILE G 195 10.03 30.72 6.42
CA ILE G 195 10.95 31.81 6.76
C ILE G 195 11.08 32.78 5.60
N LEU G 196 11.04 32.26 4.38
CA LEU G 196 11.05 33.12 3.20
C LEU G 196 9.78 33.94 3.08
N GLY G 197 8.69 33.54 3.71
CA GLY G 197 7.48 34.32 3.72
C GLY G 197 7.43 35.36 4.82
N ILE G 198 8.08 35.08 5.96
CA ILE G 198 8.14 36.08 7.02
C ILE G 198 9.08 37.21 6.64
N ARG G 199 10.15 36.89 5.91
CA ARG G 199 11.05 37.94 5.45
C ARG G 199 10.44 38.76 4.32
N LYS G 200 9.38 38.29 3.67
CA LYS G 200 8.63 39.17 2.77
C LYS G 200 7.84 40.20 3.56
N ILE G 201 7.32 39.82 4.72
CA ILE G 201 6.46 40.68 5.53
C ILE G 201 7.28 41.59 6.42
N ASP G 202 8.11 41.02 7.28
CA ASP G 202 8.89 41.78 8.25
C ASP G 202 10.34 41.33 8.14
N GLU G 203 11.22 42.23 7.71
CA GLU G 203 12.63 41.91 7.57
C GLU G 203 13.36 41.80 8.91
N SER G 204 12.88 42.46 9.96
CA SER G 204 13.65 42.64 11.17
C SER G 204 13.12 41.85 12.36
N VAL G 205 12.06 41.07 12.19
CA VAL G 205 11.56 40.28 13.31
C VAL G 205 12.48 39.10 13.56
N ARG G 206 12.51 38.63 14.80
CA ARG G 206 13.40 37.56 15.22
C ARG G 206 12.75 36.21 14.91
N ILE G 207 13.44 35.38 14.13
CA ILE G 207 12.93 34.07 13.74
C ILE G 207 13.80 33.01 14.41
N ILE G 208 13.16 32.02 15.01
CA ILE G 208 13.83 30.92 15.69
C ILE G 208 13.31 29.64 15.06
N ALA G 209 14.07 29.05 14.16
CA ALA G 209 13.62 27.89 13.42
C ALA G 209 14.09 26.61 14.09
N GLU G 210 13.69 25.49 13.51
CA GLU G 210 14.15 24.17 13.95
C GLU G 210 14.52 23.34 12.74
N ALA G 211 15.79 22.96 12.65
CA ALA G 211 16.24 22.11 11.57
C ALA G 211 16.06 20.65 11.93
N GLU G 212 15.66 19.85 10.94
CA GLU G 212 15.54 18.42 11.16
C GLU G 212 16.75 17.66 10.64
N ARG G 213 17.20 17.96 9.43
CA ARG G 213 18.37 17.33 8.86
C ARG G 213 19.60 18.19 9.09
N TYR G 214 20.78 17.57 8.96
CA TYR G 214 22.00 18.33 9.17
C TYR G 214 22.31 19.23 8.00
N GLU G 215 21.94 18.82 6.79
CA GLU G 215 22.25 19.58 5.60
C GLU G 215 21.46 20.87 5.48
N ASN G 216 20.42 21.05 6.29
CA ASN G 216 19.56 22.21 6.23
C ASN G 216 19.82 23.22 7.32
N ILE G 217 20.92 23.10 8.06
CA ILE G 217 21.24 24.16 9.00
C ILE G 217 21.78 25.36 8.26
N GLU G 218 22.45 25.15 7.14
CA GLU G 218 22.93 26.28 6.37
C GLU G 218 21.84 26.87 5.47
N GLN G 219 20.86 26.08 5.06
CA GLN G 219 19.78 26.63 4.25
C GLN G 219 18.78 27.41 5.09
N LEU G 220 18.69 27.11 6.37
CA LEU G 220 17.80 27.87 7.24
C LEU G 220 18.40 29.21 7.63
N ARG G 221 19.72 29.32 7.62
CA ARG G 221 20.35 30.59 7.92
C ARG G 221 20.35 31.53 6.71
N MET G 222 20.54 30.98 5.52
CA MET G 222 20.47 31.79 4.31
C MET G 222 19.05 32.25 4.01
N ALA G 223 18.04 31.53 4.48
CA ALA G 223 16.66 31.98 4.30
C ALA G 223 16.33 33.12 5.23
N GLY G 224 16.97 33.19 6.39
CA GLY G 224 16.78 34.34 7.25
C GLY G 224 16.54 34.07 8.72
N ALA G 225 16.73 32.83 9.17
CA ALA G 225 16.51 32.52 10.57
C ALA G 225 17.62 33.09 11.43
N ASP G 226 17.24 33.74 12.53
CA ASP G 226 18.22 34.33 13.42
C ASP G 226 18.82 33.32 14.37
N GLN G 227 18.12 32.24 14.68
CA GLN G 227 18.65 31.19 15.54
C GLN G 227 18.09 29.87 15.07
N VAL G 228 18.96 28.93 14.73
CA VAL G 228 18.55 27.61 14.27
C VAL G 228 18.88 26.61 15.38
N ILE G 229 17.91 25.78 15.73
CA ILE G 229 18.06 24.75 16.76
C ILE G 229 17.81 23.40 16.12
N SER G 230 18.83 22.55 16.09
CA SER G 230 18.71 21.25 15.44
C SER G 230 18.75 20.13 16.47
N PRO G 231 17.61 19.61 16.91
CA PRO G 231 17.62 18.64 17.99
C PRO G 231 17.92 17.21 17.57
N PHE G 232 17.62 16.88 16.32
CA PHE G 232 17.90 15.53 15.84
C PHE G 232 19.37 15.33 15.49
N VAL G 233 20.13 16.41 15.38
CA VAL G 233 21.56 16.28 15.14
C VAL G 233 22.30 16.16 16.47
N ILE G 234 21.82 16.85 17.50
CA ILE G 234 22.37 16.68 18.84
C ILE G 234 22.06 15.28 19.35
N SER G 235 20.82 14.83 19.17
CA SER G 235 20.43 13.51 19.65
C SER G 235 21.00 12.39 18.81
N GLY G 236 21.35 12.64 17.56
CA GLY G 236 21.90 11.60 16.73
C GLY G 236 23.36 11.35 17.03
N ARG G 237 24.09 12.43 17.32
CA ARG G 237 25.51 12.29 17.66
C ARG G 237 25.72 11.74 19.06
N LEU G 238 24.77 11.91 19.97
CA LEU G 238 24.87 11.33 21.29
C LEU G 238 24.45 9.88 21.33
N MET G 239 23.79 9.39 20.28
CA MET G 239 23.46 7.97 20.23
C MET G 239 24.63 7.15 19.74
N SER G 240 25.37 7.66 18.76
CA SER G 240 26.53 6.95 18.24
C SER G 240 27.77 7.16 19.08
N ARG G 241 27.69 7.98 20.12
CA ARG G 241 28.78 8.16 21.05
C ARG G 241 28.54 7.50 22.39
N SER G 242 27.34 7.00 22.65
CA SER G 242 27.02 6.34 23.90
C SER G 242 26.95 4.83 23.76
N ILE G 243 27.44 4.28 22.66
CA ILE G 243 27.49 2.83 22.52
C ILE G 243 28.55 2.26 23.45
N ASP G 244 29.71 2.90 23.52
CA ASP G 244 30.77 2.45 24.41
C ASP G 244 30.74 3.17 25.76
N ASP G 245 30.93 4.49 25.75
CA ASP G 245 31.26 5.23 26.96
C ASP G 245 30.07 5.92 27.60
N GLY G 246 29.46 6.86 26.89
CA GLY G 246 28.29 7.56 27.40
C GLY G 246 28.53 8.52 28.54
N TYR G 247 29.68 9.18 28.58
CA TYR G 247 29.89 10.23 29.57
C TYR G 247 29.55 11.60 29.04
N GLU G 248 29.55 11.79 27.73
CA GLU G 248 29.11 13.03 27.14
C GLU G 248 27.61 13.22 27.24
N ALA G 249 26.85 12.15 27.04
CA ALA G 249 25.40 12.25 27.11
C ALA G 249 24.90 12.40 28.54
N MET G 250 25.66 11.95 29.54
CA MET G 250 25.30 12.23 30.92
C MET G 250 25.40 13.72 31.25
N PHE G 251 26.36 14.41 30.65
CA PHE G 251 26.48 15.83 30.91
C PHE G 251 25.37 16.62 30.23
N VAL G 252 25.03 16.26 28.99
CA VAL G 252 23.98 16.94 28.24
C VAL G 252 22.62 16.73 28.89
N GLN G 253 22.37 15.53 29.38
CA GLN G 253 21.07 15.22 29.94
C GLN G 253 20.83 15.88 31.28
N ASP G 254 21.88 16.16 32.05
CA ASP G 254 21.66 16.67 33.39
C ASP G 254 21.83 18.17 33.54
N VAL G 255 22.33 18.88 32.54
CA VAL G 255 22.37 20.34 32.61
C VAL G 255 21.55 21.02 31.54
N LEU G 256 21.11 20.32 30.50
CA LEU G 256 20.32 20.93 29.44
C LEU G 256 18.88 20.46 29.41
N ALA G 257 18.63 19.18 29.66
CA ALA G 257 17.27 18.66 29.63
C ALA G 257 16.63 18.69 31.02
N GLU G 258 17.22 18.00 31.98
CA GLU G 258 16.56 17.78 33.25
C GLU G 258 16.87 18.84 34.29
N GLU G 259 18.08 19.38 34.26
CA GLU G 259 18.60 20.35 35.24
C GLU G 259 18.50 19.79 36.66
N SER G 260 19.02 18.59 36.85
CA SER G 260 18.87 17.89 38.12
C SER G 260 19.76 18.50 39.19
N THR G 261 21.05 18.67 38.89
CA THR G 261 21.97 19.30 39.82
C THR G 261 22.44 20.66 39.31
N ARG G 262 23.03 20.70 38.13
CA ARG G 262 23.53 21.93 37.53
C ARG G 262 22.61 22.38 36.41
N ARG G 263 22.64 23.68 36.12
CA ARG G 263 21.92 24.20 34.98
C ARG G 263 22.70 25.37 34.41
N MET G 264 22.46 25.66 33.14
CA MET G 264 23.15 26.75 32.47
C MET G 264 22.44 28.06 32.74
N VAL G 265 23.21 29.08 33.12
CA VAL G 265 22.66 30.37 33.49
C VAL G 265 23.32 31.44 32.64
N GLU G 266 22.56 32.46 32.25
CA GLU G 266 23.11 33.66 31.64
C GLU G 266 22.72 34.86 32.49
N VAL G 267 23.72 35.57 33.01
CA VAL G 267 23.46 36.72 33.87
C VAL G 267 24.08 37.98 33.27
N PRO G 268 23.33 39.07 33.15
CA PRO G 268 23.89 40.31 32.62
C PRO G 268 24.60 41.13 33.68
N ILE G 269 25.60 41.87 33.25
CA ILE G 269 26.38 42.73 34.12
C ILE G 269 25.67 44.08 34.23
N PRO G 270 25.19 44.46 35.41
CA PRO G 270 24.47 45.72 35.55
C PRO G 270 25.44 46.89 35.61
N GLU G 271 24.87 48.08 35.78
CA GLU G 271 25.60 49.33 35.58
C GLU G 271 26.34 49.71 36.86
N GLY G 272 27.66 49.79 36.78
CA GLY G 272 28.48 50.21 37.91
C GLY G 272 28.49 49.19 39.03
N SER G 273 28.78 47.93 38.72
CA SER G 273 28.68 46.85 39.69
C SER G 273 29.94 45.99 39.66
N LYS G 274 30.98 46.45 40.35
CA LYS G 274 32.14 45.65 40.78
C LYS G 274 32.96 45.00 39.67
N LEU G 275 32.60 45.21 38.40
CA LEU G 275 33.23 44.45 37.33
C LEU G 275 33.58 45.27 36.10
N GLU G 276 33.27 46.56 36.05
CA GLU G 276 33.58 47.36 34.88
C GLU G 276 35.07 47.68 34.88
N GLY G 277 35.83 46.94 34.08
CA GLY G 277 37.24 47.23 33.87
C GLY G 277 38.21 46.22 34.43
N VAL G 278 37.74 45.15 35.06
CA VAL G 278 38.66 44.18 35.66
C VAL G 278 38.89 43.06 34.65
N SER G 279 40.12 42.52 34.64
CA SER G 279 40.46 41.40 33.80
C SER G 279 39.80 40.12 34.30
N VAL G 280 39.88 39.06 33.50
CA VAL G 280 39.19 37.81 33.85
C VAL G 280 39.95 37.08 34.95
N LEU G 281 41.28 37.22 35.00
CA LEU G 281 42.06 36.47 35.99
C LEU G 281 41.83 36.99 37.40
N ASP G 282 41.73 38.31 37.56
CA ASP G 282 41.44 38.88 38.87
C ASP G 282 39.97 39.17 39.08
N ALA G 283 39.11 38.78 38.14
CA ALA G 283 37.69 38.69 38.46
C ALA G 283 37.42 37.49 39.37
N ASP G 284 38.17 36.41 39.14
CA ASP G 284 38.35 35.29 40.08
C ASP G 284 37.03 34.57 40.34
N ILE G 285 36.25 34.40 39.27
CA ILE G 285 34.84 34.02 39.38
C ILE G 285 34.69 32.55 39.73
N HIS G 286 35.54 31.69 39.17
CA HIS G 286 35.42 30.26 39.44
C HIS G 286 35.84 29.89 40.85
N ASP G 287 36.58 30.76 41.54
CA ASP G 287 37.06 30.42 42.88
C ASP G 287 36.25 31.09 43.99
N VAL G 288 35.51 32.15 43.72
CA VAL G 288 34.69 32.80 44.75
C VAL G 288 33.22 32.45 44.57
N THR G 289 32.81 32.03 43.38
CA THR G 289 31.43 31.64 43.14
C THR G 289 31.26 30.16 42.87
N GLY G 290 32.23 29.54 42.21
CA GLY G 290 32.16 28.13 41.88
C GLY G 290 31.56 27.83 40.52
N VAL G 291 31.03 28.83 39.84
CA VAL G 291 30.43 28.63 38.53
C VAL G 291 31.52 28.47 37.48
N ILE G 292 31.33 27.54 36.56
CA ILE G 292 32.24 27.39 35.42
C ILE G 292 31.87 28.41 34.37
N ILE G 293 32.76 29.36 34.12
CA ILE G 293 32.51 30.40 33.12
C ILE G 293 32.74 29.80 31.74
N ILE G 294 31.65 29.53 31.02
CA ILE G 294 31.77 28.95 29.69
C ILE G 294 32.23 30.00 28.69
N GLY G 295 31.57 31.15 28.69
CA GLY G 295 31.96 32.23 27.81
C GLY G 295 31.20 33.50 28.15
N VAL G 296 31.61 34.57 27.49
CA VAL G 296 30.95 35.86 27.61
C VAL G 296 30.50 36.29 26.22
N GLY G 297 29.31 36.86 26.13
CA GLY G 297 28.78 37.28 24.84
C GLY G 297 28.27 38.70 24.83
N ARG G 298 28.83 39.53 23.96
CA ARG G 298 28.42 40.93 23.84
C ARG G 298 28.03 41.22 22.40
N GLY G 299 26.77 41.57 22.19
CA GLY G 299 26.31 41.97 20.89
C GLY G 299 26.25 40.85 19.87
N ASP G 300 25.32 39.91 20.10
CA ASP G 300 25.04 38.69 19.28
C ASP G 300 26.30 37.98 18.79
N GLU G 301 27.33 37.92 19.61
CA GLU G 301 28.55 37.20 19.29
C GLU G 301 29.10 36.57 20.56
N LEU G 302 29.26 35.26 20.55
CA LEU G 302 29.66 34.51 21.73
C LEU G 302 31.16 34.29 21.70
N ILE G 303 31.86 34.82 22.70
CA ILE G 303 33.29 34.61 22.85
C ILE G 303 33.43 33.47 23.84
N ILE G 304 33.45 32.24 23.32
CA ILE G 304 33.66 31.07 24.16
C ILE G 304 35.11 31.04 24.62
N ASP G 305 35.31 30.75 25.91
CA ASP G 305 36.59 30.74 26.63
C ASP G 305 37.28 32.08 26.45
N PRO G 306 36.85 33.13 27.15
CA PRO G 306 37.52 34.43 27.03
C PRO G 306 38.92 34.37 27.62
N PRO G 307 39.89 34.97 26.95
CA PRO G 307 41.28 34.89 27.43
C PRO G 307 41.51 35.80 28.63
N ARG G 308 42.73 35.73 29.16
CA ARG G 308 43.11 36.60 30.28
C ARG G 308 43.23 38.06 29.85
N ASP G 309 43.49 38.31 28.58
CA ASP G 309 43.51 39.67 28.04
C ASP G 309 42.10 40.06 27.58
N TYR G 310 41.21 40.19 28.56
CA TYR G 310 39.81 40.52 28.31
C TYR G 310 39.28 41.28 29.51
N SER G 311 38.38 42.23 29.25
CA SER G 311 37.83 43.06 30.31
C SER G 311 36.31 43.12 30.17
N PHE G 312 35.63 43.30 31.30
CA PHE G 312 34.17 43.30 31.32
C PHE G 312 33.62 44.71 31.23
N ARG G 313 32.57 44.88 30.43
CA ARG G 313 31.88 46.14 30.28
C ARG G 313 30.44 45.97 30.77
N ALA G 314 29.76 47.09 30.98
CA ALA G 314 28.38 47.06 31.40
C ALA G 314 27.49 46.68 30.22
N GLY G 315 26.78 45.57 30.36
CA GLY G 315 25.96 45.03 29.29
C GLY G 315 26.37 43.68 28.79
N ASP G 316 27.53 43.17 29.21
CA ASP G 316 27.97 41.84 28.82
C ASP G 316 27.14 40.79 29.55
N ILE G 317 27.07 39.60 28.96
CA ILE G 317 26.31 38.50 29.53
C ILE G 317 27.26 37.33 29.76
N ILE G 318 27.31 36.85 31.00
CA ILE G 318 28.18 35.75 31.38
C ILE G 318 27.40 34.45 31.30
N LEU G 319 27.89 33.52 30.50
CA LEU G 319 27.24 32.22 30.32
C LEU G 319 27.97 31.18 31.15
N GLY G 320 27.27 30.58 32.10
CA GLY G 320 27.95 29.69 33.02
C GLY G 320 27.11 28.50 33.45
N ILE G 321 27.78 27.52 34.04
CA ILE G 321 27.17 26.30 34.54
C ILE G 321 27.44 26.21 36.04
N GLY G 322 26.38 26.08 36.83
CA GLY G 322 26.57 25.97 38.27
C GLY G 322 25.33 25.50 38.98
N LYS G 323 25.52 25.16 40.25
CA LYS G 323 24.42 24.73 41.11
C LYS G 323 23.54 25.92 41.48
N PRO G 324 22.29 25.68 41.88
CA PRO G 324 21.44 26.79 42.33
C PRO G 324 21.90 27.45 43.62
N GLU G 325 22.74 26.79 44.42
CA GLU G 325 23.38 27.45 45.55
C GLU G 325 24.54 28.33 45.12
N GLU G 326 25.12 28.07 43.95
CA GLU G 326 26.25 28.85 43.46
C GLU G 326 25.85 29.96 42.51
N ILE G 327 24.72 29.82 41.81
CA ILE G 327 24.30 30.84 40.85
C ILE G 327 23.89 32.10 41.58
N GLU G 328 23.17 31.96 42.69
CA GLU G 328 22.76 33.11 43.48
C GLU G 328 23.93 33.75 44.23
N ARG G 329 25.02 33.02 44.44
CA ARG G 329 26.22 33.66 44.96
C ARG G 329 26.93 34.45 43.88
N LEU G 330 26.74 34.07 42.61
CA LEU G 330 27.28 34.86 41.52
C LEU G 330 26.48 36.14 41.32
N LYS G 331 25.14 36.06 41.44
CA LYS G 331 24.30 37.21 41.18
C LYS G 331 24.38 38.27 42.27
N ASN G 332 24.91 37.92 43.45
CA ASN G 332 25.27 38.95 44.42
C ASN G 332 26.68 39.46 44.20
N TYR G 333 27.56 38.64 43.62
CA TYR G 333 28.92 39.06 43.34
C TYR G 333 28.99 40.04 42.17
N ILE G 334 27.98 40.05 41.31
CA ILE G 334 27.96 40.97 40.18
C ILE G 334 27.06 42.18 40.45
N SER G 335 26.75 42.45 41.71
CA SER G 335 25.90 43.58 42.06
C SER G 335 26.74 44.72 42.61
N ALA G 336 26.15 45.92 42.60
CA ALA G 336 26.86 47.13 43.01
C ALA G 336 27.02 47.23 44.52
N SER H 115 -28.68 37.75 -14.61
CA SER H 115 -27.67 37.13 -15.46
C SER H 115 -26.32 37.81 -15.28
N ARG H 116 -25.90 37.98 -14.03
CA ARG H 116 -24.60 38.60 -13.75
C ARG H 116 -23.84 37.83 -12.69
N HIS H 117 -24.12 36.53 -12.52
CA HIS H 117 -23.38 35.72 -11.58
C HIS H 117 -22.64 34.63 -12.33
N VAL H 118 -21.50 34.23 -11.77
CA VAL H 118 -20.57 33.31 -12.39
C VAL H 118 -20.43 32.11 -11.48
N VAL H 119 -20.74 30.93 -12.01
CA VAL H 119 -20.64 29.69 -11.25
C VAL H 119 -19.29 29.06 -11.56
N ILE H 120 -18.59 28.60 -10.52
CA ILE H 120 -17.31 27.94 -10.67
C ILE H 120 -17.45 26.54 -10.10
N CYS H 121 -17.26 25.54 -10.94
CA CYS H 121 -17.39 24.15 -10.53
C CYS H 121 -15.99 23.60 -10.26
N GLY H 122 -15.71 23.32 -8.99
CA GLY H 122 -14.39 22.88 -8.58
C GLY H 122 -13.59 24.02 -7.96
N TRP H 123 -12.42 23.65 -7.45
CA TRP H 123 -11.56 24.63 -6.79
C TRP H 123 -10.11 24.18 -6.91
N SER H 124 -9.26 25.05 -7.44
CA SER H 124 -7.84 24.77 -7.52
C SER H 124 -7.09 26.10 -7.46
N GLU H 125 -5.81 26.07 -7.82
CA GLU H 125 -5.03 27.30 -7.88
C GLU H 125 -5.36 28.14 -9.09
N SER H 126 -5.86 27.54 -10.17
CA SER H 126 -6.28 28.31 -11.33
C SER H 126 -7.47 29.20 -11.01
N THR H 127 -8.36 28.73 -10.13
CA THR H 127 -9.55 29.47 -9.77
C THR H 127 -9.30 30.50 -8.69
N LEU H 128 -8.23 30.35 -7.92
CA LEU H 128 -7.89 31.37 -6.94
C LEU H 128 -7.33 32.62 -7.59
N GLU H 129 -6.61 32.48 -8.70
CA GLU H 129 -6.18 33.64 -9.47
C GLU H 129 -7.28 34.17 -10.38
N CYS H 130 -8.32 33.40 -10.62
CA CYS H 130 -9.45 33.88 -11.41
C CYS H 130 -10.36 34.77 -10.58
N LEU H 131 -10.38 34.56 -9.27
CA LEU H 131 -11.18 35.39 -8.37
C LEU H 131 -10.51 36.71 -8.04
N ARG H 132 -9.25 36.91 -8.41
CA ARG H 132 -8.56 38.13 -8.05
C ARG H 132 -9.06 39.31 -8.88
N GLU H 133 -9.57 39.05 -10.08
CA GLU H 133 -10.12 40.09 -10.93
C GLU H 133 -11.58 39.85 -11.25
N LEU H 134 -12.31 39.26 -10.32
CA LEU H 134 -13.76 39.17 -10.38
C LEU H 134 -14.34 39.75 -9.10
N ARG H 135 -15.52 40.33 -9.22
CA ARG H 135 -16.17 41.02 -8.10
C ARG H 135 -16.69 39.98 -7.11
N GLY H 136 -16.06 39.91 -5.93
CA GLY H 136 -16.28 38.84 -5.00
C GLY H 136 -17.59 38.85 -4.21
N SER H 137 -18.71 38.95 -4.91
CA SER H 137 -20.01 38.68 -4.33
C SER H 137 -20.92 37.88 -5.26
N GLU H 138 -20.55 37.74 -6.53
CA GLU H 138 -21.38 37.13 -7.55
C GLU H 138 -20.86 35.75 -7.95
N VAL H 139 -19.89 35.22 -7.23
CA VAL H 139 -19.25 33.96 -7.59
C VAL H 139 -19.78 32.86 -6.67
N PHE H 140 -20.30 31.79 -7.24
CA PHE H 140 -20.78 30.63 -6.51
C PHE H 140 -19.88 29.45 -6.80
N VAL H 141 -19.03 29.08 -5.85
CA VAL H 141 -18.13 27.96 -6.04
C VAL H 141 -18.84 26.69 -5.59
N LEU H 142 -19.20 25.84 -6.54
CA LEU H 142 -19.87 24.58 -6.28
C LEU H 142 -18.82 23.48 -6.23
N ALA H 143 -18.58 22.95 -5.04
CA ALA H 143 -17.65 21.85 -4.87
C ALA H 143 -18.23 20.90 -3.84
N GLU H 144 -17.60 19.74 -3.70
CA GLU H 144 -18.14 18.67 -2.87
C GLU H 144 -17.47 18.56 -1.51
N ASP H 145 -16.16 18.82 -1.44
CA ASP H 145 -15.43 18.73 -0.18
C ASP H 145 -15.84 19.88 0.73
N GLU H 146 -15.75 19.63 2.03
CA GLU H 146 -16.07 20.67 3.00
C GLU H 146 -14.84 21.44 3.47
N ASN H 147 -13.63 20.95 3.20
CA ASN H 147 -12.43 21.75 3.45
C ASN H 147 -12.29 22.88 2.45
N VAL H 148 -13.04 22.85 1.36
CA VAL H 148 -13.05 23.93 0.38
C VAL H 148 -13.83 25.13 0.91
N ARG H 149 -14.66 24.92 1.94
CA ARG H 149 -15.53 25.98 2.44
C ARG H 149 -14.75 27.12 3.08
N LYS H 150 -13.63 26.81 3.74
CA LYS H 150 -12.84 27.87 4.36
C LYS H 150 -12.09 28.69 3.31
N LYS H 151 -11.57 28.03 2.26
CA LYS H 151 -10.78 28.74 1.27
C LYS H 151 -11.64 29.56 0.33
N VAL H 152 -12.87 29.11 0.06
CA VAL H 152 -13.77 29.87 -0.80
C VAL H 152 -14.21 31.14 -0.10
N LEU H 153 -14.41 31.07 1.21
CA LEU H 153 -14.83 32.24 1.97
C LEU H 153 -13.67 33.16 2.32
N ARG H 154 -12.44 32.64 2.37
CA ARG H 154 -11.26 33.50 2.53
C ARG H 154 -11.12 34.45 1.35
N SER H 155 -11.41 33.98 0.15
CA SER H 155 -11.32 34.77 -1.07
C SER H 155 -12.57 35.58 -1.35
N GLY H 156 -13.61 35.44 -0.53
CA GLY H 156 -14.82 36.20 -0.72
C GLY H 156 -15.72 35.68 -1.82
N ALA H 157 -16.21 34.45 -1.67
CA ALA H 157 -17.13 33.85 -2.62
C ALA H 157 -18.19 33.08 -1.86
N ASN H 158 -19.15 32.51 -2.57
CA ASN H 158 -20.32 31.88 -1.96
C ASN H 158 -20.28 30.38 -2.21
N PHE H 159 -19.85 29.61 -1.21
CA PHE H 159 -19.73 28.16 -1.37
C PHE H 159 -21.10 27.50 -1.39
N VAL H 160 -21.30 26.60 -2.35
CA VAL H 160 -22.54 25.83 -2.50
C VAL H 160 -22.15 24.36 -2.50
N HIS H 161 -22.41 23.66 -1.40
CA HIS H 161 -21.97 22.29 -1.24
C HIS H 161 -22.82 21.35 -2.08
N GLY H 162 -22.21 20.72 -3.08
CA GLY H 162 -22.94 19.80 -3.94
C GLY H 162 -21.98 19.06 -4.84
N ASP H 163 -22.54 18.15 -5.62
CA ASP H 163 -21.76 17.36 -6.56
C ASP H 163 -21.89 17.97 -7.94
N PRO H 164 -20.82 18.51 -8.54
CA PRO H 164 -20.98 19.24 -9.80
C PRO H 164 -21.21 18.38 -11.01
N THR H 165 -21.06 17.06 -10.92
CA THR H 165 -21.38 16.18 -12.02
C THR H 165 -22.84 15.78 -12.06
N ARG H 166 -23.52 15.80 -10.92
CA ARG H 166 -24.93 15.47 -10.84
C ARG H 166 -25.78 16.65 -11.28
N VAL H 167 -26.79 16.40 -12.09
CA VAL H 167 -27.60 17.47 -12.67
C VAL H 167 -28.51 18.08 -11.61
N SER H 168 -28.87 17.30 -10.58
CA SER H 168 -29.74 17.81 -9.53
C SER H 168 -29.04 18.82 -8.63
N ASP H 169 -27.71 18.74 -8.54
CA ASP H 169 -26.92 19.71 -7.79
C ASP H 169 -26.41 20.85 -8.65
N LEU H 170 -26.41 20.69 -9.97
CA LEU H 170 -26.06 21.79 -10.85
C LEU H 170 -27.19 22.80 -10.98
N GLU H 171 -28.40 22.42 -10.62
CA GLU H 171 -29.51 23.37 -10.58
C GLU H 171 -29.61 24.10 -9.26
N LYS H 172 -29.04 23.55 -8.19
CA LYS H 172 -28.92 24.29 -6.94
C LYS H 172 -27.97 25.48 -7.09
N ALA H 173 -26.96 25.36 -7.96
CA ALA H 173 -26.03 26.45 -8.19
C ALA H 173 -26.55 27.45 -9.20
N ASN H 174 -27.70 27.17 -9.83
CA ASN H 174 -28.38 28.04 -10.78
C ASN H 174 -27.48 28.39 -11.97
N VAL H 175 -27.09 27.36 -12.71
CA VAL H 175 -26.30 27.58 -13.92
C VAL H 175 -27.15 28.04 -15.09
N ARG H 176 -28.47 27.93 -14.98
CA ARG H 176 -29.34 28.42 -16.04
C ARG H 176 -29.48 29.92 -15.91
N GLY H 177 -29.11 30.65 -16.96
CA GLY H 177 -29.12 32.09 -16.90
C GLY H 177 -27.99 32.64 -16.08
N ALA H 178 -26.76 32.45 -16.54
CA ALA H 178 -25.58 32.94 -15.87
C ALA H 178 -24.66 33.58 -16.91
N ARG H 179 -23.68 34.35 -16.42
CA ARG H 179 -22.70 34.95 -17.32
C ARG H 179 -21.82 33.88 -17.94
N ALA H 180 -21.23 33.04 -17.10
CA ALA H 180 -20.32 32.00 -17.55
C ALA H 180 -20.22 30.95 -16.47
N VAL H 181 -19.92 29.72 -16.89
CA VAL H 181 -19.59 28.63 -15.97
C VAL H 181 -18.14 28.26 -16.23
N ILE H 182 -17.37 28.14 -15.17
CA ILE H 182 -15.96 27.81 -15.25
C ILE H 182 -15.76 26.45 -14.62
N VAL H 183 -15.34 25.47 -15.40
CA VAL H 183 -15.22 24.09 -14.95
C VAL H 183 -13.74 23.77 -14.80
N ASP H 184 -13.32 23.42 -13.58
CA ASP H 184 -11.95 22.99 -13.32
C ASP H 184 -12.03 21.97 -12.19
N LEU H 185 -12.12 20.70 -12.54
CA LEU H 185 -12.37 19.64 -11.57
C LEU H 185 -11.15 18.75 -11.44
N GLU H 186 -11.25 17.74 -10.59
CA GLU H 186 -10.07 17.00 -10.16
C GLU H 186 -9.54 16.05 -11.21
N SER H 187 -10.27 15.80 -12.28
CA SER H 187 -9.79 14.97 -13.36
C SER H 187 -10.47 15.42 -14.64
N ASP H 188 -9.97 14.93 -15.76
CA ASP H 188 -10.61 15.24 -17.03
C ASP H 188 -11.89 14.46 -17.22
N SER H 189 -12.08 13.39 -16.46
CA SER H 189 -13.31 12.61 -16.53
C SER H 189 -14.48 13.40 -15.99
N GLU H 190 -14.27 14.12 -14.89
CA GLU H 190 -15.31 14.93 -14.29
C GLU H 190 -15.44 16.29 -14.94
N THR H 191 -14.45 16.73 -15.69
CA THR H 191 -14.61 17.96 -16.46
C THR H 191 -15.48 17.74 -17.68
N ILE H 192 -15.37 16.56 -18.31
CA ILE H 192 -16.22 16.25 -19.45
C ILE H 192 -17.64 15.98 -18.99
N HIS H 193 -17.80 15.26 -17.89
CA HIS H 193 -19.12 14.90 -17.37
C HIS H 193 -19.86 16.09 -16.78
N CYS H 194 -19.16 17.14 -16.38
CA CYS H 194 -19.85 18.33 -15.91
C CYS H 194 -20.35 19.18 -17.07
N ILE H 195 -19.67 19.17 -18.21
CA ILE H 195 -20.10 19.97 -19.34
C ILE H 195 -21.31 19.33 -20.01
N LEU H 196 -21.35 18.00 -20.04
CA LEU H 196 -22.50 17.29 -20.56
C LEU H 196 -23.74 17.48 -19.70
N GLY H 197 -23.57 17.86 -18.43
CA GLY H 197 -24.69 18.15 -17.57
C GLY H 197 -25.18 19.57 -17.65
N ILE H 198 -24.27 20.51 -17.95
CA ILE H 198 -24.68 21.89 -18.13
C ILE H 198 -25.42 22.06 -19.46
N ARG H 199 -25.02 21.31 -20.47
CA ARG H 199 -25.74 21.35 -21.74
C ARG H 199 -27.08 20.66 -21.67
N LYS H 200 -27.33 19.83 -20.66
CA LYS H 200 -28.70 19.37 -20.44
C LYS H 200 -29.57 20.48 -19.90
N ILE H 201 -29.02 21.35 -19.08
CA ILE H 201 -29.76 22.41 -18.41
C ILE H 201 -29.89 23.64 -19.30
N ASP H 202 -28.76 24.21 -19.70
CA ASP H 202 -28.74 25.44 -20.50
C ASP H 202 -27.84 25.20 -21.70
N GLU H 203 -28.43 25.22 -22.90
CA GLU H 203 -27.67 25.01 -24.12
C GLU H 203 -26.80 26.21 -24.50
N SER H 204 -27.15 27.42 -24.08
CA SER H 204 -26.54 28.62 -24.61
C SER H 204 -25.64 29.35 -23.64
N VAL H 205 -25.45 28.83 -22.42
CA VAL H 205 -24.56 29.49 -21.48
C VAL H 205 -23.10 29.25 -21.90
N ARG H 206 -22.23 30.18 -21.52
CA ARG H 206 -20.83 30.14 -21.90
C ARG H 206 -20.06 29.27 -20.93
N ILE H 207 -19.39 28.24 -21.42
CA ILE H 207 -18.63 27.32 -20.59
C ILE H 207 -17.16 27.51 -20.91
N ILE H 208 -16.33 27.62 -19.86
CA ILE H 208 -14.89 27.80 -19.99
C ILE H 208 -14.25 26.67 -19.20
N ALA H 209 -13.79 25.63 -19.88
CA ALA H 209 -13.27 24.46 -19.23
C ALA H 209 -11.76 24.54 -19.10
N GLU H 210 -11.18 23.54 -18.46
CA GLU H 210 -9.73 23.40 -18.36
C GLU H 210 -9.34 21.96 -18.66
N ALA H 211 -8.57 21.76 -19.72
CA ALA H 211 -8.08 20.45 -20.06
C ALA H 211 -6.79 20.15 -19.33
N GLU H 212 -6.64 18.91 -18.89
CA GLU H 212 -5.39 18.50 -18.26
C GLU H 212 -4.48 17.75 -19.22
N ARG H 213 -5.01 16.80 -19.97
CA ARG H 213 -4.25 16.06 -20.95
C ARG H 213 -4.41 16.68 -22.32
N TYR H 214 -3.49 16.33 -23.22
CA TYR H 214 -3.58 16.90 -24.56
C TYR H 214 -4.66 16.21 -25.39
N GLU H 215 -4.92 14.94 -25.14
CA GLU H 215 -5.89 14.19 -25.91
C GLU H 215 -7.32 14.60 -25.63
N ASN H 216 -7.56 15.38 -24.58
CA ASN H 216 -8.90 15.77 -24.17
C ASN H 216 -9.24 17.20 -24.55
N ILE H 217 -8.43 17.85 -25.37
CA ILE H 217 -8.85 19.17 -25.84
C ILE H 217 -9.94 19.02 -26.89
N GLU H 218 -9.93 17.93 -27.66
CA GLU H 218 -10.99 17.72 -28.63
C GLU H 218 -12.23 17.13 -27.99
N GLN H 219 -12.11 16.38 -26.90
CA GLN H 219 -13.29 15.84 -26.24
C GLN H 219 -14.01 16.89 -25.42
N LEU H 220 -13.30 17.93 -24.99
CA LEU H 220 -13.97 19.00 -24.25
C LEU H 220 -14.72 19.93 -25.18
N ARG H 221 -14.31 20.02 -26.45
CA ARG H 221 -15.04 20.85 -27.40
C ARG H 221 -16.28 20.15 -27.92
N MET H 222 -16.18 18.85 -28.15
CA MET H 222 -17.35 18.10 -28.60
C MET H 222 -18.39 17.96 -27.50
N ALA H 223 -18.00 18.05 -26.23
CA ALA H 223 -18.97 18.02 -25.15
C ALA H 223 -19.72 19.33 -25.04
N GLY H 224 -19.10 20.44 -25.43
CA GLY H 224 -19.82 21.69 -25.48
C GLY H 224 -19.12 22.91 -24.89
N ALA H 225 -17.84 22.80 -24.56
CA ALA H 225 -17.14 23.93 -23.98
C ALA H 225 -16.86 24.99 -25.03
N ASP H 226 -17.14 26.23 -24.69
CA ASP H 226 -16.94 27.34 -25.62
C ASP H 226 -15.49 27.79 -25.66
N GLN H 227 -14.73 27.59 -24.58
CA GLN H 227 -13.32 27.95 -24.56
C GLN H 227 -12.60 26.95 -23.68
N VAL H 228 -11.60 26.27 -24.24
CA VAL H 228 -10.81 25.29 -23.51
C VAL H 228 -9.44 25.90 -23.26
N ILE H 229 -8.97 25.82 -22.02
CA ILE H 229 -7.67 26.33 -21.62
C ILE H 229 -6.86 25.17 -21.07
N SER H 230 -5.77 24.83 -21.73
CA SER H 230 -4.95 23.69 -21.31
C SER H 230 -3.62 24.16 -20.77
N PRO H 231 -3.44 24.28 -19.46
CA PRO H 231 -2.21 24.86 -18.93
C PRO H 231 -1.06 23.89 -18.82
N PHE H 232 -1.35 22.60 -18.67
CA PHE H 232 -0.30 21.61 -18.57
C PHE H 232 0.31 21.27 -19.92
N VAL H 233 -0.35 21.65 -21.01
CA VAL H 233 0.22 21.44 -22.34
C VAL H 233 1.10 22.61 -22.71
N ILE H 234 0.72 23.82 -22.30
CA ILE H 234 1.59 24.97 -22.50
C ILE H 234 2.84 24.85 -21.65
N SER H 235 2.68 24.44 -20.39
CA SER H 235 3.81 24.30 -19.49
C SER H 235 4.67 23.09 -19.81
N GLY H 236 4.12 22.09 -20.45
CA GLY H 236 4.90 20.92 -20.77
C GLY H 236 5.77 21.14 -21.99
N ARG H 237 5.27 21.88 -22.97
CA ARG H 237 6.05 22.19 -24.15
C ARG H 237 7.11 23.23 -23.90
N LEU H 238 6.94 24.09 -22.90
CA LEU H 238 7.97 25.05 -22.55
C LEU H 238 9.05 24.45 -21.67
N MET H 239 8.82 23.28 -21.09
CA MET H 239 9.86 22.63 -20.32
C MET H 239 10.82 21.86 -21.23
N SER H 240 10.32 21.23 -22.27
CA SER H 240 11.16 20.51 -23.20
C SER H 240 11.78 21.40 -24.25
N ARG H 241 11.45 22.68 -24.25
CA ARG H 241 12.07 23.64 -25.14
C ARG H 241 13.03 24.57 -24.43
N SER H 242 13.08 24.54 -23.11
CA SER H 242 13.99 25.40 -22.36
C SER H 242 15.18 24.63 -21.81
N ILE H 243 15.42 23.41 -22.30
CA ILE H 243 16.62 22.70 -21.88
C ILE H 243 17.85 23.33 -22.49
N ASP H 244 17.77 23.71 -23.77
CA ASP H 244 18.90 24.36 -24.43
C ASP H 244 18.78 25.89 -24.39
N ASP H 245 17.74 26.44 -24.99
CA ASP H 245 17.71 27.86 -25.32
C ASP H 245 16.90 28.68 -24.33
N GLY H 246 15.61 28.42 -24.21
CA GLY H 246 14.77 29.12 -23.27
C GLY H 246 14.48 30.57 -23.58
N TYR H 247 14.38 30.93 -24.87
CA TYR H 247 13.94 32.27 -25.21
C TYR H 247 12.45 32.36 -25.47
N GLU H 248 11.81 31.24 -25.78
CA GLU H 248 10.36 31.22 -25.91
C GLU H 248 9.67 31.33 -24.57
N ALA H 249 10.19 30.67 -23.54
CA ALA H 249 9.60 30.73 -22.22
C ALA H 249 9.80 32.07 -21.54
N MET H 250 10.85 32.82 -21.90
CA MET H 250 10.99 34.17 -21.39
C MET H 250 9.91 35.09 -21.92
N PHE H 251 9.46 34.87 -23.15
CA PHE H 251 8.41 35.71 -23.70
C PHE H 251 7.06 35.40 -23.05
N VAL H 252 6.78 34.11 -22.86
CA VAL H 252 5.51 33.68 -22.27
C VAL H 252 5.41 34.13 -20.82
N GLN H 253 6.51 34.06 -20.08
CA GLN H 253 6.49 34.38 -18.67
C GLN H 253 6.34 35.87 -18.42
N ASP H 254 6.79 36.72 -19.34
CA ASP H 254 6.78 38.15 -19.05
C ASP H 254 5.64 38.91 -19.67
N VAL H 255 4.85 38.32 -20.56
CA VAL H 255 3.67 39.00 -21.08
C VAL H 255 2.38 38.28 -20.75
N LEU H 256 2.41 37.03 -20.31
CA LEU H 256 1.19 36.30 -19.99
C LEU H 256 1.02 36.03 -18.51
N ALA H 257 2.10 35.71 -17.80
CA ALA H 257 2.01 35.42 -16.39
C ALA H 257 2.25 36.65 -15.53
N GLU H 258 3.43 37.26 -15.66
CA GLU H 258 3.84 38.29 -14.74
C GLU H 258 3.46 39.69 -15.18
N GLU H 259 3.44 39.94 -16.49
CA GLU H 259 3.20 41.26 -17.10
C GLU H 259 4.16 42.30 -16.54
N SER H 260 5.45 41.98 -16.58
CA SER H 260 6.46 42.84 -15.97
C SER H 260 6.67 44.11 -16.79
N THR H 261 6.93 43.96 -18.09
CA THR H 261 7.09 45.10 -18.97
C THR H 261 5.94 45.22 -19.97
N ARG H 262 5.68 44.18 -20.75
CA ARG H 262 4.62 44.18 -21.73
C ARG H 262 3.47 43.32 -21.25
N ARG H 263 2.28 43.60 -21.77
CA ARG H 263 1.13 42.76 -21.49
C ARG H 263 0.22 42.77 -22.71
N MET H 264 -0.58 41.72 -22.84
CA MET H 264 -1.50 41.60 -23.97
C MET H 264 -2.77 42.37 -23.69
N VAL H 265 -3.20 43.17 -24.67
CA VAL H 265 -4.36 44.02 -24.52
C VAL H 265 -5.32 43.73 -25.66
N GLU H 266 -6.62 43.78 -25.37
CA GLU H 266 -7.65 43.75 -26.40
C GLU H 266 -8.50 45.01 -26.28
N VAL H 267 -8.51 45.81 -27.33
CA VAL H 267 -9.26 47.07 -27.33
C VAL H 267 -10.31 47.08 -28.42
N PRO H 268 -11.56 47.41 -28.13
CA PRO H 268 -12.58 47.46 -29.16
C PRO H 268 -12.61 48.80 -29.87
N ILE H 269 -13.02 48.75 -31.14
CA ILE H 269 -13.11 49.93 -31.98
C ILE H 269 -14.48 50.57 -31.74
N PRO H 270 -14.54 51.78 -31.21
CA PRO H 270 -15.83 52.41 -30.94
C PRO H 270 -16.43 53.00 -32.21
N GLU H 271 -17.58 53.63 -32.06
CA GLU H 271 -18.43 53.99 -33.19
C GLU H 271 -18.00 55.35 -33.74
N GLY H 272 -17.58 55.36 -35.01
CA GLY H 272 -17.19 56.58 -35.69
C GLY H 272 -15.91 57.18 -35.14
N SER H 273 -14.86 56.37 -35.04
CA SER H 273 -13.61 56.79 -34.40
C SER H 273 -12.42 56.45 -35.28
N LYS H 274 -12.14 57.31 -36.26
CA LYS H 274 -10.86 57.41 -36.98
C LYS H 274 -10.41 56.15 -37.73
N LEU H 275 -11.20 55.08 -37.72
CA LEU H 275 -10.74 53.82 -38.24
C LEU H 275 -11.75 53.06 -39.08
N GLU H 276 -12.97 53.55 -39.25
CA GLU H 276 -13.97 52.84 -40.02
C GLU H 276 -13.66 53.02 -41.50
N GLY H 277 -13.04 52.01 -42.11
CA GLY H 277 -12.83 51.99 -43.55
C GLY H 277 -11.40 52.10 -44.00
N VAL H 278 -10.44 52.21 -43.08
CA VAL H 278 -9.04 52.38 -43.49
C VAL H 278 -8.38 51.01 -43.53
N SER H 279 -7.46 50.82 -44.48
CA SER H 279 -6.70 49.59 -44.59
C SER H 279 -5.69 49.50 -43.45
N VAL H 280 -5.06 48.32 -43.32
CA VAL H 280 -4.15 48.10 -42.21
C VAL H 280 -2.82 48.80 -42.44
N LEU H 281 -2.41 48.96 -43.71
CA LEU H 281 -1.11 49.57 -43.99
C LEU H 281 -1.11 51.06 -43.69
N ASP H 282 -2.20 51.75 -43.99
CA ASP H 282 -2.29 53.17 -43.66
C ASP H 282 -3.03 53.42 -42.36
N ALA H 283 -3.38 52.38 -41.61
CA ALA H 283 -3.73 52.57 -40.21
C ALA H 283 -2.48 52.89 -39.40
N ASP H 284 -1.36 52.26 -39.77
CA ASP H 284 -0.01 52.65 -39.39
C ASP H 284 0.20 52.53 -37.87
N ILE H 285 -0.37 51.46 -37.30
CA ILE H 285 -0.54 51.34 -35.86
C ILE H 285 0.77 51.04 -35.16
N HIS H 286 1.62 50.21 -35.76
CA HIS H 286 2.88 49.84 -35.12
C HIS H 286 3.88 50.98 -35.12
N ASP H 287 3.69 52.00 -35.95
CA ASP H 287 4.65 53.09 -36.02
C ASP H 287 4.21 54.35 -35.29
N VAL H 288 2.92 54.52 -35.02
CA VAL H 288 2.45 55.69 -34.27
C VAL H 288 2.11 55.34 -32.83
N THR H 289 1.86 54.06 -32.55
CA THR H 289 1.56 53.64 -31.19
C THR H 289 2.65 52.76 -30.60
N GLY H 290 3.30 51.94 -31.40
CA GLY H 290 4.32 51.05 -30.93
C GLY H 290 3.85 49.67 -30.54
N VAL H 291 2.54 49.44 -30.51
CA VAL H 291 1.98 48.15 -30.14
C VAL H 291 2.15 47.18 -31.31
N ILE H 292 2.52 45.93 -31.00
CA ILE H 292 2.57 44.88 -31.99
C ILE H 292 1.17 44.34 -32.20
N ILE H 293 0.62 44.54 -33.39
CA ILE H 293 -0.73 44.07 -33.70
C ILE H 293 -0.66 42.57 -33.97
N ILE H 294 -1.12 41.76 -33.02
CA ILE H 294 -1.08 40.32 -33.19
C ILE H 294 -2.17 39.87 -34.15
N GLY H 295 -3.39 40.34 -33.93
CA GLY H 295 -4.49 40.00 -34.83
C GLY H 295 -5.71 40.81 -34.49
N VAL H 296 -6.71 40.68 -35.34
CA VAL H 296 -8.01 41.31 -35.14
C VAL H 296 -9.07 40.21 -35.14
N GLY H 297 -10.04 40.34 -34.25
CA GLY H 297 -11.08 39.32 -34.15
C GLY H 297 -12.47 39.89 -34.15
N ARG H 298 -13.28 39.47 -35.12
CA ARG H 298 -14.67 39.92 -35.23
C ARG H 298 -15.60 38.73 -35.24
N GLY H 299 -16.47 38.64 -34.24
CA GLY H 299 -17.48 37.61 -34.20
C GLY H 299 -16.93 36.22 -33.97
N ASP H 300 -16.40 36.00 -32.75
CA ASP H 300 -15.80 34.74 -32.24
C ASP H 300 -14.90 34.02 -33.26
N GLU H 301 -14.13 34.80 -34.03
CA GLU H 301 -13.19 34.24 -34.98
C GLU H 301 -11.98 35.14 -35.03
N LEU H 302 -10.81 34.59 -34.73
CA LEU H 302 -9.58 35.36 -34.63
C LEU H 302 -8.82 35.30 -35.94
N ILE H 303 -8.63 36.45 -36.58
CA ILE H 303 -7.85 36.56 -37.80
C ILE H 303 -6.45 36.98 -37.36
N ILE H 304 -5.60 35.99 -37.07
CA ILE H 304 -4.22 36.26 -36.71
C ILE H 304 -3.46 36.72 -37.94
N ASP H 305 -2.67 37.79 -37.78
CA ASP H 305 -1.90 38.47 -38.82
C ASP H 305 -2.83 38.90 -39.95
N PRO H 306 -3.61 39.96 -39.76
CA PRO H 306 -4.50 40.42 -40.84
C PRO H 306 -3.70 40.98 -41.99
N PRO H 307 -4.07 40.67 -43.23
CA PRO H 307 -3.30 41.12 -44.38
C PRO H 307 -3.51 42.60 -44.67
N ARG H 308 -2.79 43.10 -45.67
CA ARG H 308 -2.97 44.48 -46.09
C ARG H 308 -4.31 44.72 -46.78
N ASP H 309 -4.90 43.67 -47.35
CA ASP H 309 -6.24 43.76 -47.93
C ASP H 309 -7.27 43.45 -46.84
N TYR H 310 -7.35 44.37 -45.88
CA TYR H 310 -8.27 44.23 -44.74
C TYR H 310 -8.67 45.62 -44.28
N SER H 311 -9.91 45.75 -43.81
CA SER H 311 -10.43 47.03 -43.38
C SER H 311 -11.10 46.87 -42.02
N PHE H 312 -11.11 47.95 -41.24
CA PHE H 312 -11.65 47.92 -39.89
C PHE H 312 -13.10 48.41 -39.88
N ARG H 313 -13.94 47.72 -39.12
CA ARG H 313 -15.33 48.09 -38.92
C ARG H 313 -15.54 48.40 -37.45
N ALA H 314 -16.68 49.04 -37.17
CA ALA H 314 -17.02 49.36 -35.78
C ALA H 314 -17.47 48.10 -35.07
N GLY H 315 -16.77 47.72 -34.02
CA GLY H 315 -17.03 46.51 -33.27
C GLY H 315 -15.91 45.50 -33.31
N ASP H 316 -14.89 45.71 -34.13
CA ASP H 316 -13.75 44.80 -34.16
C ASP H 316 -12.90 44.99 -32.91
N ILE H 317 -12.14 43.96 -32.56
CA ILE H 317 -11.30 43.99 -31.37
C ILE H 317 -9.86 43.74 -31.81
N ILE H 318 -8.97 44.67 -31.47
CA ILE H 318 -7.56 44.58 -31.83
C ILE H 318 -6.79 43.93 -30.69
N LEU H 319 -6.12 42.83 -30.98
CA LEU H 319 -5.36 42.10 -29.99
C LEU H 319 -3.88 42.44 -30.15
N GLY H 320 -3.28 43.03 -29.12
CA GLY H 320 -1.93 43.52 -29.27
C GLY H 320 -1.08 43.36 -28.02
N ILE H 321 0.22 43.53 -28.20
CA ILE H 321 1.20 43.44 -27.13
C ILE H 321 1.95 44.76 -27.06
N GLY H 322 1.95 45.39 -25.88
CA GLY H 322 2.65 46.65 -25.75
C GLY H 322 2.83 47.05 -24.30
N LYS H 323 3.67 48.08 -24.12
CA LYS H 323 3.94 48.63 -22.80
C LYS H 323 2.74 49.43 -22.32
N PRO H 324 2.62 49.65 -21.01
CA PRO H 324 1.52 50.50 -20.51
C PRO H 324 1.62 51.96 -20.91
N GLU H 325 2.81 52.43 -21.30
CA GLU H 325 2.92 53.75 -21.89
C GLU H 325 2.45 53.79 -23.34
N GLU H 326 2.45 52.64 -24.02
CA GLU H 326 2.05 52.55 -25.41
C GLU H 326 0.61 52.14 -25.60
N ILE H 327 0.02 51.41 -24.65
CA ILE H 327 -1.35 50.95 -24.78
C ILE H 327 -2.31 52.14 -24.68
N GLU H 328 -2.04 53.06 -23.75
CA GLU H 328 -2.88 54.24 -23.63
C GLU H 328 -2.69 55.23 -24.76
N ARG H 329 -1.57 55.16 -25.49
CA ARG H 329 -1.45 55.95 -26.71
C ARG H 329 -2.26 55.32 -27.84
N LEU H 330 -2.48 54.01 -27.78
CA LEU H 330 -3.35 53.37 -28.74
C LEU H 330 -4.81 53.70 -28.48
N LYS H 331 -5.20 53.71 -27.19
CA LYS H 331 -6.61 53.94 -26.85
C LYS H 331 -7.06 55.37 -27.07
N ASN H 332 -6.12 56.31 -27.21
CA ASN H 332 -6.48 57.64 -27.70
C ASN H 332 -6.46 57.70 -29.21
N TYR H 333 -5.64 56.87 -29.86
CA TYR H 333 -5.58 56.84 -31.32
C TYR H 333 -6.81 56.19 -31.92
N ILE H 334 -7.54 55.38 -31.18
CA ILE H 334 -8.75 54.74 -31.68
C ILE H 334 -10.01 55.46 -31.20
N SER H 335 -9.89 56.71 -30.76
CA SER H 335 -11.03 57.46 -30.28
C SER H 335 -11.47 58.49 -31.33
N ALA H 336 -12.71 58.95 -31.19
CA ALA H 336 -13.31 59.85 -32.18
C ALA H 336 -12.75 61.27 -32.07
#